data_2EPA
#
_entry.id   2EPA
#
loop_
_entity.id
_entity.type
_entity.pdbx_description
1 polymer 'Krueppel-like factor 10'
2 non-polymer 'ZINC ION'
#
_entity_poly.entity_id   1
_entity_poly.type   'polypeptide(L)'
_entity_poly.pdbx_seq_one_letter_code
;GSSGSSGPQIDSSRIRSHICSHPGCGKTYFKSSHLKAHTRTHTGEKPFSCSWKGCERRFARSDELSRHRRTH
;
_entity_poly.pdbx_strand_id   A
#
# COMPACT_ATOMS: atom_id res chain seq x y z
N GLY A 1 16.35 -6.10 -25.43
CA GLY A 1 16.87 -6.12 -24.07
C GLY A 1 15.79 -6.38 -23.03
N SER A 2 16.20 -6.54 -21.79
CA SER A 2 15.26 -6.81 -20.70
C SER A 2 15.88 -6.49 -19.35
N SER A 3 15.05 -6.43 -18.31
CA SER A 3 15.51 -6.13 -16.97
C SER A 3 14.83 -7.03 -15.94
N GLY A 4 15.24 -6.90 -14.69
CA GLY A 4 14.66 -7.70 -13.62
C GLY A 4 13.86 -6.88 -12.64
N SER A 5 12.55 -6.87 -12.81
CA SER A 5 11.66 -6.11 -11.93
C SER A 5 10.82 -7.04 -11.06
N SER A 6 11.19 -8.31 -11.03
CA SER A 6 10.47 -9.30 -10.25
C SER A 6 10.06 -8.74 -8.89
N GLY A 7 11.05 -8.33 -8.10
CA GLY A 7 10.77 -7.77 -6.79
C GLY A 7 10.57 -8.84 -5.73
N PRO A 8 10.02 -8.44 -4.58
CA PRO A 8 9.77 -9.35 -3.47
C PRO A 8 8.66 -10.36 -3.77
N GLN A 9 8.75 -11.54 -3.18
CA GLN A 9 7.75 -12.58 -3.39
C GLN A 9 6.80 -12.68 -2.19
N ILE A 10 6.80 -11.64 -1.36
CA ILE A 10 5.94 -11.62 -0.18
C ILE A 10 4.50 -11.35 -0.57
N ASP A 11 3.62 -12.31 -0.28
CA ASP A 11 2.21 -12.19 -0.60
C ASP A 11 1.36 -13.05 0.34
N SER A 12 0.09 -12.69 0.48
CA SER A 12 -0.82 -13.43 1.35
C SER A 12 -2.11 -13.80 0.61
N SER A 13 -2.43 -15.09 0.60
CA SER A 13 -3.62 -15.57 -0.07
C SER A 13 -4.88 -14.97 0.54
N ARG A 14 -5.54 -14.10 -0.20
CA ARG A 14 -6.76 -13.46 0.27
C ARG A 14 -7.55 -12.85 -0.88
N ILE A 15 -8.83 -12.58 -0.65
CA ILE A 15 -9.70 -12.00 -1.67
C ILE A 15 -9.35 -10.54 -1.90
N ARG A 16 -9.25 -10.15 -3.17
CA ARG A 16 -8.94 -8.77 -3.53
C ARG A 16 -9.54 -8.42 -4.89
N SER A 17 -10.54 -7.55 -4.88
CA SER A 17 -11.20 -7.13 -6.10
C SER A 17 -10.65 -5.79 -6.59
N HIS A 18 -10.91 -4.73 -5.82
CA HIS A 18 -10.45 -3.39 -6.17
C HIS A 18 -8.95 -3.41 -6.44
N ILE A 19 -8.57 -3.25 -7.70
CA ILE A 19 -7.18 -3.24 -8.10
C ILE A 19 -6.62 -1.82 -8.09
N CYS A 20 -5.35 -1.68 -7.70
CA CYS A 20 -4.70 -0.38 -7.64
C CYS A 20 -4.46 0.16 -9.05
N SER A 21 -4.99 1.35 -9.32
CA SER A 21 -4.83 1.97 -10.62
C SER A 21 -3.36 2.22 -10.94
N HIS A 22 -2.63 2.72 -9.95
CA HIS A 22 -1.21 3.00 -10.11
C HIS A 22 -0.47 1.77 -10.63
N PRO A 23 0.32 1.96 -11.70
CA PRO A 23 1.09 0.88 -12.32
C PRO A 23 2.24 0.42 -11.43
N GLY A 24 2.71 -0.80 -11.68
CA GLY A 24 3.81 -1.34 -10.90
C GLY A 24 3.37 -1.81 -9.53
N CYS A 25 2.66 -0.94 -8.81
CA CYS A 25 2.18 -1.27 -7.47
C CYS A 25 1.72 -2.71 -7.40
N GLY A 26 0.72 -3.05 -8.22
CA GLY A 26 0.21 -4.41 -8.23
C GLY A 26 -0.37 -4.82 -6.89
N LYS A 27 -1.24 -3.99 -6.33
CA LYS A 27 -1.85 -4.27 -5.04
C LYS A 27 -3.37 -4.18 -5.12
N THR A 28 -4.04 -5.28 -4.80
CA THR A 28 -5.50 -5.33 -4.83
C THR A 28 -6.08 -5.60 -3.45
N TYR A 29 -7.31 -5.15 -3.23
CA TYR A 29 -7.99 -5.34 -1.95
C TYR A 29 -9.44 -5.77 -2.15
N PHE A 30 -9.98 -6.49 -1.18
CA PHE A 30 -11.36 -6.95 -1.25
C PHE A 30 -12.33 -5.84 -0.89
N LYS A 31 -12.13 -5.21 0.26
CA LYS A 31 -12.98 -4.13 0.71
C LYS A 31 -12.94 -2.96 -0.27
N SER A 32 -13.98 -2.85 -1.09
CA SER A 32 -14.07 -1.78 -2.08
C SER A 32 -13.56 -0.46 -1.49
N SER A 33 -13.69 -0.32 -0.18
CA SER A 33 -13.26 0.89 0.50
C SER A 33 -11.74 0.91 0.67
N HIS A 34 -11.18 -0.20 1.16
CA HIS A 34 -9.75 -0.31 1.37
C HIS A 34 -8.98 0.48 0.31
N LEU A 35 -9.22 0.15 -0.96
CA LEU A 35 -8.55 0.83 -2.07
C LEU A 35 -8.42 2.33 -1.79
N LYS A 36 -9.55 2.99 -1.57
CA LYS A 36 -9.56 4.42 -1.28
C LYS A 36 -8.55 4.77 -0.20
N ALA A 37 -8.50 3.95 0.85
CA ALA A 37 -7.57 4.17 1.94
C ALA A 37 -6.12 3.92 1.50
N HIS A 38 -5.95 3.00 0.56
CA HIS A 38 -4.62 2.67 0.05
C HIS A 38 -4.04 3.83 -0.74
N THR A 39 -4.76 4.26 -1.77
CA THR A 39 -4.31 5.37 -2.60
C THR A 39 -3.66 6.46 -1.76
N ARG A 40 -4.10 6.59 -0.52
CA ARG A 40 -3.56 7.60 0.38
C ARG A 40 -2.04 7.53 0.43
N THR A 41 -1.51 6.31 0.57
CA THR A 41 -0.07 6.11 0.62
C THR A 41 0.61 6.63 -0.63
N HIS A 42 -0.11 6.60 -1.75
CA HIS A 42 0.42 7.07 -3.03
C HIS A 42 0.47 8.59 -3.07
N THR A 43 -0.64 9.22 -2.70
CA THR A 43 -0.73 10.68 -2.69
C THR A 43 -0.22 11.26 -1.37
N GLY A 44 0.77 12.15 -1.47
CA GLY A 44 1.32 12.76 -0.27
C GLY A 44 2.68 12.19 0.09
N GLU A 45 3.30 12.75 1.12
CA GLU A 45 4.61 12.29 1.57
C GLU A 45 4.48 11.10 2.51
N LYS A 46 3.71 11.27 3.58
CA LYS A 46 3.50 10.21 4.55
C LYS A 46 2.02 10.08 4.90
N PRO A 47 1.45 8.89 4.65
CA PRO A 47 0.05 8.61 4.93
C PRO A 47 -0.24 8.54 6.42
N PHE A 48 0.69 7.97 7.17
CA PHE A 48 0.53 7.84 8.63
C PHE A 48 1.14 9.04 9.34
N SER A 49 0.52 9.43 10.45
CA SER A 49 0.99 10.57 11.23
C SER A 49 0.59 10.43 12.70
N CYS A 50 1.58 10.48 13.58
CA CYS A 50 1.33 10.37 15.01
C CYS A 50 0.21 11.30 15.45
N SER A 51 0.46 12.60 15.30
CA SER A 51 -0.53 13.61 15.68
C SER A 51 -0.86 13.50 17.17
N TRP A 52 0.17 13.41 18.00
CA TRP A 52 -0.02 13.30 19.44
C TRP A 52 -0.04 14.67 20.10
N LYS A 53 -0.34 14.70 21.40
CA LYS A 53 -0.40 15.95 22.13
C LYS A 53 0.63 16.95 21.61
N GLY A 54 1.91 16.65 21.85
CA GLY A 54 2.97 17.53 21.38
C GLY A 54 4.09 16.78 20.72
N CYS A 55 3.74 15.85 19.83
CA CYS A 55 4.73 15.05 19.12
C CYS A 55 4.99 15.62 17.72
N GLU A 56 3.96 15.60 16.88
CA GLU A 56 4.10 16.12 15.52
C GLU A 56 5.12 15.32 14.73
N ARG A 57 5.11 14.00 14.90
CA ARG A 57 6.04 13.13 14.20
C ARG A 57 5.30 12.15 13.30
N ARG A 58 5.52 12.26 12.00
CA ARG A 58 4.85 11.39 11.03
C ARG A 58 5.81 10.28 10.57
N PHE A 59 5.28 9.34 9.79
CA PHE A 59 6.07 8.23 9.30
C PHE A 59 5.50 7.69 7.99
N ALA A 60 6.35 7.06 7.19
CA ALA A 60 5.94 6.51 5.91
C ALA A 60 5.50 5.05 6.05
N ARG A 61 6.27 4.29 6.84
CA ARG A 61 5.97 2.88 7.06
C ARG A 61 5.09 2.70 8.29
N SER A 62 4.22 1.69 8.25
CA SER A 62 3.31 1.42 9.35
C SER A 62 4.09 0.99 10.60
N ASP A 63 4.75 -0.16 10.50
CA ASP A 63 5.53 -0.69 11.62
C ASP A 63 6.27 0.43 12.34
N GLU A 64 6.86 1.34 11.56
CA GLU A 64 7.60 2.46 12.13
C GLU A 64 6.75 3.22 13.15
N LEU A 65 5.51 3.50 12.79
CA LEU A 65 4.59 4.22 13.68
C LEU A 65 4.35 3.42 14.96
N SER A 66 3.81 2.22 14.81
CA SER A 66 3.53 1.36 15.95
C SER A 66 4.74 1.26 16.87
N ARG A 67 5.91 1.08 16.26
CA ARG A 67 7.15 0.96 17.03
C ARG A 67 7.48 2.28 17.73
N HIS A 68 6.98 3.38 17.19
CA HIS A 68 7.21 4.69 17.76
C HIS A 68 6.15 5.05 18.79
N ARG A 69 4.95 4.49 18.61
CA ARG A 69 3.85 4.75 19.54
C ARG A 69 3.92 3.81 20.74
N ARG A 70 5.07 3.17 20.91
CA ARG A 70 5.27 2.25 22.03
C ARG A 70 5.88 2.96 23.23
N THR A 71 6.80 3.88 22.96
CA THR A 71 7.47 4.62 24.01
C THR A 71 6.55 5.69 24.59
N HIS A 72 5.62 6.17 23.78
CA HIS A 72 4.67 7.19 24.21
C HIS A 72 3.93 6.75 25.48
N GLY A 1 34.31 -24.87 0.92
CA GLY A 1 32.91 -24.54 1.16
C GLY A 1 32.49 -24.86 2.58
N SER A 2 31.95 -23.87 3.27
CA SER A 2 31.50 -24.05 4.65
C SER A 2 30.05 -24.50 4.69
N SER A 3 29.15 -23.67 4.18
CA SER A 3 27.73 -23.99 4.16
C SER A 3 26.97 -23.01 3.27
N GLY A 4 25.66 -23.25 3.11
CA GLY A 4 24.85 -22.39 2.27
C GLY A 4 23.54 -22.01 2.95
N SER A 5 22.69 -21.30 2.22
CA SER A 5 21.40 -20.87 2.76
C SER A 5 20.46 -20.48 1.63
N SER A 6 19.20 -20.21 1.98
CA SER A 6 18.19 -19.83 1.00
C SER A 6 17.02 -19.11 1.67
N GLY A 7 16.18 -18.49 0.86
CA GLY A 7 15.02 -17.79 1.39
C GLY A 7 13.72 -18.22 0.74
N PRO A 8 12.75 -18.61 1.57
CA PRO A 8 11.44 -19.07 1.10
C PRO A 8 10.61 -17.92 0.52
N GLN A 9 9.39 -18.23 0.10
CA GLN A 9 8.50 -17.24 -0.48
C GLN A 9 7.18 -17.18 0.28
N ILE A 10 6.69 -15.97 0.54
CA ILE A 10 5.45 -15.78 1.26
C ILE A 10 4.31 -15.47 0.31
N ASP A 11 3.36 -16.40 0.20
CA ASP A 11 2.20 -16.23 -0.68
C ASP A 11 1.25 -15.18 -0.11
N SER A 12 0.75 -15.43 1.10
CA SER A 12 -0.18 -14.52 1.74
C SER A 12 -1.36 -14.20 0.82
N SER A 13 -1.84 -15.22 0.11
CA SER A 13 -2.96 -15.06 -0.81
C SER A 13 -4.24 -14.72 -0.05
N ARG A 14 -4.90 -13.63 -0.46
CA ARG A 14 -6.13 -13.21 0.19
C ARG A 14 -7.07 -12.57 -0.82
N ILE A 15 -8.35 -12.48 -0.47
CA ILE A 15 -9.35 -11.88 -1.34
C ILE A 15 -9.04 -10.41 -1.61
N ARG A 16 -9.06 -10.03 -2.88
CA ARG A 16 -8.78 -8.65 -3.28
C ARG A 16 -9.38 -8.35 -4.65
N SER A 17 -10.40 -7.51 -4.67
CA SER A 17 -11.06 -7.15 -5.92
C SER A 17 -10.54 -5.80 -6.43
N HIS A 18 -10.86 -4.73 -5.70
CA HIS A 18 -10.42 -3.40 -6.08
C HIS A 18 -8.91 -3.36 -6.32
N ILE A 19 -8.53 -3.21 -7.59
CA ILE A 19 -7.11 -3.16 -7.96
C ILE A 19 -6.62 -1.72 -8.05
N CYS A 20 -5.55 -1.42 -7.33
CA CYS A 20 -4.98 -0.08 -7.33
C CYS A 20 -4.72 0.40 -8.76
N SER A 21 -5.55 1.33 -9.21
CA SER A 21 -5.42 1.86 -10.57
C SER A 21 -3.97 2.13 -10.90
N HIS A 22 -3.22 2.68 -9.94
CA HIS A 22 -1.81 2.98 -10.13
C HIS A 22 -1.05 1.74 -10.61
N PRO A 23 -0.39 1.87 -11.77
CA PRO A 23 0.38 0.77 -12.36
C PRO A 23 1.65 0.47 -11.56
N GLY A 24 2.19 -0.73 -11.76
CA GLY A 24 3.39 -1.13 -11.05
C GLY A 24 3.12 -1.50 -9.61
N CYS A 25 2.33 -0.68 -8.92
CA CYS A 25 2.00 -0.92 -7.52
C CYS A 25 1.59 -2.38 -7.31
N GLY A 26 0.74 -2.89 -8.20
CA GLY A 26 0.29 -4.27 -8.09
C GLY A 26 -0.34 -4.56 -6.74
N LYS A 27 -1.28 -3.72 -6.35
CA LYS A 27 -1.98 -3.90 -5.08
C LYS A 27 -3.48 -4.02 -5.28
N THR A 28 -4.14 -4.81 -4.43
CA THR A 28 -5.58 -5.01 -4.53
C THR A 28 -6.18 -5.29 -3.15
N TYR A 29 -7.45 -4.96 -2.99
CA TYR A 29 -8.14 -5.18 -1.73
C TYR A 29 -9.58 -5.64 -1.97
N PHE A 30 -10.09 -6.46 -1.05
CA PHE A 30 -11.45 -6.98 -1.15
C PHE A 30 -12.47 -5.89 -0.80
N LYS A 31 -12.16 -5.09 0.19
CA LYS A 31 -13.04 -4.02 0.63
C LYS A 31 -13.01 -2.84 -0.36
N SER A 32 -14.08 -2.71 -1.14
CA SER A 32 -14.17 -1.65 -2.13
C SER A 32 -13.54 -0.36 -1.60
N SER A 33 -13.58 -0.19 -0.28
CA SER A 33 -13.02 0.99 0.36
C SER A 33 -11.52 0.84 0.57
N HIS A 34 -11.11 -0.32 1.07
CA HIS A 34 -9.70 -0.59 1.31
C HIS A 34 -8.83 0.08 0.26
N LEU A 35 -9.36 0.18 -0.96
CA LEU A 35 -8.62 0.80 -2.06
C LEU A 35 -8.41 2.30 -1.81
N LYS A 36 -9.51 3.02 -1.65
CA LYS A 36 -9.44 4.46 -1.40
C LYS A 36 -8.53 4.77 -0.21
N ALA A 37 -8.53 3.87 0.78
CA ALA A 37 -7.71 4.03 1.97
C ALA A 37 -6.24 3.78 1.65
N HIS A 38 -5.99 2.99 0.61
CA HIS A 38 -4.62 2.66 0.20
C HIS A 38 -4.09 3.70 -0.79
N THR A 39 -4.98 4.22 -1.63
CA THR A 39 -4.60 5.21 -2.62
C THR A 39 -3.75 6.32 -2.01
N ARG A 40 -4.05 6.65 -0.75
CA ARG A 40 -3.32 7.69 -0.04
C ARG A 40 -1.84 7.32 0.09
N THR A 41 -1.58 6.06 0.41
CA THR A 41 -0.22 5.58 0.57
C THR A 41 0.72 6.23 -0.43
N HIS A 42 0.24 6.40 -1.67
CA HIS A 42 1.03 7.02 -2.72
C HIS A 42 1.10 8.53 -2.54
N THR A 43 -0.05 9.14 -2.25
CA THR A 43 -0.13 10.58 -2.06
C THR A 43 -0.47 10.92 -0.61
N GLY A 44 0.49 11.49 0.10
CA GLY A 44 0.27 11.86 1.49
C GLY A 44 1.51 11.69 2.34
N GLU A 45 1.32 11.62 3.65
CA GLU A 45 2.44 11.46 4.58
C GLU A 45 2.70 9.98 4.86
N LYS A 46 3.95 9.68 5.23
CA LYS A 46 4.33 8.30 5.53
C LYS A 46 3.96 7.94 6.97
N PRO A 47 2.98 7.03 7.11
CA PRO A 47 2.51 6.58 8.42
C PRO A 47 3.54 5.71 9.14
N PHE A 48 4.53 5.24 8.39
CA PHE A 48 5.57 4.39 8.95
C PHE A 48 6.91 5.13 8.98
N SER A 49 7.57 5.09 10.13
CA SER A 49 8.86 5.76 10.30
C SER A 49 9.83 4.87 11.06
N CYS A 50 11.11 5.23 11.01
CA CYS A 50 12.15 4.47 11.70
C CYS A 50 11.97 4.56 13.22
N SER A 51 12.54 3.58 13.92
CA SER A 51 12.44 3.54 15.38
C SER A 51 13.68 4.16 16.03
N TRP A 52 14.83 3.93 15.42
CA TRP A 52 16.09 4.47 15.94
C TRP A 52 16.03 5.98 16.06
N LYS A 53 16.46 6.50 17.21
CA LYS A 53 16.45 7.94 17.45
C LYS A 53 17.35 8.66 16.45
N GLY A 54 18.56 8.15 16.27
CA GLY A 54 19.48 8.77 15.34
C GLY A 54 19.19 8.39 13.90
N CYS A 55 17.92 8.39 13.53
CA CYS A 55 17.51 8.05 12.17
C CYS A 55 16.14 8.63 11.86
N GLU A 56 16.12 9.63 10.97
CA GLU A 56 14.87 10.28 10.58
C GLU A 56 14.33 9.67 9.29
N ARG A 57 14.85 8.51 8.92
CA ARG A 57 14.42 7.83 7.70
C ARG A 57 13.03 7.22 7.88
N ARG A 58 12.09 7.67 7.08
CA ARG A 58 10.71 7.17 7.15
C ARG A 58 10.35 6.40 5.88
N PHE A 59 9.16 5.83 5.86
CA PHE A 59 8.69 5.06 4.72
C PHE A 59 7.17 5.02 4.67
N ALA A 60 6.61 4.94 3.47
CA ALA A 60 5.17 4.90 3.28
C ALA A 60 4.63 3.49 3.49
N ARG A 61 5.35 2.51 2.97
CA ARG A 61 4.95 1.11 3.09
C ARG A 61 5.60 0.46 4.31
N SER A 62 4.91 -0.51 4.89
CA SER A 62 5.42 -1.22 6.06
C SER A 62 6.71 -1.95 5.74
N ASP A 63 6.65 -2.84 4.74
CA ASP A 63 7.82 -3.61 4.34
C ASP A 63 9.07 -2.75 4.33
N GLU A 64 9.02 -1.64 3.60
CA GLU A 64 10.15 -0.72 3.51
C GLU A 64 10.85 -0.59 4.86
N LEU A 65 10.09 -0.16 5.87
CA LEU A 65 10.63 0.03 7.21
C LEU A 65 11.24 -1.27 7.72
N SER A 66 10.48 -2.36 7.62
CA SER A 66 10.94 -3.66 8.07
C SER A 66 12.33 -3.97 7.52
N ARG A 67 12.47 -3.91 6.21
CA ARG A 67 13.75 -4.18 5.55
C ARG A 67 14.81 -3.19 6.02
N HIS A 68 14.41 -1.94 6.23
CA HIS A 68 15.33 -0.90 6.68
C HIS A 68 15.89 -1.22 8.06
N ARG A 69 15.00 -1.34 9.05
CA ARG A 69 15.42 -1.65 10.41
C ARG A 69 16.59 -2.62 10.41
N ARG A 70 16.55 -3.59 9.50
CA ARG A 70 17.62 -4.58 9.41
C ARG A 70 19.00 -3.92 9.49
N THR A 71 19.18 -2.85 8.72
CA THR A 71 20.45 -2.13 8.71
C THR A 71 20.89 -1.77 10.11
N HIS A 72 19.92 -1.53 11.00
CA HIS A 72 20.21 -1.17 12.37
C HIS A 72 20.61 -2.41 13.19
N GLY A 1 33.41 -32.57 8.77
CA GLY A 1 32.68 -31.81 7.75
C GLY A 1 31.30 -31.40 8.23
N SER A 2 30.71 -30.43 7.53
CA SER A 2 29.39 -29.94 7.89
C SER A 2 28.67 -29.38 6.66
N SER A 3 27.34 -29.38 6.70
CA SER A 3 26.55 -28.88 5.59
C SER A 3 25.17 -28.42 6.08
N GLY A 4 24.46 -27.71 5.22
CA GLY A 4 23.13 -27.23 5.57
C GLY A 4 22.28 -26.93 4.36
N SER A 5 20.98 -26.77 4.57
CA SER A 5 20.05 -26.47 3.49
C SER A 5 18.70 -25.99 4.03
N SER A 6 17.88 -25.44 3.16
CA SER A 6 16.57 -24.93 3.54
C SER A 6 15.56 -25.09 2.41
N GLY A 7 14.28 -25.04 2.75
CA GLY A 7 13.24 -25.19 1.75
C GLY A 7 12.17 -24.11 1.86
N PRO A 8 11.53 -23.79 0.74
CA PRO A 8 10.48 -22.78 0.69
C PRO A 8 9.21 -23.22 1.40
N GLN A 9 8.24 -22.31 1.50
CA GLN A 9 6.97 -22.61 2.17
C GLN A 9 5.80 -22.41 1.22
N ILE A 10 4.66 -23.03 1.54
CA ILE A 10 3.47 -22.91 0.71
C ILE A 10 2.89 -21.50 0.80
N ASP A 11 2.52 -20.95 -0.36
CA ASP A 11 1.94 -19.62 -0.42
C ASP A 11 0.43 -19.69 -0.58
N SER A 12 -0.26 -18.63 -0.17
CA SER A 12 -1.71 -18.57 -0.27
C SER A 12 -2.17 -17.21 -0.79
N SER A 13 -3.39 -17.16 -1.31
CA SER A 13 -3.95 -15.93 -1.86
C SER A 13 -5.06 -15.39 -0.96
N ARG A 14 -5.43 -14.14 -1.18
CA ARG A 14 -6.47 -13.51 -0.39
C ARG A 14 -7.46 -12.74 -1.29
N ILE A 15 -8.64 -12.48 -0.77
CA ILE A 15 -9.66 -11.76 -1.52
C ILE A 15 -9.21 -10.34 -1.83
N ARG A 16 -9.27 -9.98 -3.11
CA ARG A 16 -8.86 -8.64 -3.53
C ARG A 16 -9.50 -8.28 -4.87
N SER A 17 -10.52 -7.43 -4.83
CA SER A 17 -11.21 -7.01 -6.05
C SER A 17 -10.69 -5.67 -6.53
N HIS A 18 -10.94 -4.62 -5.74
CA HIS A 18 -10.49 -3.28 -6.09
C HIS A 18 -9.00 -3.26 -6.40
N ILE A 19 -8.67 -3.17 -7.68
CA ILE A 19 -7.28 -3.14 -8.11
C ILE A 19 -6.72 -1.72 -8.06
N CYS A 20 -5.53 -1.59 -7.48
CA CYS A 20 -4.88 -0.28 -7.36
C CYS A 20 -4.59 0.30 -8.75
N SER A 21 -4.97 1.57 -8.94
CA SER A 21 -4.75 2.24 -10.21
C SER A 21 -3.28 2.21 -10.60
N HIS A 22 -2.41 2.60 -9.66
CA HIS A 22 -0.98 2.61 -9.91
C HIS A 22 -0.48 1.22 -10.28
N PRO A 23 0.11 1.11 -11.49
CA PRO A 23 0.65 -0.16 -11.99
C PRO A 23 1.90 -0.60 -11.22
N GLY A 24 2.86 0.30 -11.10
CA GLY A 24 4.09 -0.01 -10.40
C GLY A 24 3.83 -0.66 -9.05
N CYS A 25 2.77 -0.22 -8.38
CA CYS A 25 2.42 -0.75 -7.07
C CYS A 25 1.92 -2.19 -7.19
N GLY A 26 0.83 -2.38 -7.94
CA GLY A 26 0.27 -3.70 -8.11
C GLY A 26 -0.35 -4.24 -6.84
N LYS A 27 -1.29 -3.48 -6.27
CA LYS A 27 -1.96 -3.89 -5.04
C LYS A 27 -3.46 -4.04 -5.27
N THR A 28 -4.11 -4.79 -4.39
CA THR A 28 -5.55 -5.02 -4.49
C THR A 28 -6.15 -5.41 -3.15
N TYR A 29 -7.34 -4.92 -2.88
CA TYR A 29 -8.02 -5.22 -1.62
C TYR A 29 -9.48 -5.60 -1.86
N PHE A 30 -10.04 -6.38 -0.95
CA PHE A 30 -11.43 -6.81 -1.06
C PHE A 30 -12.39 -5.66 -0.77
N LYS A 31 -12.25 -5.08 0.43
CA LYS A 31 -13.10 -3.97 0.83
C LYS A 31 -13.03 -2.82 -0.19
N SER A 32 -14.09 -2.66 -0.96
CA SER A 32 -14.14 -1.61 -1.97
C SER A 32 -13.55 -0.30 -1.43
N SER A 33 -13.73 -0.09 -0.13
CA SER A 33 -13.22 1.12 0.51
C SER A 33 -11.72 1.03 0.72
N HIS A 34 -11.27 -0.09 1.28
CA HIS A 34 -9.84 -0.30 1.54
C HIS A 34 -9.00 0.38 0.47
N LEU A 35 -9.19 -0.02 -0.78
CA LEU A 35 -8.43 0.54 -1.90
C LEU A 35 -8.30 2.05 -1.75
N LYS A 36 -9.44 2.74 -1.78
CA LYS A 36 -9.46 4.20 -1.65
C LYS A 36 -8.53 4.65 -0.52
N ALA A 37 -8.54 3.90 0.58
CA ALA A 37 -7.71 4.23 1.73
C ALA A 37 -6.24 3.93 1.44
N HIS A 38 -6.00 2.86 0.69
CA HIS A 38 -4.63 2.46 0.34
C HIS A 38 -3.99 3.49 -0.58
N THR A 39 -4.57 3.67 -1.77
CA THR A 39 -4.06 4.61 -2.74
C THR A 39 -3.42 5.82 -2.05
N ARG A 40 -4.05 6.28 -0.97
CA ARG A 40 -3.54 7.43 -0.23
C ARG A 40 -2.04 7.31 -0.02
N THR A 41 -1.59 6.16 0.48
CA THR A 41 -0.17 5.93 0.73
C THR A 41 0.68 6.48 -0.41
N HIS A 42 0.16 6.40 -1.63
CA HIS A 42 0.87 6.88 -2.81
C HIS A 42 0.91 8.40 -2.83
N THR A 43 -0.26 9.02 -2.75
CA THR A 43 -0.37 10.47 -2.77
C THR A 43 -0.03 11.06 -1.41
N GLY A 44 1.14 11.69 -1.32
CA GLY A 44 1.56 12.29 -0.06
C GLY A 44 3.04 12.59 -0.03
N GLU A 45 3.44 13.49 0.85
CA GLU A 45 4.85 13.88 0.97
C GLU A 45 5.75 12.65 0.86
N LYS A 46 5.42 11.60 1.60
CA LYS A 46 6.19 10.37 1.58
C LYS A 46 5.45 9.26 0.84
N PRO A 47 5.86 9.01 -0.41
CA PRO A 47 5.24 7.98 -1.25
C PRO A 47 5.55 6.57 -0.76
N PHE A 48 6.78 6.37 -0.30
CA PHE A 48 7.21 5.06 0.19
C PHE A 48 6.43 4.67 1.44
N SER A 49 6.30 3.37 1.66
CA SER A 49 5.57 2.86 2.82
C SER A 49 6.01 1.45 3.16
N CYS A 50 6.09 1.15 4.46
CA CYS A 50 6.49 -0.17 4.91
C CYS A 50 5.32 -0.91 5.53
N SER A 51 4.86 -1.97 4.86
CA SER A 51 3.74 -2.77 5.35
C SER A 51 4.23 -4.09 5.93
N TRP A 52 4.28 -4.17 7.25
CA TRP A 52 4.73 -5.38 7.94
C TRP A 52 3.62 -5.95 8.81
N LYS A 53 2.38 -5.52 8.54
CA LYS A 53 1.23 -6.00 9.30
C LYS A 53 1.31 -5.54 10.76
N GLY A 54 1.73 -4.29 10.95
CA GLY A 54 1.84 -3.75 12.30
C GLY A 54 2.72 -2.52 12.36
N CYS A 55 3.73 -2.49 11.50
CA CYS A 55 4.66 -1.35 11.46
C CYS A 55 3.99 -0.13 10.84
N GLU A 56 3.67 -0.23 9.55
CA GLU A 56 3.02 0.87 8.84
C GLU A 56 3.85 2.15 8.95
N ARG A 57 5.16 2.03 8.76
CA ARG A 57 6.05 3.18 8.85
C ARG A 57 6.57 3.58 7.47
N ARG A 58 6.13 4.74 6.99
CA ARG A 58 6.56 5.22 5.69
C ARG A 58 7.74 6.18 5.82
N PHE A 59 8.40 6.47 4.71
CA PHE A 59 9.54 7.38 4.70
C PHE A 59 9.75 7.99 3.31
N ALA A 60 9.46 9.27 3.19
CA ALA A 60 9.62 9.97 1.92
C ALA A 60 10.98 9.70 1.31
N ARG A 61 12.01 9.71 2.15
CA ARG A 61 13.37 9.47 1.69
C ARG A 61 13.64 7.97 1.52
N SER A 62 13.69 7.52 0.27
CA SER A 62 13.92 6.12 -0.02
C SER A 62 14.94 5.53 0.94
N ASP A 63 16.06 6.22 1.11
CA ASP A 63 17.12 5.78 2.00
C ASP A 63 16.57 5.46 3.39
N GLU A 64 15.84 6.41 3.96
CA GLU A 64 15.26 6.24 5.29
C GLU A 64 14.54 4.89 5.39
N LEU A 65 13.67 4.61 4.42
CA LEU A 65 12.92 3.37 4.40
C LEU A 65 13.86 2.17 4.29
N SER A 66 14.86 2.28 3.43
CA SER A 66 15.82 1.21 3.22
C SER A 66 16.56 0.89 4.52
N ARG A 67 17.00 1.94 5.22
CA ARG A 67 17.72 1.78 6.48
C ARG A 67 16.75 1.54 7.63
N HIS A 68 15.50 1.25 7.29
CA HIS A 68 14.48 1.00 8.30
C HIS A 68 13.94 -0.42 8.19
N ARG A 69 13.90 -0.94 6.96
CA ARG A 69 13.41 -2.29 6.71
C ARG A 69 14.40 -3.33 7.23
N ARG A 70 15.65 -2.91 7.41
CA ARG A 70 16.69 -3.81 7.88
C ARG A 70 16.64 -3.94 9.40
N THR A 71 15.53 -3.52 9.99
CA THR A 71 15.36 -3.59 11.43
C THR A 71 14.38 -4.68 11.83
N HIS A 72 13.35 -4.88 10.99
CA HIS A 72 12.35 -5.89 11.25
C HIS A 72 12.98 -7.29 11.26
N GLY A 1 -28.64 -39.88 22.95
CA GLY A 1 -28.29 -39.03 21.82
C GLY A 1 -29.45 -38.16 21.37
N SER A 2 -29.43 -36.89 21.80
CA SER A 2 -30.49 -35.95 21.45
C SER A 2 -30.23 -35.34 20.08
N SER A 3 -29.13 -34.62 19.95
CA SER A 3 -28.76 -33.98 18.69
C SER A 3 -27.29 -33.58 18.68
N GLY A 4 -26.76 -33.31 17.50
CA GLY A 4 -25.37 -32.92 17.38
C GLY A 4 -24.95 -32.70 15.93
N SER A 5 -24.62 -31.46 15.60
CA SER A 5 -24.20 -31.12 14.24
C SER A 5 -23.23 -29.94 14.25
N SER A 6 -22.37 -29.89 13.24
CA SER A 6 -21.39 -28.81 13.13
C SER A 6 -20.81 -28.74 11.71
N GLY A 7 -20.10 -27.66 11.43
CA GLY A 7 -19.51 -27.50 10.11
C GLY A 7 -19.14 -26.05 9.82
N PRO A 8 -17.87 -25.81 9.51
CA PRO A 8 -17.37 -24.47 9.20
C PRO A 8 -17.90 -23.94 7.86
N GLN A 9 -18.81 -22.98 7.94
CA GLN A 9 -19.40 -22.39 6.74
C GLN A 9 -19.08 -20.91 6.65
N ILE A 10 -18.09 -20.47 7.41
CA ILE A 10 -17.67 -19.07 7.42
C ILE A 10 -16.70 -18.79 6.28
N ASP A 11 -16.35 -17.52 6.12
CA ASP A 11 -15.42 -17.11 5.07
C ASP A 11 -14.00 -17.55 5.41
N SER A 12 -13.25 -17.93 4.38
CA SER A 12 -11.88 -18.38 4.57
C SER A 12 -10.91 -17.20 4.51
N SER A 13 -10.95 -16.45 3.42
CA SER A 13 -10.07 -15.30 3.25
C SER A 13 -10.79 -14.18 2.50
N ARG A 14 -10.23 -12.98 2.57
CA ARG A 14 -10.82 -11.82 1.91
C ARG A 14 -10.21 -11.64 0.52
N ILE A 15 -10.96 -12.03 -0.51
CA ILE A 15 -10.50 -11.91 -1.88
C ILE A 15 -10.35 -10.44 -2.28
N ARG A 16 -9.18 -10.10 -2.83
CA ARG A 16 -8.90 -8.74 -3.26
C ARG A 16 -9.52 -8.45 -4.62
N SER A 17 -10.53 -7.58 -4.63
CA SER A 17 -11.21 -7.23 -5.87
C SER A 17 -10.66 -5.93 -6.45
N HIS A 18 -10.95 -4.82 -5.77
CA HIS A 18 -10.48 -3.51 -6.21
C HIS A 18 -8.97 -3.52 -6.44
N ILE A 19 -8.56 -3.40 -7.69
CA ILE A 19 -7.14 -3.40 -8.03
C ILE A 19 -6.61 -1.97 -8.15
N CYS A 20 -5.46 -1.71 -7.53
CA CYS A 20 -4.85 -0.39 -7.56
C CYS A 20 -4.56 0.03 -9.00
N SER A 21 -5.22 1.10 -9.44
CA SER A 21 -5.04 1.60 -10.79
C SER A 21 -3.57 1.56 -11.20
N HIS A 22 -2.70 2.06 -10.33
CA HIS A 22 -1.27 2.07 -10.60
C HIS A 22 -0.74 0.66 -10.80
N PRO A 23 -0.17 0.41 -11.99
CA PRO A 23 0.38 -0.91 -12.34
C PRO A 23 1.65 -1.23 -11.55
N GLY A 24 2.60 -0.29 -11.57
CA GLY A 24 3.84 -0.50 -10.86
C GLY A 24 3.63 -0.96 -9.43
N CYS A 25 2.55 -0.50 -8.81
CA CYS A 25 2.23 -0.86 -7.43
C CYS A 25 1.81 -2.33 -7.35
N GLY A 26 0.85 -2.71 -8.18
CA GLY A 26 0.38 -4.09 -8.18
C GLY A 26 -0.25 -4.49 -6.86
N LYS A 27 -1.26 -3.74 -6.44
CA LYS A 27 -1.95 -4.02 -5.18
C LYS A 27 -3.43 -4.24 -5.42
N THR A 28 -4.08 -4.97 -4.50
CA THR A 28 -5.50 -5.24 -4.61
C THR A 28 -6.13 -5.41 -3.23
N TYR A 29 -7.39 -5.01 -3.11
CA TYR A 29 -8.11 -5.12 -1.84
C TYR A 29 -9.51 -5.69 -2.06
N PHE A 30 -10.10 -6.19 -0.99
CA PHE A 30 -11.44 -6.76 -1.05
C PHE A 30 -12.51 -5.70 -0.78
N LYS A 31 -12.32 -4.94 0.29
CA LYS A 31 -13.26 -3.89 0.66
C LYS A 31 -13.18 -2.73 -0.32
N SER A 32 -14.17 -2.63 -1.21
CA SER A 32 -14.21 -1.56 -2.20
C SER A 32 -13.65 -0.26 -1.62
N SER A 33 -13.84 -0.08 -0.32
CA SER A 33 -13.36 1.12 0.35
C SER A 33 -11.85 1.07 0.56
N HIS A 34 -11.37 -0.08 1.05
CA HIS A 34 -9.94 -0.26 1.30
C HIS A 34 -9.11 0.52 0.29
N LEU A 35 -9.28 0.20 -0.99
CA LEU A 35 -8.55 0.88 -2.05
C LEU A 35 -8.41 2.36 -1.76
N LYS A 36 -9.51 3.00 -1.40
CA LYS A 36 -9.52 4.42 -1.09
C LYS A 36 -8.46 4.74 -0.03
N ALA A 37 -8.41 3.93 1.03
CA ALA A 37 -7.45 4.12 2.10
C ALA A 37 -6.02 3.85 1.62
N HIS A 38 -5.87 2.86 0.76
CA HIS A 38 -4.57 2.50 0.22
C HIS A 38 -4.00 3.63 -0.64
N THR A 39 -4.66 3.90 -1.76
CA THR A 39 -4.23 4.96 -2.67
C THR A 39 -3.61 6.12 -1.91
N ARG A 40 -4.12 6.36 -0.70
CA ARG A 40 -3.61 7.45 0.13
C ARG A 40 -2.09 7.45 0.17
N THR A 41 -1.52 6.28 0.46
CA THR A 41 -0.07 6.13 0.54
C THR A 41 0.60 6.70 -0.70
N HIS A 42 -0.10 6.66 -1.83
CA HIS A 42 0.43 7.17 -3.08
C HIS A 42 0.29 8.68 -3.16
N THR A 43 1.40 9.38 -2.94
CA THR A 43 1.40 10.84 -2.98
C THR A 43 2.79 11.38 -3.30
N GLY A 44 2.98 11.80 -4.55
CA GLY A 44 4.28 12.33 -4.96
C GLY A 44 5.07 11.33 -5.78
N GLU A 45 6.28 11.73 -6.18
CA GLU A 45 7.14 10.86 -6.97
C GLU A 45 8.49 10.66 -6.27
N LYS A 46 9.20 9.62 -6.67
CA LYS A 46 10.50 9.30 -6.09
C LYS A 46 11.49 8.88 -7.17
N PRO A 47 12.39 9.80 -7.55
CA PRO A 47 13.41 9.54 -8.58
C PRO A 47 14.47 8.56 -8.10
N PHE A 48 15.02 8.82 -6.92
CA PHE A 48 16.05 7.97 -6.35
C PHE A 48 15.49 6.59 -6.01
N SER A 49 16.16 5.56 -6.49
CA SER A 49 15.72 4.18 -6.25
C SER A 49 16.90 3.30 -5.87
N CYS A 50 16.72 2.48 -4.83
CA CYS A 50 17.77 1.59 -4.36
C CYS A 50 18.08 0.52 -5.41
N SER A 51 19.25 -0.11 -5.28
CA SER A 51 19.66 -1.14 -6.21
C SER A 51 20.00 -2.43 -5.48
N TRP A 52 19.09 -3.39 -5.51
CA TRP A 52 19.30 -4.68 -4.85
C TRP A 52 18.32 -5.72 -5.39
N LYS A 53 18.46 -6.96 -4.89
CA LYS A 53 17.60 -8.05 -5.32
C LYS A 53 16.41 -8.20 -4.37
N GLY A 54 15.21 -8.00 -4.91
CA GLY A 54 14.00 -8.13 -4.10
C GLY A 54 13.88 -7.01 -3.09
N CYS A 55 14.27 -5.81 -3.49
CA CYS A 55 14.19 -4.65 -2.61
C CYS A 55 12.94 -3.83 -2.89
N GLU A 56 12.90 -3.20 -4.06
CA GLU A 56 11.76 -2.38 -4.45
C GLU A 56 11.51 -1.27 -3.43
N ARG A 57 12.58 -0.61 -3.01
CA ARG A 57 12.48 0.47 -2.04
C ARG A 57 13.14 1.74 -2.57
N ARG A 58 12.31 2.73 -2.90
CA ARG A 58 12.81 4.00 -3.42
C ARG A 58 12.61 5.12 -2.40
N PHE A 59 13.16 6.30 -2.71
CA PHE A 59 13.05 7.44 -1.82
C PHE A 59 13.16 8.74 -2.61
N ALA A 60 12.55 9.80 -2.08
CA ALA A 60 12.58 11.11 -2.73
C ALA A 60 13.94 11.75 -2.60
N ARG A 61 14.51 11.71 -1.40
CA ARG A 61 15.82 12.29 -1.15
C ARG A 61 16.94 11.33 -1.55
N SER A 62 18.18 11.77 -1.43
CA SER A 62 19.32 10.95 -1.79
C SER A 62 19.90 10.25 -0.56
N ASP A 63 20.20 11.03 0.47
CA ASP A 63 20.75 10.50 1.72
C ASP A 63 19.94 9.30 2.19
N GLU A 64 18.63 9.47 2.25
CA GLU A 64 17.74 8.40 2.69
C GLU A 64 18.10 7.08 2.02
N LEU A 65 18.24 7.10 0.70
CA LEU A 65 18.59 5.91 -0.06
C LEU A 65 19.94 5.36 0.38
N SER A 66 20.97 6.19 0.25
CA SER A 66 22.32 5.78 0.62
C SER A 66 22.35 5.20 2.04
N ARG A 67 21.52 5.76 2.91
CA ARG A 67 21.44 5.30 4.29
C ARG A 67 20.74 3.95 4.37
N HIS A 68 19.95 3.63 3.35
CA HIS A 68 19.22 2.36 3.31
C HIS A 68 20.04 1.30 2.59
N ARG A 69 20.30 1.53 1.30
CA ARG A 69 21.06 0.58 0.49
C ARG A 69 22.26 0.05 1.27
N ARG A 70 22.80 0.88 2.16
CA ARG A 70 23.95 0.49 2.96
C ARG A 70 23.57 -0.57 3.98
N THR A 71 22.38 -0.42 4.56
CA THR A 71 21.89 -1.36 5.56
C THR A 71 21.84 -2.78 5.00
N HIS A 72 21.23 -2.93 3.84
CA HIS A 72 21.11 -4.24 3.19
C HIS A 72 21.83 -4.24 1.84
N GLY A 1 18.96 -27.23 -10.89
CA GLY A 1 18.74 -26.52 -9.64
C GLY A 1 20.00 -25.86 -9.10
N SER A 2 20.27 -24.65 -9.57
CA SER A 2 21.45 -23.92 -9.13
C SER A 2 21.15 -23.08 -7.89
N SER A 3 20.01 -22.40 -7.91
CA SER A 3 19.60 -21.56 -6.79
C SER A 3 18.12 -21.76 -6.46
N GLY A 4 17.84 -22.07 -5.20
CA GLY A 4 16.48 -22.29 -4.78
C GLY A 4 15.82 -21.02 -4.27
N SER A 5 14.54 -20.85 -4.60
CA SER A 5 13.79 -19.67 -4.19
C SER A 5 12.46 -20.06 -3.57
N SER A 6 12.28 -19.73 -2.30
CA SER A 6 11.04 -20.06 -1.58
C SER A 6 10.81 -19.08 -0.44
N GLY A 7 9.54 -18.73 -0.22
CA GLY A 7 9.20 -17.81 0.84
C GLY A 7 8.03 -18.30 1.68
N PRO A 8 7.70 -17.53 2.72
CA PRO A 8 6.60 -17.87 3.63
C PRO A 8 5.23 -17.75 2.96
N GLN A 9 4.82 -18.81 2.28
CA GLN A 9 3.53 -18.82 1.58
C GLN A 9 2.39 -18.56 2.56
N ILE A 10 1.19 -18.38 2.02
CA ILE A 10 0.01 -18.12 2.85
C ILE A 10 -0.90 -19.35 2.90
N ASP A 11 -1.62 -19.50 4.01
CA ASP A 11 -2.54 -20.61 4.18
C ASP A 11 -3.96 -20.23 3.76
N SER A 12 -4.56 -19.31 4.51
CA SER A 12 -5.91 -18.84 4.21
C SER A 12 -5.93 -17.95 2.98
N SER A 13 -6.92 -18.16 2.13
CA SER A 13 -7.05 -17.36 0.90
C SER A 13 -7.73 -16.03 1.19
N ARG A 14 -7.57 -15.09 0.28
CA ARG A 14 -8.16 -13.76 0.43
C ARG A 14 -8.67 -13.23 -0.91
N ILE A 15 -9.82 -12.54 -0.88
CA ILE A 15 -10.40 -11.99 -2.09
C ILE A 15 -10.04 -10.52 -2.24
N ARG A 16 -9.81 -10.10 -3.48
CA ARG A 16 -9.45 -8.71 -3.77
C ARG A 16 -10.02 -8.27 -5.11
N SER A 17 -10.92 -7.30 -5.07
CA SER A 17 -11.54 -6.78 -6.28
C SER A 17 -10.85 -5.52 -6.76
N HIS A 18 -11.02 -4.44 -5.99
CA HIS A 18 -10.42 -3.16 -6.33
C HIS A 18 -8.90 -3.31 -6.54
N ILE A 19 -8.48 -3.22 -7.80
CA ILE A 19 -7.07 -3.35 -8.14
C ILE A 19 -6.38 -1.99 -8.17
N CYS A 20 -5.15 -1.94 -7.66
CA CYS A 20 -4.39 -0.70 -7.63
C CYS A 20 -4.01 -0.27 -9.04
N SER A 21 -4.54 0.88 -9.46
CA SER A 21 -4.25 1.40 -10.79
C SER A 21 -2.77 1.27 -11.13
N HIS A 22 -1.92 1.79 -10.25
CA HIS A 22 -0.47 1.72 -10.44
C HIS A 22 -0.03 0.29 -10.69
N PRO A 23 0.65 0.08 -11.82
CA PRO A 23 1.15 -1.25 -12.20
C PRO A 23 2.31 -1.71 -11.32
N GLY A 24 3.31 -0.85 -11.16
CA GLY A 24 4.45 -1.19 -10.33
C GLY A 24 4.04 -1.73 -8.97
N CYS A 25 2.90 -1.27 -8.47
CA CYS A 25 2.40 -1.72 -7.17
C CYS A 25 1.76 -3.09 -7.28
N GLY A 26 0.64 -3.16 -7.99
CA GLY A 26 -0.06 -4.43 -8.16
C GLY A 26 -0.69 -4.91 -6.87
N LYS A 27 -1.47 -4.05 -6.24
CA LYS A 27 -2.14 -4.40 -4.99
C LYS A 27 -3.65 -4.29 -5.12
N THR A 28 -4.36 -5.36 -4.79
CA THR A 28 -5.82 -5.39 -4.88
C THR A 28 -6.44 -5.56 -3.50
N TYR A 29 -7.69 -5.13 -3.37
CA TYR A 29 -8.41 -5.23 -2.11
C TYR A 29 -9.89 -5.52 -2.34
N PHE A 30 -10.50 -6.26 -1.42
CA PHE A 30 -11.91 -6.60 -1.53
C PHE A 30 -12.79 -5.40 -1.17
N LYS A 31 -12.53 -4.83 0.00
CA LYS A 31 -13.30 -3.67 0.48
C LYS A 31 -13.14 -2.49 -0.47
N SER A 32 -14.16 -2.24 -1.28
CA SER A 32 -14.13 -1.13 -2.24
C SER A 32 -13.44 0.08 -1.64
N SER A 33 -13.48 0.20 -0.32
CA SER A 33 -12.85 1.31 0.37
C SER A 33 -11.36 1.07 0.58
N HIS A 34 -11.02 -0.15 1.03
CA HIS A 34 -9.63 -0.51 1.26
C HIS A 34 -8.71 0.13 0.22
N LEU A 35 -9.22 0.26 -1.00
CA LEU A 35 -8.45 0.85 -2.10
C LEU A 35 -8.08 2.30 -1.77
N LYS A 36 -9.09 3.11 -1.47
CA LYS A 36 -8.87 4.51 -1.13
C LYS A 36 -7.90 4.65 0.04
N ALA A 37 -8.02 3.75 1.00
CA ALA A 37 -7.17 3.76 2.18
C ALA A 37 -5.75 3.31 1.84
N HIS A 38 -5.58 2.74 0.64
CA HIS A 38 -4.29 2.26 0.19
C HIS A 38 -3.66 3.24 -0.80
N THR A 39 -4.51 3.97 -1.54
CA THR A 39 -4.05 4.93 -2.51
C THR A 39 -3.75 6.28 -1.86
N ARG A 40 -4.59 6.67 -0.91
CA ARG A 40 -4.41 7.93 -0.21
C ARG A 40 -2.98 8.08 0.29
N THR A 41 -2.29 6.95 0.46
CA THR A 41 -0.92 6.96 0.93
C THR A 41 0.07 7.07 -0.23
N HIS A 42 -0.34 6.55 -1.38
CA HIS A 42 0.50 6.59 -2.58
C HIS A 42 0.89 8.03 -2.92
N THR A 43 -0.09 8.92 -2.89
CA THR A 43 0.16 10.33 -3.19
C THR A 43 1.13 10.95 -2.21
N GLY A 44 0.94 10.67 -0.92
CA GLY A 44 1.81 11.21 0.10
C GLY A 44 3.27 11.04 -0.24
N GLU A 45 4.11 11.91 0.32
CA GLU A 45 5.55 11.84 0.07
C GLU A 45 6.25 10.96 1.10
N LYS A 46 5.93 11.18 2.37
CA LYS A 46 6.53 10.40 3.45
C LYS A 46 5.62 9.23 3.84
N PRO A 47 6.04 8.02 3.47
CA PRO A 47 5.29 6.79 3.77
C PRO A 47 5.32 6.46 5.26
N PHE A 48 6.45 6.69 5.89
CA PHE A 48 6.61 6.40 7.31
C PHE A 48 6.05 7.55 8.16
N SER A 49 5.19 7.21 9.11
CA SER A 49 4.59 8.19 9.99
C SER A 49 4.46 7.67 11.41
N CYS A 50 4.86 8.48 12.37
CA CYS A 50 4.80 8.10 13.78
C CYS A 50 3.40 7.60 14.15
N SER A 51 3.33 6.80 15.20
CA SER A 51 2.06 6.24 15.65
C SER A 51 1.38 7.17 16.67
N TRP A 52 2.18 7.70 17.58
CA TRP A 52 1.67 8.60 18.61
C TRP A 52 0.90 9.75 17.99
N LYS A 53 -0.38 9.86 18.34
CA LYS A 53 -1.24 10.92 17.81
C LYS A 53 -0.66 12.29 18.13
N GLY A 54 -0.65 12.65 19.41
CA GLY A 54 -0.11 13.94 19.82
C GLY A 54 1.10 14.35 19.00
N CYS A 55 1.88 13.37 18.55
CA CYS A 55 3.06 13.63 17.76
C CYS A 55 2.69 14.11 16.36
N GLU A 56 1.96 13.26 15.63
CA GLU A 56 1.54 13.60 14.28
C GLU A 56 2.73 13.96 13.40
N ARG A 57 3.87 13.32 13.68
CA ARG A 57 5.09 13.57 12.93
C ARG A 57 5.44 12.37 12.05
N ARG A 58 5.88 12.64 10.83
CA ARG A 58 6.25 11.57 9.90
C ARG A 58 7.60 11.88 9.25
N PHE A 59 8.12 10.89 8.52
CA PHE A 59 9.41 11.04 7.84
C PHE A 59 9.41 10.31 6.51
N ALA A 60 10.25 10.77 5.58
CA ALA A 60 10.35 10.16 4.27
C ALA A 60 11.17 8.86 4.32
N ARG A 61 12.18 8.84 5.17
CA ARG A 61 13.03 7.67 5.33
C ARG A 61 12.56 6.79 6.47
N SER A 62 12.82 5.49 6.36
CA SER A 62 12.41 4.53 7.38
C SER A 62 13.23 4.71 8.65
N ASP A 63 14.53 4.46 8.55
CA ASP A 63 15.43 4.59 9.70
C ASP A 63 15.05 5.80 10.55
N GLU A 64 15.20 6.99 9.99
CA GLU A 64 14.87 8.21 10.70
C GLU A 64 13.60 8.04 11.53
N LEU A 65 12.55 7.55 10.90
CA LEU A 65 11.27 7.33 11.57
C LEU A 65 11.38 6.22 12.59
N SER A 66 11.56 4.99 12.11
CA SER A 66 11.69 3.83 12.98
C SER A 66 12.51 4.16 14.22
N ARG A 67 13.50 5.03 14.04
CA ARG A 67 14.37 5.43 15.14
C ARG A 67 13.66 6.45 16.04
N HIS A 68 12.92 7.36 15.42
CA HIS A 68 12.20 8.39 16.17
C HIS A 68 11.18 7.76 17.11
N ARG A 69 10.33 6.88 16.56
CA ARG A 69 9.31 6.21 17.35
C ARG A 69 9.83 5.86 18.74
N ARG A 70 11.11 5.49 18.81
CA ARG A 70 11.74 5.13 20.08
C ARG A 70 11.44 6.18 21.14
N THR A 71 11.61 7.45 20.78
CA THR A 71 11.36 8.55 21.71
C THR A 71 10.12 8.30 22.55
N HIS A 72 9.22 7.48 22.02
CA HIS A 72 7.97 7.16 22.71
C HIS A 72 8.07 5.80 23.39
N GLY A 1 -19.64 -35.95 3.92
CA GLY A 1 -19.17 -34.70 4.50
C GLY A 1 -20.25 -33.64 4.51
N SER A 2 -20.41 -32.97 5.65
CA SER A 2 -21.40 -31.92 5.78
C SER A 2 -20.81 -30.68 6.44
N SER A 3 -21.11 -29.51 5.87
CA SER A 3 -20.60 -28.26 6.41
C SER A 3 -19.08 -28.24 6.41
N GLY A 4 -18.48 -28.75 5.33
CA GLY A 4 -17.04 -28.79 5.23
C GLY A 4 -16.46 -27.51 4.64
N SER A 5 -16.77 -26.38 5.26
CA SER A 5 -16.29 -25.09 4.80
C SER A 5 -14.86 -24.84 5.27
N SER A 6 -13.91 -24.87 4.34
CA SER A 6 -12.51 -24.66 4.66
C SER A 6 -11.88 -23.66 3.70
N GLY A 7 -11.18 -22.67 4.26
CA GLY A 7 -10.54 -21.67 3.43
C GLY A 7 -10.18 -20.42 4.21
N PRO A 8 -9.11 -19.73 3.78
CA PRO A 8 -8.65 -18.50 4.44
C PRO A 8 -9.61 -17.33 4.24
N GLN A 9 -10.53 -17.17 5.19
CA GLN A 9 -11.50 -16.09 5.12
C GLN A 9 -11.02 -14.87 5.90
N ILE A 10 -10.45 -15.12 7.08
CA ILE A 10 -9.95 -14.04 7.92
C ILE A 10 -9.02 -13.12 7.14
N ASP A 11 -8.11 -13.72 6.38
CA ASP A 11 -7.15 -12.96 5.59
C ASP A 11 -7.87 -11.97 4.68
N SER A 12 -7.53 -10.69 4.82
CA SER A 12 -8.15 -9.65 4.01
C SER A 12 -7.65 -9.71 2.57
N SER A 13 -6.34 -9.68 2.39
CA SER A 13 -5.73 -9.73 1.07
C SER A 13 -6.55 -10.60 0.13
N ARG A 14 -7.07 -11.70 0.67
CA ARG A 14 -7.88 -12.63 -0.12
C ARG A 14 -9.07 -11.92 -0.75
N ILE A 15 -9.58 -12.48 -1.84
CA ILE A 15 -10.72 -11.89 -2.53
C ILE A 15 -10.48 -10.43 -2.85
N ARG A 16 -9.26 -10.11 -3.29
CA ARG A 16 -8.89 -8.74 -3.63
C ARG A 16 -9.47 -8.35 -4.98
N SER A 17 -10.51 -7.51 -4.95
CA SER A 17 -11.16 -7.06 -6.18
C SER A 17 -10.64 -5.69 -6.59
N HIS A 18 -10.95 -4.68 -5.78
CA HIS A 18 -10.51 -3.32 -6.05
C HIS A 18 -9.01 -3.27 -6.32
N ILE A 19 -8.65 -3.11 -7.58
CA ILE A 19 -7.24 -3.04 -7.96
C ILE A 19 -6.70 -1.62 -7.82
N CYS A 20 -5.39 -1.51 -7.58
CA CYS A 20 -4.75 -0.22 -7.43
C CYS A 20 -4.58 0.47 -8.79
N SER A 21 -4.96 1.74 -8.85
CA SER A 21 -4.86 2.51 -10.08
C SER A 21 -3.40 2.72 -10.46
N HIS A 22 -2.62 3.21 -9.51
CA HIS A 22 -1.19 3.46 -9.74
C HIS A 22 -0.50 2.21 -10.29
N PRO A 23 0.25 2.38 -11.38
CA PRO A 23 0.98 1.28 -12.01
C PRO A 23 2.15 0.78 -11.17
N GLY A 24 2.62 -0.42 -11.46
CA GLY A 24 3.73 -0.99 -10.71
C GLY A 24 3.32 -1.47 -9.34
N CYS A 25 2.60 -0.64 -8.61
CA CYS A 25 2.14 -0.98 -7.27
C CYS A 25 1.66 -2.42 -7.22
N GLY A 26 0.82 -2.80 -8.19
CA GLY A 26 0.29 -4.15 -8.23
C GLY A 26 -0.26 -4.61 -6.90
N LYS A 27 -1.12 -3.79 -6.31
CA LYS A 27 -1.72 -4.10 -5.02
C LYS A 27 -3.24 -4.10 -5.11
N THR A 28 -3.86 -5.23 -4.80
CA THR A 28 -5.31 -5.35 -4.85
C THR A 28 -5.88 -5.62 -3.46
N TYR A 29 -7.12 -5.19 -3.24
CA TYR A 29 -7.79 -5.38 -1.96
C TYR A 29 -9.24 -5.78 -2.16
N PHE A 30 -9.78 -6.52 -1.18
CA PHE A 30 -11.16 -6.98 -1.25
C PHE A 30 -12.12 -5.86 -0.84
N LYS A 31 -11.83 -5.23 0.29
CA LYS A 31 -12.67 -4.15 0.80
C LYS A 31 -12.75 -3.01 -0.20
N SER A 32 -13.86 -2.93 -0.92
CA SER A 32 -14.07 -1.90 -1.92
C SER A 32 -13.58 -0.55 -1.40
N SER A 33 -13.74 -0.32 -0.10
CA SER A 33 -13.32 0.93 0.52
C SER A 33 -11.79 0.96 0.69
N HIS A 34 -11.24 -0.11 1.23
CA HIS A 34 -9.80 -0.21 1.45
C HIS A 34 -9.04 0.55 0.37
N LEU A 35 -9.25 0.16 -0.88
CA LEU A 35 -8.59 0.80 -2.00
C LEU A 35 -8.46 2.30 -1.78
N LYS A 36 -9.60 2.97 -1.64
CA LYS A 36 -9.63 4.40 -1.41
C LYS A 36 -8.61 4.81 -0.36
N ALA A 37 -8.55 4.05 0.73
CA ALA A 37 -7.61 4.33 1.81
C ALA A 37 -6.17 4.07 1.37
N HIS A 38 -5.94 2.93 0.73
CA HIS A 38 -4.61 2.57 0.26
C HIS A 38 -4.05 3.64 -0.67
N THR A 39 -4.84 4.01 -1.69
CA THR A 39 -4.43 5.02 -2.65
C THR A 39 -3.65 6.14 -1.96
N ARG A 40 -4.09 6.51 -0.77
CA ARG A 40 -3.44 7.57 -0.01
C ARG A 40 -1.94 7.30 0.12
N THR A 41 -1.59 6.07 0.48
CA THR A 41 -0.20 5.68 0.64
C THR A 41 0.66 6.24 -0.47
N HIS A 42 0.03 6.55 -1.61
CA HIS A 42 0.74 7.09 -2.75
C HIS A 42 0.94 8.60 -2.60
N THR A 43 0.79 9.09 -1.38
CA THR A 43 0.95 10.51 -1.10
C THR A 43 2.30 11.02 -1.61
N GLY A 44 3.38 10.40 -1.16
CA GLY A 44 4.70 10.81 -1.59
C GLY A 44 5.80 10.27 -0.68
N GLU A 45 6.04 8.96 -0.76
CA GLU A 45 7.07 8.33 0.05
C GLU A 45 8.42 9.01 -0.15
N LYS A 46 8.95 8.91 -1.36
CA LYS A 46 10.24 9.50 -1.69
C LYS A 46 10.05 10.79 -2.49
N PRO A 47 10.28 11.93 -1.83
CA PRO A 47 10.14 13.25 -2.46
C PRO A 47 11.24 13.51 -3.49
N PHE A 48 12.27 12.68 -3.48
CA PHE A 48 13.39 12.81 -4.41
C PHE A 48 13.62 11.52 -5.17
N SER A 49 13.46 11.57 -6.49
CA SER A 49 13.67 10.39 -7.33
C SER A 49 14.54 10.73 -8.53
N CYS A 50 15.56 9.90 -8.76
CA CYS A 50 16.48 10.10 -9.87
C CYS A 50 15.73 10.27 -11.18
N SER A 51 16.18 11.20 -12.01
CA SER A 51 15.54 11.45 -13.30
C SER A 51 16.44 11.03 -14.44
N TRP A 52 17.50 10.28 -14.12
CA TRP A 52 18.44 9.82 -15.13
C TRP A 52 17.81 8.74 -16.00
N LYS A 53 18.04 8.83 -17.31
CA LYS A 53 17.49 7.87 -18.25
C LYS A 53 18.02 6.46 -17.96
N GLY A 54 17.11 5.49 -17.94
CA GLY A 54 17.50 4.12 -17.67
C GLY A 54 17.60 3.83 -16.18
N CYS A 55 18.43 4.60 -15.49
CA CYS A 55 18.61 4.41 -14.05
C CYS A 55 17.29 4.06 -13.37
N GLU A 56 16.38 5.03 -13.33
CA GLU A 56 15.08 4.84 -12.71
C GLU A 56 15.22 4.59 -11.21
N ARG A 57 16.18 5.29 -10.59
CA ARG A 57 16.41 5.15 -9.16
C ARG A 57 15.74 6.28 -8.38
N ARG A 58 15.76 6.17 -7.06
CA ARG A 58 15.14 7.17 -6.20
C ARG A 58 15.63 7.03 -4.77
N PHE A 59 15.35 8.04 -3.95
CA PHE A 59 15.76 8.03 -2.55
C PHE A 59 14.85 8.91 -1.71
N ALA A 60 14.62 8.50 -0.47
CA ALA A 60 13.77 9.25 0.45
C ALA A 60 14.36 10.63 0.74
N ARG A 61 15.65 10.67 1.03
CA ARG A 61 16.33 11.91 1.33
C ARG A 61 16.84 12.58 0.05
N SER A 62 17.22 13.85 0.17
CA SER A 62 17.72 14.60 -0.98
C SER A 62 19.22 14.35 -1.18
N ASP A 63 20.02 14.85 -0.24
CA ASP A 63 21.46 14.68 -0.31
C ASP A 63 21.83 13.34 -0.95
N GLU A 64 21.14 12.28 -0.51
CA GLU A 64 21.40 10.95 -1.03
C GLU A 64 21.16 10.89 -2.54
N LEU A 65 19.98 11.32 -2.96
CA LEU A 65 19.61 11.32 -4.38
C LEU A 65 20.45 12.35 -5.15
N SER A 66 20.38 13.60 -4.70
CA SER A 66 21.12 14.67 -5.35
C SER A 66 22.55 14.24 -5.65
N ARG A 67 23.22 13.67 -4.65
CA ARG A 67 24.59 13.21 -4.81
C ARG A 67 24.67 12.05 -5.80
N HIS A 68 23.64 11.21 -5.82
CA HIS A 68 23.58 10.07 -6.72
C HIS A 68 23.17 10.51 -8.12
N ARG A 69 22.56 11.68 -8.21
CA ARG A 69 22.11 12.21 -9.49
C ARG A 69 23.21 13.02 -10.17
N ARG A 70 24.01 13.71 -9.35
CA ARG A 70 25.10 14.52 -9.87
C ARG A 70 26.26 13.65 -10.35
N THR A 71 26.45 12.51 -9.69
CA THR A 71 27.52 11.58 -10.05
C THR A 71 27.30 11.02 -11.45
N HIS A 72 26.05 11.05 -11.91
CA HIS A 72 25.72 10.54 -13.24
C HIS A 72 26.50 11.28 -14.32
N GLY A 1 -35.96 -36.56 -9.28
CA GLY A 1 -35.17 -36.51 -8.08
C GLY A 1 -33.68 -36.41 -8.36
N SER A 2 -32.91 -37.40 -7.91
CA SER A 2 -31.48 -37.41 -8.11
C SER A 2 -30.81 -36.25 -7.37
N SER A 3 -31.24 -36.02 -6.14
CA SER A 3 -30.69 -34.94 -5.33
C SER A 3 -29.59 -35.45 -4.42
N GLY A 4 -28.95 -34.53 -3.70
CA GLY A 4 -27.87 -34.92 -2.80
C GLY A 4 -27.68 -33.93 -1.67
N SER A 5 -26.48 -33.89 -1.11
CA SER A 5 -26.17 -32.98 -0.01
C SER A 5 -24.68 -32.66 0.02
N SER A 6 -24.35 -31.45 0.47
CA SER A 6 -22.96 -31.01 0.55
C SER A 6 -22.78 -29.96 1.63
N GLY A 7 -21.54 -29.75 2.05
CA GLY A 7 -21.26 -28.76 3.08
C GLY A 7 -20.30 -27.69 2.61
N PRO A 8 -20.78 -26.44 2.56
CA PRO A 8 -19.97 -25.30 2.12
C PRO A 8 -18.88 -24.94 3.12
N GLN A 9 -18.11 -23.90 2.82
CA GLN A 9 -17.03 -23.47 3.68
C GLN A 9 -17.57 -23.05 5.05
N ILE A 10 -16.69 -23.01 6.05
CA ILE A 10 -17.09 -22.63 7.40
C ILE A 10 -17.22 -21.11 7.52
N ASP A 11 -16.55 -20.39 6.63
CA ASP A 11 -16.60 -18.94 6.63
C ASP A 11 -16.45 -18.38 5.22
N SER A 12 -16.66 -17.09 5.08
CA SER A 12 -16.55 -16.43 3.77
C SER A 12 -15.71 -15.16 3.87
N SER A 13 -14.65 -15.10 3.07
CA SER A 13 -13.75 -13.95 3.06
C SER A 13 -13.71 -13.30 1.68
N ARG A 14 -13.99 -12.00 1.63
CA ARG A 14 -13.98 -11.26 0.38
C ARG A 14 -12.60 -11.29 -0.25
N ILE A 15 -12.55 -11.15 -1.57
CA ILE A 15 -11.28 -11.14 -2.30
C ILE A 15 -10.96 -9.76 -2.85
N ARG A 16 -9.68 -9.45 -2.93
CA ARG A 16 -9.24 -8.16 -3.44
C ARG A 16 -9.87 -7.87 -4.81
N SER A 17 -10.75 -6.87 -4.84
CA SER A 17 -11.43 -6.49 -6.08
C SER A 17 -10.74 -5.30 -6.73
N HIS A 18 -10.89 -4.14 -6.13
CA HIS A 18 -10.28 -2.92 -6.65
C HIS A 18 -8.79 -3.11 -6.89
N ILE A 19 -8.42 -3.24 -8.17
CA ILE A 19 -7.03 -3.42 -8.54
C ILE A 19 -6.31 -2.09 -8.72
N CYS A 20 -5.35 -1.82 -7.85
CA CYS A 20 -4.58 -0.58 -7.91
C CYS A 20 -4.02 -0.36 -9.31
N SER A 21 -4.56 0.64 -10.00
CA SER A 21 -4.11 0.95 -11.36
C SER A 21 -2.59 0.89 -11.45
N HIS A 22 -1.92 1.50 -10.48
CA HIS A 22 -0.47 1.53 -10.46
C HIS A 22 0.09 0.11 -10.58
N PRO A 23 0.78 -0.16 -11.72
CA PRO A 23 1.38 -1.46 -11.98
C PRO A 23 2.57 -1.76 -11.07
N GLY A 24 3.51 -0.82 -11.01
CA GLY A 24 4.68 -0.99 -10.17
C GLY A 24 4.33 -1.41 -8.76
N CYS A 25 3.17 -0.96 -8.28
CA CYS A 25 2.71 -1.29 -6.94
C CYS A 25 1.98 -2.62 -6.93
N GLY A 26 1.02 -2.78 -7.83
CA GLY A 26 0.25 -4.00 -7.91
C GLY A 26 -0.34 -4.40 -6.57
N LYS A 27 -1.33 -3.64 -6.13
CA LYS A 27 -2.00 -3.91 -4.85
C LYS A 27 -3.51 -3.84 -5.00
N THR A 28 -4.20 -4.79 -4.37
CA THR A 28 -5.66 -4.84 -4.43
C THR A 28 -6.25 -5.23 -3.08
N TYR A 29 -7.37 -4.60 -2.73
CA TYR A 29 -8.04 -4.87 -1.47
C TYR A 29 -9.47 -5.33 -1.70
N PHE A 30 -9.93 -6.26 -0.86
CA PHE A 30 -11.28 -6.79 -0.96
C PHE A 30 -12.32 -5.72 -0.66
N LYS A 31 -12.16 -5.07 0.50
CA LYS A 31 -13.08 -4.02 0.91
C LYS A 31 -13.10 -2.88 -0.09
N SER A 32 -14.14 -2.83 -0.92
CA SER A 32 -14.25 -1.79 -1.93
C SER A 32 -13.78 -0.44 -1.38
N SER A 33 -13.86 -0.29 -0.06
CA SER A 33 -13.45 0.95 0.59
C SER A 33 -11.94 0.96 0.84
N HIS A 34 -11.43 -0.13 1.41
CA HIS A 34 -10.02 -0.26 1.71
C HIS A 34 -9.18 0.47 0.65
N LEU A 35 -9.33 0.06 -0.60
CA LEU A 35 -8.58 0.67 -1.70
C LEU A 35 -8.36 2.15 -1.44
N LYS A 36 -9.45 2.89 -1.26
CA LYS A 36 -9.37 4.33 -1.01
C LYS A 36 -8.26 4.64 -0.01
N ALA A 37 -8.19 3.85 1.06
CA ALA A 37 -7.17 4.04 2.08
C ALA A 37 -5.78 3.77 1.53
N HIS A 38 -5.67 2.79 0.65
CA HIS A 38 -4.40 2.43 0.05
C HIS A 38 -3.93 3.50 -0.92
N THR A 39 -4.74 3.76 -1.95
CA THR A 39 -4.42 4.76 -2.95
C THR A 39 -3.80 6.00 -2.31
N ARG A 40 -4.23 6.30 -1.08
CA ARG A 40 -3.72 7.46 -0.36
C ARG A 40 -2.23 7.35 -0.14
N THR A 41 -1.77 6.17 0.25
CA THR A 41 -0.35 5.92 0.51
C THR A 41 0.50 6.46 -0.64
N HIS A 42 -0.04 6.39 -1.86
CA HIS A 42 0.69 6.88 -3.03
C HIS A 42 0.79 8.40 -3.02
N THR A 43 -0.36 9.07 -2.98
CA THR A 43 -0.40 10.53 -2.96
C THR A 43 -0.05 11.07 -1.57
N GLY A 44 0.59 12.23 -1.54
CA GLY A 44 0.97 12.84 -0.27
C GLY A 44 0.34 14.21 -0.08
N GLU A 45 0.40 14.72 1.14
CA GLU A 45 -0.17 16.02 1.46
C GLU A 45 0.89 17.11 1.34
N LYS A 46 2.01 16.93 2.03
CA LYS A 46 3.10 17.90 2.00
C LYS A 46 2.65 19.24 2.56
N PRO A 47 1.98 19.20 3.73
CA PRO A 47 1.48 20.42 4.39
C PRO A 47 2.61 21.28 4.95
N PHE A 48 3.81 20.72 5.00
CA PHE A 48 4.97 21.43 5.50
C PHE A 48 5.90 21.82 4.37
N SER A 49 6.86 22.70 4.67
CA SER A 49 7.82 23.17 3.68
C SER A 49 9.04 23.80 4.34
N CYS A 50 10.11 23.98 3.58
CA CYS A 50 11.33 24.57 4.09
C CYS A 50 11.12 26.03 4.48
N SER A 51 12.05 26.59 5.22
CA SER A 51 11.96 27.97 5.67
C SER A 51 12.61 28.91 4.65
N TRP A 52 13.80 28.55 4.20
CA TRP A 52 14.53 29.35 3.23
C TRP A 52 13.69 29.59 1.98
N LYS A 53 13.50 30.86 1.63
CA LYS A 53 12.71 31.22 0.45
C LYS A 53 13.27 30.55 -0.81
N GLY A 54 14.51 30.89 -1.14
CA GLY A 54 15.15 30.32 -2.31
C GLY A 54 14.90 28.83 -2.43
N CYS A 55 15.01 28.11 -1.32
CA CYS A 55 14.80 26.67 -1.32
C CYS A 55 13.32 26.35 -1.48
N GLU A 56 13.01 25.60 -2.55
CA GLU A 56 11.63 25.22 -2.83
C GLU A 56 11.36 23.79 -2.38
N ARG A 57 12.30 23.22 -1.64
CA ARG A 57 12.18 21.85 -1.14
C ARG A 57 11.18 21.79 0.00
N ARG A 58 10.09 21.06 -0.21
CA ARG A 58 9.05 20.90 0.79
C ARG A 58 9.06 19.50 1.39
N PHE A 59 8.30 19.31 2.47
CA PHE A 59 8.22 18.01 3.12
C PHE A 59 6.86 17.80 3.75
N ALA A 60 6.54 16.54 4.07
CA ALA A 60 5.26 16.21 4.68
C ALA A 60 5.39 16.08 6.18
N ARG A 61 6.41 15.37 6.63
CA ARG A 61 6.65 15.16 8.06
C ARG A 61 7.59 16.23 8.61
N SER A 62 7.19 16.83 9.73
CA SER A 62 8.00 17.88 10.36
C SER A 62 9.45 17.44 10.49
N ASP A 63 9.65 16.24 11.03
CA ASP A 63 11.01 15.70 11.21
C ASP A 63 11.82 15.86 9.93
N GLU A 64 11.34 15.29 8.84
CA GLU A 64 12.03 15.38 7.56
C GLU A 64 12.48 16.80 7.27
N LEU A 65 11.59 17.75 7.48
CA LEU A 65 11.88 19.16 7.24
C LEU A 65 12.97 19.65 8.20
N SER A 66 12.78 19.37 9.48
CA SER A 66 13.75 19.78 10.50
C SER A 66 15.15 19.28 10.15
N ARG A 67 15.23 18.04 9.69
CA ARG A 67 16.51 17.43 9.33
C ARG A 67 17.10 18.14 8.11
N HIS A 68 16.35 18.15 7.02
CA HIS A 68 16.81 18.79 5.78
C HIS A 68 17.44 20.14 6.08
N ARG A 69 16.72 21.00 6.79
CA ARG A 69 17.21 22.32 7.13
C ARG A 69 18.71 22.30 7.38
N ARG A 70 19.18 21.25 8.04
CA ARG A 70 20.60 21.11 8.34
C ARG A 70 21.45 21.46 7.11
N THR A 71 21.14 20.84 5.98
CA THR A 71 21.88 21.09 4.75
C THR A 71 22.20 22.57 4.59
N HIS A 72 21.29 23.42 5.07
CA HIS A 72 21.48 24.86 4.98
C HIS A 72 22.50 25.35 6.01
N GLY A 1 18.52 -17.51 -18.78
CA GLY A 1 17.49 -16.89 -17.98
C GLY A 1 16.98 -17.81 -16.89
N SER A 2 16.09 -17.28 -16.06
CA SER A 2 15.52 -18.06 -14.95
C SER A 2 14.30 -17.36 -14.37
N SER A 3 13.50 -18.12 -13.63
CA SER A 3 12.29 -17.57 -13.02
C SER A 3 11.80 -18.48 -11.89
N GLY A 4 10.97 -17.92 -11.01
CA GLY A 4 10.44 -18.69 -9.89
C GLY A 4 9.98 -17.81 -8.75
N SER A 5 8.69 -17.87 -8.44
CA SER A 5 8.12 -17.07 -7.36
C SER A 5 6.94 -17.79 -6.72
N SER A 6 6.87 -17.71 -5.39
CA SER A 6 5.80 -18.36 -4.65
C SER A 6 5.18 -17.40 -3.63
N GLY A 7 3.89 -17.54 -3.41
CA GLY A 7 3.19 -16.68 -2.47
C GLY A 7 2.47 -17.46 -1.39
N PRO A 8 1.53 -16.79 -0.70
CA PRO A 8 0.75 -17.41 0.38
C PRO A 8 -0.23 -18.45 -0.15
N GLN A 9 -0.41 -19.53 0.61
CA GLN A 9 -1.32 -20.59 0.22
C GLN A 9 -2.73 -20.06 0.03
N ILE A 10 -3.01 -18.90 0.63
CA ILE A 10 -4.33 -18.28 0.53
C ILE A 10 -4.40 -17.35 -0.68
N ASP A 11 -3.41 -17.44 -1.56
CA ASP A 11 -3.37 -16.62 -2.75
C ASP A 11 -4.74 -16.55 -3.41
N SER A 12 -5.36 -17.71 -3.61
CA SER A 12 -6.67 -17.78 -4.24
C SER A 12 -7.77 -17.48 -3.23
N SER A 13 -7.68 -18.11 -2.07
CA SER A 13 -8.67 -17.93 -1.01
C SER A 13 -9.01 -16.45 -0.84
N ARG A 14 -7.99 -15.64 -0.55
CA ARG A 14 -8.18 -14.22 -0.36
C ARG A 14 -8.87 -13.59 -1.58
N ILE A 15 -9.61 -12.52 -1.34
CA ILE A 15 -10.32 -11.83 -2.41
C ILE A 15 -9.81 -10.40 -2.58
N ARG A 16 -9.68 -9.97 -3.83
CA ARG A 16 -9.20 -8.63 -4.13
C ARG A 16 -9.75 -8.13 -5.46
N SER A 17 -10.75 -7.26 -5.39
CA SER A 17 -11.36 -6.72 -6.61
C SER A 17 -10.79 -5.35 -6.94
N HIS A 18 -11.10 -4.37 -6.09
CA HIS A 18 -10.62 -3.01 -6.30
C HIS A 18 -9.11 -2.98 -6.47
N ILE A 19 -8.67 -2.83 -7.72
CA ILE A 19 -7.24 -2.79 -8.03
C ILE A 19 -6.67 -1.40 -7.84
N CYS A 20 -5.47 -1.32 -7.27
CA CYS A 20 -4.80 -0.04 -7.03
C CYS A 20 -4.53 0.68 -8.36
N SER A 21 -5.04 1.90 -8.47
CA SER A 21 -4.86 2.71 -9.67
C SER A 21 -3.44 2.55 -10.21
N HIS A 22 -2.46 2.76 -9.34
CA HIS A 22 -1.05 2.65 -9.73
C HIS A 22 -0.73 1.23 -10.19
N PRO A 23 -0.35 1.10 -11.47
CA PRO A 23 -0.01 -0.20 -12.06
C PRO A 23 1.30 -0.76 -11.51
N GLY A 24 2.33 0.09 -11.46
CA GLY A 24 3.62 -0.34 -10.95
C GLY A 24 3.54 -0.89 -9.55
N CYS A 25 2.60 -0.35 -8.76
CA CYS A 25 2.43 -0.79 -7.38
C CYS A 25 1.92 -2.23 -7.33
N GLY A 26 0.70 -2.45 -7.83
CA GLY A 26 0.12 -3.78 -7.82
C GLY A 26 -0.44 -4.17 -6.47
N LYS A 27 -1.42 -3.40 -6.00
CA LYS A 27 -2.06 -3.67 -4.72
C LYS A 27 -3.58 -3.71 -4.85
N THR A 28 -4.18 -4.80 -4.43
CA THR A 28 -5.63 -4.96 -4.50
C THR A 28 -6.20 -5.43 -3.17
N TYR A 29 -7.45 -5.08 -2.90
CA TYR A 29 -8.11 -5.47 -1.67
C TYR A 29 -9.61 -5.67 -1.89
N PHE A 30 -10.11 -6.82 -1.47
CA PHE A 30 -11.52 -7.16 -1.62
C PHE A 30 -12.39 -5.98 -1.18
N LYS A 31 -12.13 -5.46 0.01
CA LYS A 31 -12.89 -4.33 0.55
C LYS A 31 -12.79 -3.13 -0.37
N SER A 32 -13.84 -2.88 -1.15
CA SER A 32 -13.87 -1.75 -2.08
C SER A 32 -13.29 -0.51 -1.42
N SER A 33 -13.75 -0.21 -0.21
CA SER A 33 -13.28 0.96 0.52
C SER A 33 -11.78 0.88 0.78
N HIS A 34 -11.35 -0.22 1.41
CA HIS A 34 -9.95 -0.43 1.73
C HIS A 34 -9.06 0.15 0.63
N LEU A 35 -9.17 -0.41 -0.58
CA LEU A 35 -8.38 0.05 -1.71
C LEU A 35 -8.26 1.57 -1.72
N LYS A 36 -9.38 2.25 -1.95
CA LYS A 36 -9.39 3.71 -1.97
C LYS A 36 -8.48 4.28 -0.90
N ALA A 37 -8.55 3.71 0.30
CA ALA A 37 -7.72 4.17 1.41
C ALA A 37 -6.24 4.02 1.08
N HIS A 38 -5.85 2.82 0.65
CA HIS A 38 -4.46 2.55 0.31
C HIS A 38 -3.91 3.64 -0.62
N THR A 39 -4.63 3.90 -1.71
CA THR A 39 -4.20 4.91 -2.67
C THR A 39 -3.51 6.08 -1.98
N ARG A 40 -3.94 6.38 -0.76
CA ARG A 40 -3.36 7.48 0.01
C ARG A 40 -1.83 7.39 0.01
N THR A 41 -1.32 6.21 0.33
CA THR A 41 0.13 5.98 0.38
C THR A 41 0.80 6.53 -0.88
N HIS A 42 0.03 6.68 -1.94
CA HIS A 42 0.55 7.19 -3.20
C HIS A 42 0.38 8.71 -3.29
N THR A 43 -0.86 9.17 -3.16
CA THR A 43 -1.17 10.59 -3.21
C THR A 43 -0.68 11.31 -1.97
N GLY A 44 -0.43 12.61 -2.10
CA GLY A 44 0.05 13.39 -0.97
C GLY A 44 0.85 14.60 -1.40
N GLU A 45 1.28 15.39 -0.42
CA GLU A 45 2.06 16.60 -0.71
C GLU A 45 3.22 16.74 0.27
N LYS A 46 4.41 17.00 -0.26
CA LYS A 46 5.60 17.16 0.57
C LYS A 46 5.90 18.64 0.81
N PRO A 47 6.26 18.97 2.06
CA PRO A 47 6.58 20.34 2.46
C PRO A 47 7.88 20.83 1.85
N PHE A 48 8.56 19.95 1.12
CA PHE A 48 9.82 20.29 0.47
C PHE A 48 9.90 19.71 -0.94
N SER A 49 10.00 20.59 -1.92
CA SER A 49 10.07 20.16 -3.32
C SER A 49 11.32 20.70 -3.99
N CYS A 50 12.11 19.81 -4.59
CA CYS A 50 13.34 20.19 -5.26
C CYS A 50 13.11 21.45 -6.12
N SER A 51 12.10 21.40 -6.96
CA SER A 51 11.78 22.52 -7.84
C SER A 51 12.93 22.81 -8.79
N TRP A 52 13.47 21.76 -9.39
CA TRP A 52 14.58 21.90 -10.33
C TRP A 52 14.08 22.23 -11.73
N LYS A 53 15.01 22.41 -12.66
CA LYS A 53 14.66 22.73 -14.03
C LYS A 53 13.87 21.59 -14.68
N GLY A 54 14.13 20.37 -14.22
CA GLY A 54 13.45 19.22 -14.75
C GLY A 54 13.52 18.01 -13.83
N CYS A 55 13.55 18.27 -12.53
CA CYS A 55 13.63 17.21 -11.53
C CYS A 55 12.24 16.83 -11.04
N GLU A 56 11.53 17.81 -10.47
CA GLU A 56 10.19 17.59 -9.96
C GLU A 56 10.19 16.48 -8.89
N ARG A 57 11.21 16.51 -8.03
CA ARG A 57 11.34 15.52 -6.97
C ARG A 57 11.24 16.17 -5.59
N ARG A 58 10.19 15.84 -4.85
CA ARG A 58 9.99 16.39 -3.52
C ARG A 58 10.17 15.32 -2.45
N PHE A 59 10.45 15.76 -1.23
CA PHE A 59 10.65 14.84 -0.11
C PHE A 59 9.82 15.26 1.10
N ALA A 60 9.36 14.29 1.87
CA ALA A 60 8.57 14.57 3.06
C ALA A 60 9.41 15.24 4.14
N ARG A 61 10.61 14.74 4.34
CA ARG A 61 11.51 15.28 5.35
C ARG A 61 12.55 16.21 4.71
N SER A 62 12.75 17.37 5.30
CA SER A 62 13.70 18.35 4.80
C SER A 62 15.05 17.69 4.49
N ASP A 63 15.64 17.06 5.50
CA ASP A 63 16.92 16.38 5.33
C ASP A 63 17.00 15.69 3.98
N GLU A 64 16.01 14.85 3.69
CA GLU A 64 15.97 14.12 2.42
C GLU A 64 16.30 15.05 1.26
N LEU A 65 15.64 16.20 1.21
CA LEU A 65 15.87 17.17 0.14
C LEU A 65 17.28 17.71 0.20
N SER A 66 17.66 18.27 1.35
CA SER A 66 18.98 18.83 1.53
C SER A 66 20.05 17.89 0.96
N ARG A 67 19.90 16.60 1.21
CA ARG A 67 20.83 15.61 0.72
C ARG A 67 20.70 15.41 -0.79
N HIS A 68 19.47 15.14 -1.22
CA HIS A 68 19.20 14.93 -2.65
C HIS A 68 19.85 16.02 -3.49
N ARG A 69 19.80 17.26 -2.99
CA ARG A 69 20.39 18.38 -3.71
C ARG A 69 21.71 18.00 -4.36
N ARG A 70 22.38 17.01 -3.78
CA ARG A 70 23.65 16.54 -4.31
C ARG A 70 23.53 16.18 -5.79
N THR A 71 22.48 15.44 -6.12
CA THR A 71 22.25 15.02 -7.51
C THR A 71 22.45 16.18 -8.47
N HIS A 72 22.33 17.40 -7.95
CA HIS A 72 22.49 18.60 -8.77
C HIS A 72 23.73 19.39 -8.35
N GLY A 1 -11.66 -44.16 -25.30
CA GLY A 1 -12.43 -43.21 -24.49
C GLY A 1 -11.65 -42.69 -23.30
N SER A 2 -11.44 -41.38 -23.28
CA SER A 2 -10.69 -40.74 -22.19
C SER A 2 -11.21 -39.34 -21.92
N SER A 3 -11.27 -38.96 -20.65
CA SER A 3 -11.75 -37.64 -20.26
C SER A 3 -11.18 -37.24 -18.90
N GLY A 4 -11.16 -35.94 -18.64
CA GLY A 4 -10.65 -35.45 -17.37
C GLY A 4 -10.22 -33.99 -17.45
N SER A 5 -10.97 -33.12 -16.77
CA SER A 5 -10.67 -31.69 -16.77
C SER A 5 -11.06 -31.06 -15.43
N SER A 6 -10.06 -30.79 -14.61
CA SER A 6 -10.30 -30.18 -13.30
C SER A 6 -9.17 -29.23 -12.93
N GLY A 7 -9.48 -28.25 -12.08
CA GLY A 7 -8.48 -27.28 -11.67
C GLY A 7 -9.02 -26.30 -10.65
N PRO A 8 -9.04 -26.72 -9.37
CA PRO A 8 -9.53 -25.89 -8.27
C PRO A 8 -8.61 -24.71 -7.98
N GLN A 9 -8.93 -23.96 -6.93
CA GLN A 9 -8.12 -22.81 -6.53
C GLN A 9 -6.91 -23.25 -5.72
N ILE A 10 -5.87 -22.41 -5.72
CA ILE A 10 -4.66 -22.71 -4.98
C ILE A 10 -4.88 -22.61 -3.48
N ASP A 11 -5.28 -21.42 -3.03
CA ASP A 11 -5.55 -21.19 -1.62
C ASP A 11 -6.62 -20.12 -1.42
N SER A 12 -7.04 -19.92 -0.18
CA SER A 12 -8.07 -18.94 0.13
C SER A 12 -7.48 -17.53 0.17
N SER A 13 -8.26 -16.56 -0.31
CA SER A 13 -7.82 -15.17 -0.34
C SER A 13 -9.00 -14.23 -0.53
N ARG A 14 -8.78 -12.95 -0.24
CA ARG A 14 -9.83 -11.94 -0.37
C ARG A 14 -10.38 -11.92 -1.79
N ILE A 15 -11.42 -11.13 -2.01
CA ILE A 15 -12.04 -11.01 -3.32
C ILE A 15 -11.08 -10.37 -4.33
N ARG A 16 -10.14 -9.57 -3.82
CA ARG A 16 -9.17 -8.90 -4.67
C ARG A 16 -9.86 -8.20 -5.84
N SER A 17 -10.92 -7.46 -5.54
CA SER A 17 -11.67 -6.75 -6.57
C SER A 17 -10.98 -5.43 -6.93
N HIS A 18 -11.00 -4.49 -5.98
CA HIS A 18 -10.38 -3.19 -6.19
C HIS A 18 -8.89 -3.33 -6.51
N ILE A 19 -8.56 -3.18 -7.78
CA ILE A 19 -7.18 -3.29 -8.23
C ILE A 19 -6.45 -1.95 -8.13
N CYS A 20 -5.29 -1.95 -7.48
CA CYS A 20 -4.51 -0.74 -7.32
C CYS A 20 -4.24 -0.09 -8.67
N SER A 21 -4.28 -0.89 -9.74
CA SER A 21 -4.03 -0.39 -11.09
C SER A 21 -2.67 0.30 -11.17
N HIS A 22 -1.72 -0.18 -10.37
CA HIS A 22 -0.37 0.38 -10.36
C HIS A 22 0.67 -0.68 -10.67
N PRO A 23 1.66 -0.32 -11.50
CA PRO A 23 2.74 -1.23 -11.89
C PRO A 23 3.69 -1.54 -10.74
N GLY A 24 4.17 -0.48 -10.09
CA GLY A 24 5.09 -0.65 -8.97
C GLY A 24 4.45 -1.38 -7.80
N CYS A 25 3.14 -1.26 -7.68
CA CYS A 25 2.41 -1.92 -6.60
C CYS A 25 1.78 -3.22 -7.09
N GLY A 26 0.86 -3.10 -8.03
CA GLY A 26 0.18 -4.28 -8.57
C GLY A 26 -0.55 -5.06 -7.50
N LYS A 27 -1.05 -4.35 -6.49
CA LYS A 27 -1.79 -4.98 -5.40
C LYS A 27 -3.30 -4.95 -5.66
N THR A 28 -4.07 -5.54 -4.76
CA THR A 28 -5.51 -5.58 -4.90
C THR A 28 -6.19 -5.76 -3.54
N TYR A 29 -7.39 -5.22 -3.41
CA TYR A 29 -8.14 -5.32 -2.16
C TYR A 29 -9.62 -5.59 -2.43
N PHE A 30 -10.30 -6.20 -1.46
CA PHE A 30 -11.71 -6.51 -1.60
C PHE A 30 -12.57 -5.33 -1.15
N LYS A 31 -12.30 -4.83 0.05
CA LYS A 31 -13.05 -3.71 0.60
C LYS A 31 -12.94 -2.48 -0.31
N SER A 32 -14.00 -2.23 -1.09
CA SER A 32 -14.02 -1.11 -2.00
C SER A 32 -13.39 0.13 -1.36
N SER A 33 -13.61 0.29 -0.06
CA SER A 33 -13.06 1.43 0.68
C SER A 33 -11.54 1.31 0.79
N HIS A 34 -11.07 0.19 1.30
CA HIS A 34 -9.64 -0.05 1.46
C HIS A 34 -8.85 0.67 0.37
N LEU A 35 -9.04 0.26 -0.88
CA LEU A 35 -8.34 0.85 -2.00
C LEU A 35 -8.09 2.34 -1.76
N LYS A 36 -9.15 3.07 -1.46
CA LYS A 36 -9.05 4.50 -1.19
C LYS A 36 -7.99 4.78 -0.13
N ALA A 37 -8.08 4.08 0.99
CA ALA A 37 -7.13 4.24 2.08
C ALA A 37 -5.73 3.79 1.67
N HIS A 38 -5.68 2.82 0.77
CA HIS A 38 -4.40 2.29 0.29
C HIS A 38 -3.84 3.16 -0.82
N THR A 39 -4.71 3.92 -1.48
CA THR A 39 -4.29 4.80 -2.57
C THR A 39 -3.88 6.17 -2.04
N ARG A 40 -4.61 6.66 -1.04
CA ARG A 40 -4.32 7.96 -0.44
C ARG A 40 -2.95 7.96 0.23
N THR A 41 -2.55 6.79 0.75
CA THR A 41 -1.26 6.67 1.41
C THR A 41 -0.12 6.71 0.42
N HIS A 42 -0.33 6.09 -0.75
CA HIS A 42 0.68 6.05 -1.80
C HIS A 42 1.35 7.42 -1.95
N THR A 43 0.55 8.42 -2.28
CA THR A 43 1.05 9.79 -2.47
C THR A 43 1.66 10.31 -1.18
N GLY A 44 2.98 10.54 -1.21
CA GLY A 44 3.66 11.06 -0.03
C GLY A 44 5.17 11.05 -0.19
N GLU A 45 5.88 11.21 0.92
CA GLU A 45 7.33 11.22 0.90
C GLU A 45 7.89 9.80 0.82
N LYS A 46 7.55 8.98 1.81
CA LYS A 46 8.02 7.60 1.85
C LYS A 46 7.00 6.66 1.18
N PRO A 47 7.52 5.76 0.34
CA PRO A 47 6.67 4.79 -0.38
C PRO A 47 6.08 3.74 0.54
N PHE A 48 6.86 3.31 1.53
CA PHE A 48 6.41 2.31 2.48
C PHE A 48 5.84 2.97 3.74
N SER A 49 4.81 2.35 4.29
CA SER A 49 4.15 2.88 5.50
C SER A 49 3.53 1.75 6.31
N CYS A 50 3.89 1.68 7.59
CA CYS A 50 3.36 0.65 8.48
C CYS A 50 1.84 0.77 8.60
N SER A 51 1.16 -0.37 8.64
CA SER A 51 -0.29 -0.40 8.75
C SER A 51 -0.72 -0.80 10.15
N TRP A 52 0.21 -0.72 11.09
CA TRP A 52 -0.07 -1.09 12.49
C TRP A 52 -0.85 0.01 13.18
N LYS A 53 -1.97 -0.36 13.79
CA LYS A 53 -2.81 0.60 14.50
C LYS A 53 -2.00 1.39 15.52
N GLY A 54 -2.13 2.71 15.48
CA GLY A 54 -1.40 3.56 16.41
C GLY A 54 0.02 3.83 15.95
N CYS A 55 0.72 2.77 15.55
CA CYS A 55 2.10 2.91 15.08
C CYS A 55 2.26 4.12 14.18
N GLU A 56 1.56 4.11 13.06
CA GLU A 56 1.62 5.21 12.11
C GLU A 56 3.06 5.56 11.77
N ARG A 57 3.92 4.54 11.75
CA ARG A 57 5.34 4.73 11.44
C ARG A 57 5.62 4.36 9.99
N ARG A 58 6.13 5.32 9.23
CA ARG A 58 6.45 5.10 7.82
C ARG A 58 7.97 5.07 7.61
N PHE A 59 8.41 4.31 6.61
CA PHE A 59 9.83 4.20 6.31
C PHE A 59 10.07 4.26 4.80
N ALA A 60 11.25 4.70 4.41
CA ALA A 60 11.61 4.81 3.00
C ALA A 60 12.18 3.49 2.48
N ARG A 61 13.10 2.90 3.23
CA ARG A 61 13.72 1.65 2.85
C ARG A 61 12.72 0.51 2.91
N SER A 62 12.90 -0.48 2.03
CA SER A 62 12.01 -1.63 1.98
C SER A 62 12.42 -2.69 3.00
N ASP A 63 13.73 -2.91 3.11
CA ASP A 63 14.25 -3.90 4.05
C ASP A 63 13.99 -3.47 5.48
N GLU A 64 14.28 -2.22 5.79
CA GLU A 64 14.08 -1.69 7.14
C GLU A 64 12.69 -2.01 7.64
N LEU A 65 11.69 -1.72 6.81
CA LEU A 65 10.29 -1.98 7.17
C LEU A 65 10.05 -3.46 7.39
N SER A 66 10.50 -4.27 6.43
CA SER A 66 10.33 -5.72 6.52
C SER A 66 10.57 -6.21 7.95
N ARG A 67 11.70 -5.82 8.52
CA ARG A 67 12.05 -6.22 9.88
C ARG A 67 11.14 -5.52 10.90
N HIS A 68 10.99 -4.21 10.75
CA HIS A 68 10.15 -3.42 11.65
C HIS A 68 8.82 -4.13 11.90
N ARG A 69 8.37 -4.90 10.91
CA ARG A 69 7.11 -5.62 11.03
C ARG A 69 7.34 -7.05 11.48
N ARG A 70 8.35 -7.70 10.90
CA ARG A 70 8.68 -9.08 11.24
C ARG A 70 8.39 -9.36 12.71
N THR A 71 9.06 -8.62 13.59
CA THR A 71 8.88 -8.78 15.03
C THR A 71 7.70 -7.96 15.54
N HIS A 72 7.43 -6.85 14.86
CA HIS A 72 6.33 -5.97 15.24
C HIS A 72 5.29 -5.88 14.13
N GLY A 1 -29.52 -31.34 27.54
CA GLY A 1 -28.38 -30.71 28.18
C GLY A 1 -27.06 -31.26 27.68
N SER A 2 -27.06 -32.54 27.33
CA SER A 2 -25.85 -33.20 26.83
C SER A 2 -25.65 -32.91 25.35
N SER A 3 -26.38 -31.94 24.83
CA SER A 3 -26.28 -31.57 23.43
C SER A 3 -24.89 -31.03 23.10
N GLY A 4 -24.67 -30.70 21.84
CA GLY A 4 -23.38 -30.16 21.42
C GLY A 4 -23.51 -29.04 20.42
N SER A 5 -22.42 -28.73 19.73
CA SER A 5 -22.42 -27.66 18.74
C SER A 5 -21.35 -27.91 17.67
N SER A 6 -21.30 -27.01 16.69
CA SER A 6 -20.33 -27.13 15.61
C SER A 6 -19.28 -26.02 15.68
N GLY A 7 -18.15 -26.25 15.03
CA GLY A 7 -17.08 -25.27 15.04
C GLY A 7 -17.28 -24.20 13.97
N PRO A 8 -16.50 -23.12 14.06
CA PRO A 8 -16.57 -22.01 13.10
C PRO A 8 -16.03 -22.39 11.73
N GLN A 9 -16.15 -21.47 10.77
CA GLN A 9 -15.67 -21.73 9.42
C GLN A 9 -14.82 -20.56 8.92
N ILE A 10 -14.07 -20.80 7.84
CA ILE A 10 -13.20 -19.78 7.28
C ILE A 10 -13.94 -18.98 6.20
N ASP A 11 -13.69 -17.67 6.17
CA ASP A 11 -14.32 -16.79 5.19
C ASP A 11 -13.46 -16.66 3.95
N SER A 12 -14.10 -16.74 2.78
CA SER A 12 -13.38 -16.64 1.52
C SER A 12 -13.58 -15.27 0.89
N SER A 13 -14.02 -14.31 1.71
CA SER A 13 -14.26 -12.95 1.24
C SER A 13 -12.95 -12.16 1.17
N ARG A 14 -11.84 -12.88 1.23
CA ARG A 14 -10.52 -12.24 1.17
C ARG A 14 -10.08 -12.04 -0.27
N ILE A 15 -11.03 -12.10 -1.19
CA ILE A 15 -10.74 -11.92 -2.61
C ILE A 15 -10.60 -10.44 -2.96
N ARG A 16 -9.36 -9.99 -3.12
CA ARG A 16 -9.08 -8.60 -3.45
C ARG A 16 -9.56 -8.28 -4.87
N SER A 17 -10.58 -7.45 -4.98
CA SER A 17 -11.13 -7.07 -6.28
C SER A 17 -10.58 -5.72 -6.72
N HIS A 18 -10.95 -4.66 -6.01
CA HIS A 18 -10.50 -3.31 -6.32
C HIS A 18 -8.98 -3.27 -6.45
N ILE A 19 -8.49 -3.13 -7.67
CA ILE A 19 -7.06 -3.07 -7.92
C ILE A 19 -6.54 -1.63 -7.88
N CYS A 20 -5.39 -1.44 -7.27
CA CYS A 20 -4.79 -0.12 -7.16
C CYS A 20 -4.58 0.50 -8.54
N SER A 21 -5.39 1.51 -8.85
CA SER A 21 -5.29 2.18 -10.14
C SER A 21 -3.84 2.49 -10.49
N HIS A 22 -3.09 2.99 -9.51
CA HIS A 22 -1.68 3.32 -9.73
C HIS A 22 -0.93 2.13 -10.31
N PRO A 23 -0.41 2.30 -11.53
CA PRO A 23 0.35 1.25 -12.22
C PRO A 23 1.71 0.99 -11.58
N GLY A 24 2.14 -0.27 -11.61
CA GLY A 24 3.42 -0.62 -11.02
C GLY A 24 3.27 -1.12 -9.59
N CYS A 25 2.46 -0.43 -8.81
CA CYS A 25 2.25 -0.81 -7.41
C CYS A 25 1.93 -2.29 -7.29
N GLY A 26 0.85 -2.73 -7.95
CA GLY A 26 0.46 -4.12 -7.91
C GLY A 26 -0.20 -4.50 -6.60
N LYS A 27 -1.23 -3.73 -6.22
CA LYS A 27 -1.96 -3.99 -4.98
C LYS A 27 -3.46 -4.11 -5.24
N THR A 28 -4.16 -4.79 -4.34
CA THR A 28 -5.59 -4.99 -4.48
C THR A 28 -6.24 -5.31 -3.14
N TYR A 29 -7.49 -4.92 -2.98
CA TYR A 29 -8.21 -5.17 -1.74
C TYR A 29 -9.67 -5.54 -2.02
N PHE A 30 -10.21 -6.45 -1.22
CA PHE A 30 -11.59 -6.89 -1.38
C PHE A 30 -12.56 -5.73 -1.14
N LYS A 31 -12.51 -5.17 0.06
CA LYS A 31 -13.39 -4.04 0.41
C LYS A 31 -13.24 -2.91 -0.58
N SER A 32 -14.20 -2.78 -1.49
CA SER A 32 -14.18 -1.73 -2.49
C SER A 32 -13.66 -0.42 -1.90
N SER A 33 -13.90 -0.23 -0.61
CA SER A 33 -13.46 0.98 0.08
C SER A 33 -11.97 0.91 0.39
N HIS A 34 -11.53 -0.22 0.94
CA HIS A 34 -10.12 -0.39 1.29
C HIS A 34 -9.22 0.34 0.30
N LEU A 35 -9.43 0.09 -0.99
CA LEU A 35 -8.64 0.73 -2.03
C LEU A 35 -8.31 2.18 -1.65
N LYS A 36 -9.34 2.96 -1.39
CA LYS A 36 -9.17 4.36 -1.02
C LYS A 36 -8.14 4.50 0.11
N ALA A 37 -8.35 3.73 1.18
CA ALA A 37 -7.44 3.77 2.33
C ALA A 37 -6.01 3.47 1.89
N HIS A 38 -5.86 2.85 0.73
CA HIS A 38 -4.55 2.50 0.21
C HIS A 38 -4.01 3.61 -0.70
N THR A 39 -4.86 4.08 -1.61
CA THR A 39 -4.48 5.13 -2.55
C THR A 39 -3.76 6.27 -1.82
N ARG A 40 -4.07 6.45 -0.55
CA ARG A 40 -3.45 7.49 0.25
C ARG A 40 -1.93 7.48 0.09
N THR A 41 -1.38 6.29 -0.12
CA THR A 41 0.06 6.14 -0.29
C THR A 41 0.49 6.48 -1.72
N HIS A 42 -0.40 7.17 -2.44
CA HIS A 42 -0.10 7.56 -3.82
C HIS A 42 -0.54 8.99 -4.07
N THR A 43 -0.29 9.48 -5.29
CA THR A 43 -0.64 10.84 -5.67
C THR A 43 -0.27 11.82 -4.56
N GLY A 44 0.80 11.52 -3.84
CA GLY A 44 1.25 12.40 -2.77
C GLY A 44 2.71 12.20 -2.43
N GLU A 45 3.28 13.15 -1.70
CA GLU A 45 4.68 13.08 -1.31
C GLU A 45 4.87 13.44 0.16
N LYS A 46 5.84 12.81 0.81
CA LYS A 46 6.11 13.07 2.22
C LYS A 46 7.51 13.65 2.40
N PRO A 47 7.57 14.90 2.89
CA PRO A 47 8.84 15.60 3.12
C PRO A 47 9.62 15.00 4.28
N PHE A 48 8.96 14.82 5.42
CA PHE A 48 9.60 14.26 6.60
C PHE A 48 9.87 12.77 6.40
N SER A 49 11.14 12.39 6.50
CA SER A 49 11.54 11.00 6.33
C SER A 49 12.41 10.54 7.49
N CYS A 50 12.26 9.28 7.86
CA CYS A 50 13.03 8.71 8.97
C CYS A 50 14.53 8.75 8.66
N SER A 51 15.32 9.03 9.70
CA SER A 51 16.77 9.10 9.54
C SER A 51 17.43 7.78 9.90
N TRP A 52 16.63 6.72 9.94
CA TRP A 52 17.13 5.39 10.27
C TRP A 52 17.50 4.61 9.01
N LYS A 53 18.77 4.23 8.90
CA LYS A 53 19.24 3.49 7.75
C LYS A 53 18.49 2.17 7.60
N GLY A 54 17.88 1.97 6.44
CA GLY A 54 17.13 0.75 6.18
C GLY A 54 15.64 0.94 6.37
N CYS A 55 15.26 1.60 7.46
CA CYS A 55 13.85 1.84 7.76
C CYS A 55 13.09 2.22 6.49
N GLU A 56 13.58 3.22 5.79
CA GLU A 56 12.94 3.69 4.57
C GLU A 56 11.48 4.03 4.81
N ARG A 57 11.21 4.67 5.94
CA ARG A 57 9.85 5.06 6.29
C ARG A 57 9.71 6.57 6.39
N ARG A 58 8.72 7.12 5.71
CA ARG A 58 8.48 8.56 5.71
C ARG A 58 7.09 8.88 6.24
N PHE A 59 6.79 10.17 6.36
CA PHE A 59 5.49 10.61 6.85
C PHE A 59 5.18 12.03 6.39
N ALA A 60 3.91 12.30 6.15
CA ALA A 60 3.49 13.62 5.71
C ALA A 60 3.58 14.65 6.83
N ARG A 61 3.12 14.25 8.02
CA ARG A 61 3.16 15.13 9.18
C ARG A 61 4.42 14.89 10.01
N SER A 62 4.98 15.97 10.55
CA SER A 62 6.19 15.88 11.36
C SER A 62 5.92 15.08 12.63
N ASP A 63 4.87 15.43 13.35
CA ASP A 63 4.51 14.74 14.59
C ASP A 63 4.66 13.23 14.42
N GLU A 64 4.17 12.71 13.30
CA GLU A 64 4.24 11.28 13.03
C GLU A 64 5.68 10.80 13.01
N LEU A 65 6.54 11.52 12.28
CA LEU A 65 7.94 11.17 12.18
C LEU A 65 8.57 11.01 13.56
N SER A 66 8.56 12.09 14.34
CA SER A 66 9.11 12.08 15.69
C SER A 66 8.54 10.93 16.50
N ARG A 67 7.21 10.84 16.56
CA ARG A 67 6.54 9.79 17.30
C ARG A 67 6.94 8.41 16.78
N HIS A 68 7.53 8.39 15.60
CA HIS A 68 7.97 7.14 14.99
C HIS A 68 9.45 6.89 15.23
N ARG A 69 10.21 7.98 15.37
CA ARG A 69 11.65 7.88 15.60
C ARG A 69 11.94 7.63 17.09
N ARG A 70 11.12 8.24 17.95
CA ARG A 70 11.30 8.08 19.39
C ARG A 70 11.64 6.64 19.75
N THR A 71 10.96 5.70 19.09
CA THR A 71 11.18 4.28 19.34
C THR A 71 12.54 3.84 18.81
N HIS A 72 12.95 4.43 17.70
CA HIS A 72 14.24 4.10 17.09
C HIS A 72 14.74 5.25 16.22
N GLY A 1 -0.54 -28.99 38.14
CA GLY A 1 -0.25 -27.74 37.45
C GLY A 1 -1.49 -27.09 36.89
N SER A 2 -1.29 -26.11 36.01
CA SER A 2 -2.40 -25.39 35.40
C SER A 2 -2.11 -25.08 33.93
N SER A 3 -3.09 -24.52 33.24
CA SER A 3 -2.95 -24.17 31.83
C SER A 3 -3.63 -22.85 31.52
N GLY A 4 -3.38 -22.32 30.33
CA GLY A 4 -3.98 -21.06 29.93
C GLY A 4 -4.80 -21.19 28.66
N SER A 5 -6.05 -20.72 28.72
CA SER A 5 -6.94 -20.79 27.56
C SER A 5 -6.69 -19.62 26.61
N SER A 6 -5.52 -18.98 26.76
CA SER A 6 -5.17 -17.85 25.92
C SER A 6 -5.01 -18.28 24.47
N GLY A 7 -4.94 -17.30 23.57
CA GLY A 7 -4.78 -17.59 22.16
C GLY A 7 -5.35 -16.50 21.27
N PRO A 8 -4.47 -15.78 20.57
CA PRO A 8 -4.87 -14.69 19.68
C PRO A 8 -5.58 -15.20 18.43
N GLN A 9 -6.17 -14.28 17.68
CA GLN A 9 -6.90 -14.63 16.47
C GLN A 9 -5.94 -14.72 15.27
N ILE A 10 -4.95 -13.84 15.26
CA ILE A 10 -3.97 -13.82 14.18
C ILE A 10 -4.60 -14.21 12.86
N ASP A 11 -5.86 -13.84 12.68
CA ASP A 11 -6.59 -14.16 11.44
C ASP A 11 -6.53 -12.98 10.47
N SER A 12 -6.36 -13.30 9.19
CA SER A 12 -6.29 -12.27 8.15
C SER A 12 -6.95 -12.74 6.87
N SER A 13 -7.34 -11.80 6.02
CA SER A 13 -7.99 -12.12 4.76
C SER A 13 -7.05 -11.89 3.59
N ARG A 14 -7.07 -12.81 2.63
CA ARG A 14 -6.22 -12.71 1.45
C ARG A 14 -7.01 -12.24 0.24
N ILE A 15 -8.32 -12.14 0.40
CA ILE A 15 -9.20 -11.70 -0.67
C ILE A 15 -8.84 -10.28 -1.12
N ARG A 16 -8.81 -10.08 -2.43
CA ARG A 16 -8.48 -8.76 -2.98
C ARG A 16 -9.14 -8.58 -4.36
N SER A 17 -10.18 -7.74 -4.40
CA SER A 17 -10.89 -7.48 -5.64
C SER A 17 -10.42 -6.18 -6.28
N HIS A 18 -10.71 -5.07 -5.64
CA HIS A 18 -10.30 -3.76 -6.14
C HIS A 18 -8.81 -3.73 -6.45
N ILE A 19 -8.47 -3.77 -7.73
CA ILE A 19 -7.08 -3.75 -8.15
C ILE A 19 -6.58 -2.33 -8.33
N CYS A 20 -5.75 -1.88 -7.38
CA CYS A 20 -5.19 -0.53 -7.42
C CYS A 20 -4.97 -0.08 -8.86
N SER A 21 -4.57 -1.01 -9.71
CA SER A 21 -4.32 -0.71 -11.12
C SER A 21 -3.35 0.46 -11.26
N HIS A 22 -2.40 0.55 -10.34
CA HIS A 22 -1.42 1.62 -10.35
C HIS A 22 -0.06 1.11 -10.82
N PRO A 23 0.64 1.92 -11.64
CA PRO A 23 1.95 1.57 -12.18
C PRO A 23 3.03 1.57 -11.10
N GLY A 24 3.54 0.38 -10.79
CA GLY A 24 4.59 0.26 -9.77
C GLY A 24 4.07 -0.36 -8.49
N CYS A 25 2.85 -0.01 -8.11
CA CYS A 25 2.24 -0.53 -6.89
C CYS A 25 1.68 -1.94 -7.13
N GLY A 26 0.68 -2.03 -7.99
CA GLY A 26 0.07 -3.31 -8.29
C GLY A 26 -0.47 -3.99 -7.05
N LYS A 27 -1.33 -3.30 -6.32
CA LYS A 27 -1.93 -3.84 -5.10
C LYS A 27 -3.43 -4.03 -5.28
N THR A 28 -4.02 -4.91 -4.47
CA THR A 28 -5.44 -5.17 -4.53
C THR A 28 -6.01 -5.46 -3.14
N TYR A 29 -7.29 -5.15 -2.96
CA TYR A 29 -7.95 -5.36 -1.68
C TYR A 29 -9.41 -5.77 -1.88
N PHE A 30 -9.94 -6.54 -0.93
CA PHE A 30 -11.32 -7.00 -1.00
C PHE A 30 -12.28 -5.85 -0.73
N LYS A 31 -12.16 -5.23 0.43
CA LYS A 31 -13.02 -4.11 0.80
C LYS A 31 -12.94 -2.99 -0.23
N SER A 32 -13.95 -2.91 -1.10
CA SER A 32 -13.99 -1.88 -2.13
C SER A 32 -13.54 -0.53 -1.58
N SER A 33 -13.87 -0.28 -0.32
CA SER A 33 -13.50 0.97 0.33
C SER A 33 -12.00 1.05 0.57
N HIS A 34 -11.45 0.01 1.20
CA HIS A 34 -10.03 -0.05 1.48
C HIS A 34 -9.22 0.67 0.41
N LEU A 35 -9.36 0.20 -0.83
CA LEU A 35 -8.64 0.80 -1.95
C LEU A 35 -8.47 2.30 -1.76
N LYS A 36 -9.59 3.01 -1.64
CA LYS A 36 -9.57 4.45 -1.46
C LYS A 36 -8.57 4.84 -0.36
N ALA A 37 -8.64 4.15 0.76
CA ALA A 37 -7.74 4.42 1.89
C ALA A 37 -6.30 4.11 1.52
N HIS A 38 -6.10 2.99 0.83
CA HIS A 38 -4.76 2.58 0.42
C HIS A 38 -4.13 3.63 -0.49
N THR A 39 -4.85 4.00 -1.54
CA THR A 39 -4.37 5.00 -2.49
C THR A 39 -3.47 6.03 -1.79
N ARG A 40 -3.82 6.36 -0.55
CA ARG A 40 -3.05 7.33 0.22
C ARG A 40 -1.56 7.07 0.09
N THR A 41 -1.16 5.82 0.34
CA THR A 41 0.24 5.44 0.25
C THR A 41 0.94 6.15 -0.90
N HIS A 42 0.17 6.50 -1.93
CA HIS A 42 0.72 7.18 -3.09
C HIS A 42 0.48 8.69 -2.99
N THR A 43 -0.76 9.07 -2.70
CA THR A 43 -1.11 10.47 -2.58
C THR A 43 -1.14 10.92 -1.12
N GLY A 44 -0.23 11.83 -0.77
CA GLY A 44 -0.16 12.32 0.60
C GLY A 44 1.22 12.16 1.20
N GLU A 45 1.65 10.91 1.35
CA GLU A 45 2.96 10.62 1.92
C GLU A 45 4.07 11.23 1.07
N LYS A 46 5.12 11.73 1.73
CA LYS A 46 6.24 12.34 1.04
C LYS A 46 6.98 11.31 0.19
N PRO A 47 7.25 11.67 -1.07
CA PRO A 47 7.95 10.79 -2.01
C PRO A 47 9.42 10.62 -1.64
N PHE A 48 9.89 11.42 -0.70
CA PHE A 48 11.28 11.35 -0.26
C PHE A 48 11.37 11.30 1.26
N SER A 49 11.94 10.22 1.79
CA SER A 49 12.08 10.05 3.23
C SER A 49 13.54 9.81 3.61
N CYS A 50 13.82 9.82 4.90
CA CYS A 50 15.18 9.60 5.40
C CYS A 50 15.55 8.14 5.33
N SER A 51 16.84 7.86 5.14
CA SER A 51 17.32 6.48 5.06
C SER A 51 17.75 5.97 6.42
N TRP A 52 18.05 6.90 7.33
CA TRP A 52 18.46 6.54 8.67
C TRP A 52 17.42 5.66 9.35
N LYS A 53 17.88 4.78 10.24
CA LYS A 53 16.99 3.89 10.96
C LYS A 53 16.55 4.50 12.28
N GLY A 54 15.26 4.84 12.38
CA GLY A 54 14.74 5.43 13.58
C GLY A 54 14.75 6.95 13.54
N CYS A 55 14.52 7.51 12.35
CA CYS A 55 14.50 8.95 12.18
C CYS A 55 13.09 9.45 11.90
N GLU A 56 12.28 8.60 11.30
CA GLU A 56 10.89 8.95 10.97
C GLU A 56 10.81 10.39 10.49
N ARG A 57 11.82 10.83 9.76
CA ARG A 57 11.86 12.19 9.24
C ARG A 57 11.84 12.19 7.71
N ARG A 58 10.73 12.65 7.14
CA ARG A 58 10.58 12.70 5.70
C ARG A 58 10.62 14.14 5.19
N PHE A 59 10.78 14.31 3.88
CA PHE A 59 10.83 15.63 3.28
C PHE A 59 10.23 15.61 1.87
N ALA A 60 9.04 16.18 1.73
CA ALA A 60 8.37 16.24 0.44
C ALA A 60 9.34 16.62 -0.67
N ARG A 61 10.15 17.64 -0.40
CA ARG A 61 11.13 18.12 -1.38
C ARG A 61 12.39 17.28 -1.34
N SER A 62 12.76 16.70 -2.48
CA SER A 62 13.95 15.87 -2.57
C SER A 62 15.15 16.57 -1.96
N ASP A 63 15.29 17.86 -2.26
CA ASP A 63 16.40 18.65 -1.74
C ASP A 63 16.39 18.68 -0.22
N GLU A 64 15.24 19.03 0.36
CA GLU A 64 15.10 19.10 1.81
C GLU A 64 15.72 17.86 2.47
N LEU A 65 15.47 16.70 1.89
CA LEU A 65 16.00 15.44 2.41
C LEU A 65 17.53 15.45 2.38
N SER A 66 18.09 15.78 1.23
CA SER A 66 19.54 15.82 1.07
C SER A 66 20.18 16.70 2.15
N ARG A 67 19.63 17.89 2.34
CA ARG A 67 20.15 18.82 3.33
C ARG A 67 20.09 18.21 4.73
N HIS A 68 18.98 17.54 5.03
CA HIS A 68 18.79 16.91 6.34
C HIS A 68 19.80 15.79 6.54
N ARG A 69 19.67 14.73 5.74
CA ARG A 69 20.57 13.58 5.83
C ARG A 69 21.96 14.02 6.25
N ARG A 70 22.40 15.18 5.74
CA ARG A 70 23.72 15.70 6.06
C ARG A 70 24.09 15.42 7.51
N THR A 71 23.16 15.71 8.42
CA THR A 71 23.39 15.48 9.84
C THR A 71 23.82 14.05 10.11
N HIS A 72 23.18 13.10 9.42
CA HIS A 72 23.50 11.69 9.59
C HIS A 72 23.12 10.90 8.34
N GLY A 1 25.86 -21.83 -7.11
CA GLY A 1 25.05 -21.29 -6.03
C GLY A 1 23.61 -21.74 -6.10
N SER A 2 22.79 -21.24 -5.17
CA SER A 2 21.37 -21.60 -5.14
C SER A 2 20.53 -20.44 -4.63
N SER A 3 19.27 -20.41 -5.02
CA SER A 3 18.36 -19.35 -4.61
C SER A 3 17.00 -19.92 -4.20
N GLY A 4 16.33 -19.24 -3.28
CA GLY A 4 15.03 -19.70 -2.83
C GLY A 4 14.05 -18.56 -2.65
N SER A 5 13.10 -18.45 -3.57
CA SER A 5 12.09 -17.39 -3.51
C SER A 5 10.89 -17.83 -2.69
N SER A 6 10.65 -17.13 -1.58
CA SER A 6 9.53 -17.45 -0.71
C SER A 6 8.27 -16.68 -1.13
N GLY A 7 7.11 -17.31 -0.93
CA GLY A 7 5.86 -16.67 -1.29
C GLY A 7 4.67 -17.28 -0.58
N PRO A 8 3.52 -16.62 -0.68
CA PRO A 8 2.27 -17.09 -0.05
C PRO A 8 1.73 -18.35 -0.70
N GLN A 9 0.89 -19.07 0.03
CA GLN A 9 0.30 -20.31 -0.49
C GLN A 9 -0.68 -20.00 -1.62
N ILE A 10 -1.50 -18.97 -1.43
CA ILE A 10 -2.48 -18.58 -2.44
C ILE A 10 -3.38 -19.75 -2.81
N ASP A 11 -3.89 -20.44 -1.80
CA ASP A 11 -4.77 -21.59 -2.02
C ASP A 11 -6.24 -21.18 -1.88
N SER A 12 -6.54 -20.47 -0.79
CA SER A 12 -7.91 -20.02 -0.55
C SER A 12 -8.43 -19.20 -1.72
N SER A 13 -9.74 -18.94 -1.70
CA SER A 13 -10.37 -18.17 -2.77
C SER A 13 -10.04 -16.68 -2.65
N ARG A 14 -10.09 -15.97 -3.77
CA ARG A 14 -9.79 -14.54 -3.78
C ARG A 14 -10.91 -13.76 -4.45
N ILE A 15 -11.39 -12.73 -3.77
CA ILE A 15 -12.47 -11.90 -4.31
C ILE A 15 -11.98 -10.48 -4.58
N ARG A 16 -10.66 -10.30 -4.61
CA ARG A 16 -10.07 -9.00 -4.86
C ARG A 16 -10.64 -8.38 -6.13
N SER A 17 -11.43 -7.32 -5.96
CA SER A 17 -12.05 -6.64 -7.10
C SER A 17 -11.25 -5.40 -7.48
N HIS A 18 -11.33 -4.37 -6.65
CA HIS A 18 -10.61 -3.13 -6.90
C HIS A 18 -9.12 -3.39 -7.09
N ILE A 19 -8.64 -3.16 -8.31
CA ILE A 19 -7.24 -3.38 -8.64
C ILE A 19 -6.47 -2.07 -8.60
N CYS A 20 -5.61 -1.91 -7.61
CA CYS A 20 -4.80 -0.70 -7.46
C CYS A 20 -4.18 -0.30 -8.79
N SER A 21 -3.82 -1.31 -9.59
CA SER A 21 -3.21 -1.05 -10.89
C SER A 21 -2.01 -0.11 -10.77
N HIS A 22 -1.28 -0.26 -9.67
CA HIS A 22 -0.11 0.57 -9.43
C HIS A 22 1.17 -0.14 -9.86
N PRO A 23 2.10 0.61 -10.46
CA PRO A 23 3.38 0.06 -10.94
C PRO A 23 4.30 -0.33 -9.79
N GLY A 24 4.43 -1.62 -9.55
CA GLY A 24 5.28 -2.10 -8.48
C GLY A 24 4.50 -2.61 -7.29
N CYS A 25 3.49 -1.84 -6.87
CA CYS A 25 2.66 -2.22 -5.73
C CYS A 25 1.79 -3.43 -6.07
N GLY A 26 0.88 -3.24 -7.04
CA GLY A 26 -0.01 -4.32 -7.44
C GLY A 26 -0.81 -4.86 -6.28
N LYS A 27 -1.75 -4.06 -5.78
CA LYS A 27 -2.60 -4.47 -4.68
C LYS A 27 -4.07 -4.42 -5.07
N THR A 28 -4.80 -5.47 -4.71
CA THR A 28 -6.23 -5.54 -5.03
C THR A 28 -7.04 -5.95 -3.80
N TYR A 29 -8.23 -5.38 -3.68
CA TYR A 29 -9.11 -5.67 -2.55
C TYR A 29 -10.52 -6.03 -3.04
N PHE A 30 -11.25 -6.76 -2.20
CA PHE A 30 -12.61 -7.17 -2.54
C PHE A 30 -13.63 -6.36 -1.75
N LYS A 31 -13.14 -5.51 -0.85
CA LYS A 31 -14.01 -4.67 -0.03
C LYS A 31 -14.09 -3.26 -0.60
N SER A 32 -13.53 -3.05 -1.79
CA SER A 32 -13.54 -1.76 -2.44
C SER A 32 -13.46 -0.63 -1.40
N SER A 33 -12.78 -0.90 -0.30
CA SER A 33 -12.62 0.08 0.77
C SER A 33 -11.15 0.42 0.98
N HIS A 34 -10.29 -0.57 0.86
CA HIS A 34 -8.86 -0.37 1.04
C HIS A 34 -8.33 0.62 0.01
N LEU A 35 -8.48 0.28 -1.27
CA LEU A 35 -8.01 1.15 -2.34
C LEU A 35 -8.10 2.62 -1.95
N LYS A 36 -9.22 2.98 -1.33
CA LYS A 36 -9.42 4.37 -0.89
C LYS A 36 -8.42 4.76 0.18
N ALA A 37 -8.36 3.95 1.24
CA ALA A 37 -7.43 4.22 2.33
C ALA A 37 -6.05 3.63 2.04
N HIS A 38 -5.85 3.19 0.80
CA HIS A 38 -4.57 2.62 0.39
C HIS A 38 -3.93 3.45 -0.71
N THR A 39 -4.75 4.24 -1.40
CA THR A 39 -4.26 5.08 -2.48
C THR A 39 -3.71 6.40 -1.94
N ARG A 40 -4.31 6.88 -0.86
CA ARG A 40 -3.89 8.13 -0.25
C ARG A 40 -2.38 8.15 -0.05
N THR A 41 -1.84 7.09 0.53
CA THR A 41 -0.41 6.98 0.78
C THR A 41 0.38 7.02 -0.52
N HIS A 42 -0.15 6.35 -1.55
CA HIS A 42 0.50 6.31 -2.85
C HIS A 42 0.79 7.72 -3.36
N THR A 43 -0.23 8.56 -3.37
CA THR A 43 -0.08 9.94 -3.83
C THR A 43 0.75 10.76 -2.86
N GLY A 44 1.52 11.71 -3.39
CA GLY A 44 2.35 12.55 -2.56
C GLY A 44 3.77 12.65 -3.08
N GLU A 45 3.97 13.47 -4.11
CA GLU A 45 5.29 13.66 -4.70
C GLU A 45 6.11 14.66 -3.90
N LYS A 46 5.49 15.79 -3.56
CA LYS A 46 6.17 16.83 -2.79
C LYS A 46 6.47 16.35 -1.38
N PRO A 47 7.77 16.17 -1.08
CA PRO A 47 8.21 15.72 0.24
C PRO A 47 8.01 16.76 1.32
N PHE A 48 8.00 18.03 0.92
CA PHE A 48 7.81 19.14 1.85
C PHE A 48 6.34 19.56 1.90
N SER A 49 5.47 18.69 1.42
CA SER A 49 4.03 18.97 1.40
C SER A 49 3.55 19.41 2.78
N CYS A 50 2.96 20.59 2.85
CA CYS A 50 2.45 21.13 4.10
C CYS A 50 1.35 20.23 4.66
N SER A 51 1.05 20.42 5.95
CA SER A 51 0.02 19.62 6.61
C SER A 51 -0.64 20.42 7.73
N TRP A 52 -1.89 20.81 7.49
CA TRP A 52 -2.64 21.59 8.48
C TRP A 52 -4.11 21.21 8.47
N LYS A 53 -4.87 21.74 9.42
CA LYS A 53 -6.30 21.46 9.51
C LYS A 53 -6.98 21.62 8.15
N GLY A 54 -6.60 22.68 7.43
CA GLY A 54 -7.18 22.92 6.13
C GLY A 54 -6.19 23.52 5.16
N CYS A 55 -5.03 22.88 5.04
CA CYS A 55 -3.98 23.36 4.13
C CYS A 55 -3.63 22.29 3.10
N GLU A 56 -3.75 22.64 1.82
CA GLU A 56 -3.44 21.72 0.74
C GLU A 56 -2.20 22.17 -0.03
N ARG A 57 -1.48 23.12 0.55
CA ARG A 57 -0.27 23.63 -0.08
C ARG A 57 0.86 22.60 -0.04
N ARG A 58 1.50 22.39 -1.19
CA ARG A 58 2.58 21.42 -1.28
C ARG A 58 3.73 21.98 -2.13
N PHE A 59 4.94 21.84 -1.63
CA PHE A 59 6.13 22.33 -2.34
C PHE A 59 7.23 21.27 -2.35
N ALA A 60 8.13 21.37 -3.32
CA ALA A 60 9.23 20.43 -3.45
C ALA A 60 10.44 20.89 -2.64
N ARG A 61 10.71 22.20 -2.70
CA ARG A 61 11.84 22.77 -1.98
C ARG A 61 11.49 23.01 -0.51
N SER A 62 12.50 23.32 0.30
CA SER A 62 12.29 23.57 1.72
C SER A 62 11.99 25.04 1.97
N ASP A 63 12.79 25.93 1.37
CA ASP A 63 12.59 27.36 1.54
C ASP A 63 11.14 27.75 1.30
N GLU A 64 10.61 27.34 0.15
CA GLU A 64 9.23 27.64 -0.20
C GLU A 64 8.29 27.35 0.96
N LEU A 65 8.28 26.09 1.39
CA LEU A 65 7.42 25.66 2.50
C LEU A 65 7.66 26.53 3.73
N SER A 66 8.89 26.50 4.25
CA SER A 66 9.23 27.29 5.43
C SER A 66 8.67 28.70 5.32
N ARG A 67 8.75 29.28 4.13
CA ARG A 67 8.25 30.63 3.90
C ARG A 67 6.73 30.68 4.05
N HIS A 68 6.07 29.66 3.51
CA HIS A 68 4.61 29.59 3.57
C HIS A 68 4.14 29.36 5.01
N ARG A 69 4.79 28.44 5.71
CA ARG A 69 4.44 28.13 7.08
C ARG A 69 4.03 29.40 7.84
N ARG A 70 4.79 30.47 7.63
CA ARG A 70 4.50 31.74 8.29
C ARG A 70 2.99 31.93 8.47
N THR A 71 2.24 31.63 7.42
CA THR A 71 0.78 31.78 7.46
C THR A 71 0.21 31.14 8.72
N HIS A 72 0.57 29.90 8.97
CA HIS A 72 0.09 29.17 10.15
C HIS A 72 0.75 29.71 11.41
N GLY A 1 -14.48 -41.75 -21.57
CA GLY A 1 -13.12 -41.87 -21.07
C GLY A 1 -12.72 -40.69 -20.20
N SER A 2 -12.01 -40.98 -19.11
CA SER A 2 -11.57 -39.93 -18.19
C SER A 2 -10.25 -40.31 -17.53
N SER A 3 -9.52 -39.31 -17.06
CA SER A 3 -8.23 -39.54 -16.40
C SER A 3 -8.17 -38.83 -15.05
N GLY A 4 -7.26 -39.28 -14.20
CA GLY A 4 -7.12 -38.69 -12.88
C GLY A 4 -5.69 -38.27 -12.60
N SER A 5 -5.53 -37.04 -12.10
CA SER A 5 -4.21 -36.52 -11.78
C SER A 5 -4.27 -35.63 -10.53
N SER A 6 -3.10 -35.42 -9.92
CA SER A 6 -3.02 -34.60 -8.72
C SER A 6 -3.11 -33.11 -9.06
N GLY A 7 -3.69 -32.33 -8.15
CA GLY A 7 -3.82 -30.90 -8.38
C GLY A 7 -3.14 -30.07 -7.31
N PRO A 8 -2.52 -28.96 -7.72
CA PRO A 8 -1.82 -28.06 -6.80
C PRO A 8 -2.78 -27.31 -5.88
N GLN A 9 -2.74 -27.65 -4.60
CA GLN A 9 -3.61 -27.01 -3.61
C GLN A 9 -2.90 -25.83 -2.96
N ILE A 10 -3.57 -24.68 -2.94
CA ILE A 10 -3.00 -23.48 -2.34
C ILE A 10 -3.01 -23.56 -0.83
N ASP A 11 -2.39 -22.58 -0.17
CA ASP A 11 -2.33 -22.55 1.29
C ASP A 11 -3.61 -21.94 1.87
N SER A 12 -3.89 -20.70 1.49
CA SER A 12 -5.08 -20.00 1.97
C SER A 12 -5.72 -19.20 0.85
N SER A 13 -7.05 -19.35 0.73
CA SER A 13 -7.79 -18.64 -0.30
C SER A 13 -8.46 -17.39 0.27
N ARG A 14 -8.32 -16.27 -0.43
CA ARG A 14 -8.91 -15.02 0.01
C ARG A 14 -9.34 -14.16 -1.18
N ILE A 15 -10.51 -13.54 -1.07
CA ILE A 15 -11.03 -12.70 -2.14
C ILE A 15 -10.37 -11.32 -2.13
N ARG A 16 -10.19 -10.76 -3.33
CA ARG A 16 -9.56 -9.45 -3.46
C ARG A 16 -10.15 -8.69 -4.65
N SER A 17 -10.38 -7.39 -4.46
CA SER A 17 -10.94 -6.56 -5.52
C SER A 17 -10.39 -5.13 -5.44
N HIS A 18 -10.72 -4.32 -6.43
CA HIS A 18 -10.26 -2.93 -6.47
C HIS A 18 -8.75 -2.86 -6.65
N ILE A 19 -8.23 -3.62 -7.60
CA ILE A 19 -6.80 -3.64 -7.87
C ILE A 19 -6.27 -2.25 -8.15
N CYS A 20 -5.44 -1.74 -7.25
CA CYS A 20 -4.86 -0.41 -7.40
C CYS A 20 -4.62 -0.09 -8.87
N SER A 21 -4.26 -1.11 -9.65
CA SER A 21 -3.99 -0.93 -11.07
C SER A 21 -2.96 0.18 -11.30
N HIS A 22 -2.03 0.31 -10.35
CA HIS A 22 -0.99 1.32 -10.46
C HIS A 22 0.32 0.71 -10.92
N PRO A 23 1.06 1.44 -11.79
CA PRO A 23 2.33 0.98 -12.33
C PRO A 23 3.44 0.95 -11.26
N GLY A 24 3.83 -0.26 -10.87
CA GLY A 24 4.88 -0.40 -9.87
C GLY A 24 4.35 -0.95 -8.56
N CYS A 25 3.26 -0.36 -8.07
CA CYS A 25 2.65 -0.79 -6.82
C CYS A 25 1.97 -2.15 -6.98
N GLY A 26 0.93 -2.19 -7.81
CA GLY A 26 0.21 -3.43 -8.06
C GLY A 26 -0.29 -4.06 -6.76
N LYS A 27 -1.55 -3.84 -6.46
CA LYS A 27 -2.16 -4.39 -5.25
C LYS A 27 -3.67 -4.47 -5.38
N THR A 28 -4.30 -5.29 -4.54
CA THR A 28 -5.75 -5.46 -4.57
C THR A 28 -6.32 -5.42 -3.15
N TYR A 29 -7.63 -5.21 -3.06
CA TYR A 29 -8.30 -5.15 -1.77
C TYR A 29 -9.79 -5.44 -1.92
N PHE A 30 -10.19 -6.67 -1.58
CA PHE A 30 -11.59 -7.07 -1.66
C PHE A 30 -12.52 -5.92 -1.29
N LYS A 31 -12.21 -5.26 -0.19
CA LYS A 31 -13.02 -4.13 0.29
C LYS A 31 -12.87 -2.94 -0.64
N SER A 32 -14.00 -2.39 -1.08
CA SER A 32 -14.01 -1.24 -1.97
C SER A 32 -13.36 -0.04 -1.30
N SER A 33 -13.69 0.16 -0.03
CA SER A 33 -13.14 1.29 0.72
C SER A 33 -11.63 1.16 0.89
N HIS A 34 -11.18 -0.04 1.25
CA HIS A 34 -9.77 -0.30 1.45
C HIS A 34 -8.93 0.44 0.40
N LEU A 35 -9.26 0.23 -0.87
CA LEU A 35 -8.54 0.87 -1.96
C LEU A 35 -8.38 2.37 -1.70
N LYS A 36 -9.49 3.03 -1.39
CA LYS A 36 -9.48 4.46 -1.10
C LYS A 36 -8.44 4.79 -0.04
N ALA A 37 -8.33 3.94 0.97
CA ALA A 37 -7.37 4.14 2.05
C ALA A 37 -5.95 3.88 1.57
N HIS A 38 -5.76 2.77 0.86
CA HIS A 38 -4.44 2.40 0.36
C HIS A 38 -3.95 3.43 -0.67
N THR A 39 -4.69 3.56 -1.76
CA THR A 39 -4.32 4.50 -2.82
C THR A 39 -3.71 5.77 -2.24
N ARG A 40 -4.30 6.26 -1.15
CA ARG A 40 -3.82 7.47 -0.50
C ARG A 40 -2.33 7.36 -0.20
N THR A 41 -1.92 6.23 0.36
CA THR A 41 -0.51 6.00 0.70
C THR A 41 0.41 6.59 -0.36
N HIS A 42 -0.04 6.57 -1.61
CA HIS A 42 0.75 7.11 -2.72
C HIS A 42 0.73 8.63 -2.70
N THR A 43 -0.46 9.21 -2.84
CA THR A 43 -0.61 10.67 -2.85
C THR A 43 -0.22 11.26 -1.51
N GLY A 44 0.47 12.40 -1.55
CA GLY A 44 0.89 13.06 -0.32
C GLY A 44 2.24 13.73 -0.46
N GLU A 45 2.90 13.98 0.67
CA GLU A 45 4.20 14.62 0.67
C GLU A 45 5.26 13.71 0.06
N LYS A 46 6.33 14.31 -0.45
CA LYS A 46 7.41 13.55 -1.06
C LYS A 46 8.64 13.52 -0.16
N PRO A 47 8.96 12.33 0.37
CA PRO A 47 10.11 12.14 1.27
C PRO A 47 11.44 12.29 0.53
N PHE A 48 11.57 11.57 -0.59
CA PHE A 48 12.80 11.62 -1.38
C PHE A 48 12.85 12.89 -2.23
N SER A 49 13.88 13.69 -2.01
CA SER A 49 14.05 14.94 -2.75
C SER A 49 15.48 15.09 -3.25
N CYS A 50 15.63 15.52 -4.50
CA CYS A 50 16.94 15.71 -5.10
C CYS A 50 17.85 16.54 -4.19
N SER A 51 17.49 17.81 -4.02
CA SER A 51 18.25 18.71 -3.18
C SER A 51 19.69 18.83 -3.68
N TRP A 52 19.84 19.04 -4.98
CA TRP A 52 21.16 19.17 -5.59
C TRP A 52 21.68 20.60 -5.46
N LYS A 53 22.92 20.81 -5.87
CA LYS A 53 23.55 22.13 -5.80
C LYS A 53 22.52 23.23 -6.04
N GLY A 54 21.73 23.07 -7.09
CA GLY A 54 20.70 24.04 -7.42
C GLY A 54 19.44 23.42 -7.96
N CYS A 55 19.05 22.29 -7.39
CA CYS A 55 17.84 21.58 -7.82
C CYS A 55 16.86 21.41 -6.65
N GLU A 56 15.59 21.67 -6.91
CA GLU A 56 14.56 21.55 -5.89
C GLU A 56 13.57 20.45 -6.26
N ARG A 57 13.93 19.63 -7.25
CA ARG A 57 13.07 18.55 -7.70
C ARG A 57 13.09 17.38 -6.70
N ARG A 58 11.98 16.67 -6.62
CA ARG A 58 11.87 15.54 -5.71
C ARG A 58 10.91 14.48 -6.25
N PHE A 59 10.77 13.38 -5.53
CA PHE A 59 9.89 12.30 -5.95
C PHE A 59 9.44 11.47 -4.74
N ALA A 60 8.34 10.76 -4.90
CA ALA A 60 7.80 9.92 -3.83
C ALA A 60 8.64 8.67 -3.65
N ARG A 61 8.87 7.94 -4.75
CA ARG A 61 9.65 6.72 -4.71
C ARG A 61 11.14 7.02 -4.89
N SER A 62 11.98 6.32 -4.13
CA SER A 62 13.41 6.51 -4.20
C SER A 62 13.93 6.18 -5.60
N ASP A 63 13.49 5.04 -6.13
CA ASP A 63 13.91 4.60 -7.46
C ASP A 63 13.80 5.74 -8.46
N GLU A 64 12.63 6.37 -8.51
CA GLU A 64 12.39 7.47 -9.44
C GLU A 64 13.45 8.55 -9.26
N LEU A 65 13.64 9.01 -8.03
CA LEU A 65 14.62 10.05 -7.74
C LEU A 65 15.98 9.70 -8.34
N SER A 66 16.56 8.60 -7.90
CA SER A 66 17.85 8.15 -8.40
C SER A 66 17.98 8.41 -9.90
N ARG A 67 16.95 8.04 -10.65
CA ARG A 67 16.94 8.22 -12.09
C ARG A 67 17.08 9.70 -12.44
N HIS A 68 16.17 10.52 -11.91
CA HIS A 68 16.19 11.96 -12.17
C HIS A 68 17.63 12.49 -12.15
N ARG A 69 18.34 12.20 -11.07
CA ARG A 69 19.72 12.66 -10.92
C ARG A 69 20.45 12.60 -12.25
N ARG A 70 20.28 11.50 -12.97
CA ARG A 70 20.93 11.32 -14.27
C ARG A 70 21.02 12.64 -15.02
N THR A 71 19.89 13.33 -15.12
CA THR A 71 19.84 14.61 -15.81
C THR A 71 21.09 15.45 -15.52
N HIS A 72 21.38 15.63 -14.23
CA HIS A 72 22.54 16.40 -13.82
C HIS A 72 23.83 15.78 -14.35
N GLY A 1 -17.26 -54.39 12.43
CA GLY A 1 -17.12 -53.11 13.10
C GLY A 1 -17.74 -51.97 12.32
N SER A 2 -17.50 -50.74 12.78
CA SER A 2 -18.04 -49.56 12.11
C SER A 2 -17.07 -48.39 12.22
N SER A 3 -17.15 -47.48 11.25
CA SER A 3 -16.27 -46.31 11.22
C SER A 3 -17.05 -45.08 10.78
N GLY A 4 -16.99 -44.03 11.61
CA GLY A 4 -17.69 -42.80 11.30
C GLY A 4 -16.76 -41.74 10.71
N SER A 5 -17.18 -40.49 10.79
CA SER A 5 -16.39 -39.38 10.27
C SER A 5 -16.18 -38.30 11.33
N SER A 6 -15.09 -37.56 11.20
CA SER A 6 -14.79 -36.50 12.16
C SER A 6 -15.45 -35.19 11.74
N GLY A 7 -15.11 -34.71 10.56
CA GLY A 7 -15.68 -33.46 10.06
C GLY A 7 -14.81 -32.79 9.02
N PRO A 8 -15.41 -32.46 7.87
CA PRO A 8 -14.69 -31.80 6.77
C PRO A 8 -14.31 -30.36 7.10
N GLN A 9 -13.12 -29.95 6.66
CA GLN A 9 -12.64 -28.60 6.92
C GLN A 9 -12.99 -27.68 5.76
N ILE A 10 -13.54 -26.51 6.09
CA ILE A 10 -13.93 -25.54 5.08
C ILE A 10 -13.27 -24.18 5.34
N ASP A 11 -12.32 -23.82 4.50
CA ASP A 11 -11.61 -22.54 4.64
C ASP A 11 -12.36 -21.43 3.91
N SER A 12 -11.88 -20.20 4.09
CA SER A 12 -12.51 -19.04 3.45
C SER A 12 -11.45 -18.03 3.01
N SER A 13 -11.77 -17.29 1.96
CA SER A 13 -10.85 -16.28 1.41
C SER A 13 -11.62 -15.13 0.79
N ARG A 14 -10.89 -14.07 0.45
CA ARG A 14 -11.50 -12.89 -0.17
C ARG A 14 -10.96 -12.68 -1.58
N ILE A 15 -11.74 -11.98 -2.40
CA ILE A 15 -11.35 -11.71 -3.77
C ILE A 15 -10.97 -10.25 -3.95
N ARG A 16 -9.66 -9.99 -4.07
CA ARG A 16 -9.17 -8.63 -4.26
C ARG A 16 -9.61 -8.06 -5.60
N SER A 17 -10.60 -7.17 -5.56
CA SER A 17 -11.12 -6.55 -6.76
C SER A 17 -10.51 -5.18 -6.98
N HIS A 18 -10.87 -4.22 -6.14
CA HIS A 18 -10.34 -2.87 -6.24
C HIS A 18 -8.82 -2.87 -6.25
N ILE A 19 -8.24 -2.56 -7.40
CA ILE A 19 -6.79 -2.52 -7.55
C ILE A 19 -6.25 -1.12 -7.30
N CYS A 20 -5.00 -1.05 -6.86
CA CYS A 20 -4.36 0.24 -6.59
C CYS A 20 -4.18 1.04 -7.88
N SER A 21 -5.04 2.02 -8.09
CA SER A 21 -4.98 2.86 -9.28
C SER A 21 -3.54 3.12 -9.68
N HIS A 22 -2.68 3.31 -8.70
CA HIS A 22 -1.26 3.57 -8.95
C HIS A 22 -0.64 2.43 -9.73
N PRO A 23 0.05 2.77 -10.83
CA PRO A 23 0.72 1.79 -11.69
C PRO A 23 1.93 1.15 -11.02
N GLY A 24 2.19 -0.10 -11.36
CA GLY A 24 3.32 -0.81 -10.77
C GLY A 24 2.96 -1.50 -9.47
N CYS A 25 2.17 -0.83 -8.64
CA CYS A 25 1.76 -1.37 -7.35
C CYS A 25 1.12 -2.75 -7.54
N GLY A 26 -0.07 -2.77 -8.14
CA GLY A 26 -0.77 -4.02 -8.37
C GLY A 26 -1.50 -4.51 -7.13
N LYS A 27 -1.06 -4.04 -5.96
CA LYS A 27 -1.67 -4.43 -4.70
C LYS A 27 -3.18 -4.21 -4.74
N THR A 28 -3.93 -5.31 -4.83
CA THR A 28 -5.39 -5.24 -4.88
C THR A 28 -5.99 -5.60 -3.54
N TYR A 29 -7.20 -5.11 -3.28
CA TYR A 29 -7.90 -5.37 -2.03
C TYR A 29 -9.37 -5.68 -2.28
N PHE A 30 -9.87 -6.74 -1.65
CA PHE A 30 -11.26 -7.14 -1.80
C PHE A 30 -12.20 -6.03 -1.34
N LYS A 31 -11.86 -5.40 -0.21
CA LYS A 31 -12.66 -4.32 0.33
C LYS A 31 -12.57 -3.06 -0.53
N SER A 32 -13.64 -2.79 -1.28
CA SER A 32 -13.67 -1.61 -2.15
C SER A 32 -13.05 -0.40 -1.47
N SER A 33 -13.61 -0.03 -0.32
CA SER A 33 -13.13 1.12 0.43
C SER A 33 -11.63 0.99 0.70
N HIS A 34 -11.24 -0.09 1.36
CA HIS A 34 -9.84 -0.33 1.69
C HIS A 34 -8.93 0.23 0.60
N LEU A 35 -9.02 -0.35 -0.59
CA LEU A 35 -8.20 0.10 -1.72
C LEU A 35 -8.04 1.61 -1.71
N LYS A 36 -9.15 2.33 -1.84
CA LYS A 36 -9.12 3.79 -1.84
C LYS A 36 -8.28 4.31 -0.68
N ALA A 37 -8.52 3.78 0.51
CA ALA A 37 -7.78 4.20 1.69
C ALA A 37 -6.28 3.97 1.51
N HIS A 38 -5.92 3.10 0.59
CA HIS A 38 -4.52 2.79 0.32
C HIS A 38 -3.96 3.74 -0.75
N THR A 39 -4.74 3.97 -1.79
CA THR A 39 -4.33 4.85 -2.88
C THR A 39 -3.67 6.12 -2.34
N ARG A 40 -4.14 6.58 -1.19
CA ARG A 40 -3.61 7.78 -0.56
C ARG A 40 -2.20 7.53 -0.03
N THR A 41 -1.96 6.32 0.47
CA THR A 41 -0.66 5.96 1.01
C THR A 41 0.47 6.54 0.16
N HIS A 42 0.26 6.57 -1.16
CA HIS A 42 1.25 7.09 -2.08
C HIS A 42 1.28 8.63 -2.04
N THR A 43 0.12 9.24 -2.29
CA THR A 43 0.00 10.68 -2.29
C THR A 43 -0.12 11.23 -0.87
N GLY A 44 0.81 12.11 -0.50
CA GLY A 44 0.79 12.69 0.83
C GLY A 44 1.67 13.91 0.95
N GLU A 45 2.58 13.90 1.91
CA GLU A 45 3.48 15.03 2.13
C GLU A 45 4.66 14.96 1.17
N LYS A 46 5.39 13.85 1.21
CA LYS A 46 6.55 13.66 0.35
C LYS A 46 6.14 13.04 -0.99
N PRO A 47 6.20 13.85 -2.06
CA PRO A 47 5.84 13.42 -3.41
C PRO A 47 6.85 12.42 -3.98
N PHE A 48 8.09 12.52 -3.54
CA PHE A 48 9.15 11.63 -4.01
C PHE A 48 9.41 10.52 -2.99
N SER A 49 9.98 9.42 -3.46
CA SER A 49 10.28 8.28 -2.60
C SER A 49 11.32 7.37 -3.25
N CYS A 50 12.04 6.63 -2.41
CA CYS A 50 13.06 5.70 -2.91
C CYS A 50 12.45 4.38 -3.33
N SER A 51 12.68 4.00 -4.58
CA SER A 51 12.15 2.75 -5.12
C SER A 51 13.09 1.59 -4.84
N TRP A 52 14.13 1.86 -4.07
CA TRP A 52 15.11 0.84 -3.72
C TRP A 52 14.46 -0.31 -2.95
N LYS A 53 15.10 -1.47 -2.98
CA LYS A 53 14.59 -2.64 -2.28
C LYS A 53 15.08 -2.67 -0.83
N GLY A 54 14.14 -2.76 0.10
CA GLY A 54 14.48 -2.81 1.50
C GLY A 54 14.65 -1.42 2.11
N CYS A 55 15.21 -0.50 1.32
CA CYS A 55 15.41 0.86 1.78
C CYS A 55 14.21 1.36 2.58
N GLU A 56 13.08 1.55 1.90
CA GLU A 56 11.87 2.01 2.55
C GLU A 56 12.06 3.42 3.13
N ARG A 57 12.74 4.27 2.37
CA ARG A 57 13.00 5.65 2.81
C ARG A 57 12.71 6.64 1.69
N ARG A 58 11.65 7.42 1.86
CA ARG A 58 11.27 8.41 0.86
C ARG A 58 11.74 9.81 1.27
N PHE A 59 11.47 10.79 0.42
CA PHE A 59 11.87 12.17 0.69
C PHE A 59 10.94 13.15 -0.02
N ALA A 60 11.07 14.43 0.32
CA ALA A 60 10.26 15.47 -0.29
C ALA A 60 10.98 16.13 -1.46
N ARG A 61 12.22 16.55 -1.22
CA ARG A 61 13.02 17.18 -2.26
C ARG A 61 13.68 16.15 -3.16
N SER A 62 14.00 16.56 -4.39
CA SER A 62 14.63 15.67 -5.35
C SER A 62 16.13 15.57 -5.10
N ASP A 63 16.75 16.70 -4.79
CA ASP A 63 18.18 16.74 -4.52
C ASP A 63 18.57 15.71 -3.46
N GLU A 64 17.93 15.80 -2.30
CA GLU A 64 18.21 14.88 -1.20
C GLU A 64 18.18 13.43 -1.69
N LEU A 65 17.20 13.11 -2.53
CA LEU A 65 17.06 11.77 -3.06
C LEU A 65 18.19 11.44 -4.03
N SER A 66 18.56 12.41 -4.85
CA SER A 66 19.64 12.22 -5.82
C SER A 66 20.92 11.78 -5.12
N ARG A 67 21.19 12.37 -3.97
CA ARG A 67 22.39 12.05 -3.20
C ARG A 67 22.16 10.81 -2.35
N HIS A 68 20.91 10.56 -1.99
CA HIS A 68 20.56 9.41 -1.17
C HIS A 68 20.37 8.17 -2.02
N ARG A 69 20.34 8.36 -3.34
CA ARG A 69 20.17 7.26 -4.28
C ARG A 69 21.51 6.74 -4.76
N ARG A 70 22.38 7.66 -5.19
CA ARG A 70 23.70 7.30 -5.68
C ARG A 70 24.54 6.66 -4.58
N THR A 71 24.24 7.02 -3.33
CA THR A 71 24.96 6.48 -2.19
C THR A 71 24.70 4.99 -2.01
N HIS A 72 23.47 4.58 -2.31
CA HIS A 72 23.09 3.17 -2.19
C HIS A 72 24.15 2.27 -2.80
N GLY A 1 -6.58 -43.65 -2.02
CA GLY A 1 -5.98 -43.78 -3.34
C GLY A 1 -4.61 -43.16 -3.40
N SER A 2 -4.27 -42.59 -4.55
CA SER A 2 -2.97 -41.96 -4.75
C SER A 2 -3.08 -40.73 -5.64
N SER A 3 -2.73 -39.57 -5.10
CA SER A 3 -2.79 -38.32 -5.84
C SER A 3 -1.75 -37.33 -5.34
N GLY A 4 -1.62 -36.21 -6.04
CA GLY A 4 -0.65 -35.20 -5.66
C GLY A 4 -1.23 -33.79 -5.70
N SER A 5 -1.29 -33.15 -4.53
CA SER A 5 -1.82 -31.80 -4.43
C SER A 5 -1.15 -31.02 -3.31
N SER A 6 -0.92 -29.73 -3.55
CA SER A 6 -0.27 -28.88 -2.56
C SER A 6 -0.73 -27.43 -2.72
N GLY A 7 -0.50 -26.62 -1.68
CA GLY A 7 -0.89 -25.23 -1.72
C GLY A 7 0.20 -24.31 -1.20
N PRO A 8 0.77 -23.49 -2.09
CA PRO A 8 1.83 -22.54 -1.73
C PRO A 8 1.32 -21.40 -0.85
N GLN A 9 2.20 -20.46 -0.54
CA GLN A 9 1.84 -19.32 0.29
C GLN A 9 0.75 -18.48 -0.38
N ILE A 10 -0.30 -18.18 0.37
CA ILE A 10 -1.41 -17.38 -0.15
C ILE A 10 -1.48 -16.02 0.53
N ASP A 11 -2.14 -15.07 -0.13
CA ASP A 11 -2.27 -13.73 0.42
C ASP A 11 -3.24 -13.72 1.60
N SER A 12 -3.07 -12.75 2.50
CA SER A 12 -3.93 -12.65 3.67
C SER A 12 -5.39 -12.80 3.29
N SER A 13 -5.85 -11.95 2.37
CA SER A 13 -7.24 -11.98 1.92
C SER A 13 -7.36 -12.73 0.60
N ARG A 14 -8.21 -13.75 0.57
CA ARG A 14 -8.42 -14.55 -0.63
C ARG A 14 -9.41 -13.86 -1.57
N ILE A 15 -9.65 -12.58 -1.32
CA ILE A 15 -10.58 -11.82 -2.16
C ILE A 15 -10.10 -10.38 -2.32
N ARG A 16 -9.91 -9.99 -3.57
CA ARG A 16 -9.45 -8.63 -3.88
C ARG A 16 -9.97 -8.17 -5.24
N SER A 17 -10.92 -7.24 -5.23
CA SER A 17 -11.50 -6.72 -6.46
C SER A 17 -10.85 -5.40 -6.86
N HIS A 18 -11.05 -4.38 -6.03
CA HIS A 18 -10.49 -3.06 -6.29
C HIS A 18 -8.99 -3.16 -6.55
N ILE A 19 -8.59 -3.02 -7.81
CA ILE A 19 -7.19 -3.09 -8.20
C ILE A 19 -6.52 -1.73 -8.04
N CYS A 20 -5.30 -1.74 -7.52
CA CYS A 20 -4.55 -0.50 -7.33
C CYS A 20 -4.19 0.13 -8.67
N SER A 21 -4.80 1.28 -8.96
CA SER A 21 -4.56 1.98 -10.21
C SER A 21 -3.11 1.82 -10.65
N HIS A 22 -2.19 2.08 -9.73
CA HIS A 22 -0.76 1.97 -10.01
C HIS A 22 -0.40 0.54 -10.38
N PRO A 23 0.13 0.35 -11.60
CA PRO A 23 0.53 -0.96 -12.10
C PRO A 23 1.76 -1.51 -11.39
N GLY A 24 2.80 -0.68 -11.29
CA GLY A 24 4.02 -1.11 -10.62
C GLY A 24 3.76 -1.67 -9.24
N CYS A 25 2.78 -1.11 -8.55
CA CYS A 25 2.43 -1.57 -7.21
C CYS A 25 1.88 -2.99 -7.25
N GLY A 26 0.80 -3.17 -8.00
CA GLY A 26 0.18 -4.48 -8.11
C GLY A 26 -0.48 -4.91 -6.81
N LYS A 27 -1.33 -4.06 -6.26
CA LYS A 27 -2.03 -4.36 -5.03
C LYS A 27 -3.54 -4.26 -5.21
N THR A 28 -4.27 -5.21 -4.62
CA THR A 28 -5.72 -5.23 -4.72
C THR A 28 -6.36 -5.57 -3.38
N TYR A 29 -7.56 -5.06 -3.15
CA TYR A 29 -8.28 -5.31 -1.91
C TYR A 29 -9.78 -5.52 -2.18
N PHE A 30 -10.37 -6.44 -1.44
CA PHE A 30 -11.80 -6.72 -1.59
C PHE A 30 -12.64 -5.51 -1.21
N LYS A 31 -12.47 -5.03 0.02
CA LYS A 31 -13.22 -3.87 0.49
C LYS A 31 -13.08 -2.70 -0.46
N SER A 32 -14.10 -2.47 -1.27
CA SER A 32 -14.10 -1.38 -2.23
C SER A 32 -13.49 -0.13 -1.62
N SER A 33 -13.64 0.03 -0.31
CA SER A 33 -13.12 1.19 0.39
C SER A 33 -11.62 1.06 0.61
N HIS A 34 -11.20 -0.10 1.11
CA HIS A 34 -9.78 -0.35 1.36
C HIS A 34 -8.91 0.37 0.33
N LEU A 35 -9.14 0.07 -0.94
CA LEU A 35 -8.36 0.68 -2.02
C LEU A 35 -8.14 2.17 -1.74
N LYS A 36 -9.22 2.89 -1.51
CA LYS A 36 -9.14 4.32 -1.23
C LYS A 36 -8.09 4.61 -0.16
N ALA A 37 -8.06 3.78 0.87
CA ALA A 37 -7.10 3.94 1.96
C ALA A 37 -5.69 3.58 1.51
N HIS A 38 -5.60 2.55 0.67
CA HIS A 38 -4.30 2.11 0.16
C HIS A 38 -3.74 3.10 -0.85
N THR A 39 -4.64 3.87 -1.47
CA THR A 39 -4.24 4.85 -2.46
C THR A 39 -3.86 6.17 -1.81
N ARG A 40 -4.48 6.46 -0.67
CA ARG A 40 -4.20 7.70 0.06
C ARG A 40 -2.70 7.95 0.15
N THR A 41 -1.96 6.94 0.58
CA THR A 41 -0.51 7.05 0.72
C THR A 41 0.15 7.32 -0.63
N HIS A 42 -0.26 6.56 -1.65
CA HIS A 42 0.29 6.72 -2.99
C HIS A 42 0.35 8.19 -3.38
N THR A 43 -0.77 8.89 -3.21
CA THR A 43 -0.84 10.30 -3.55
C THR A 43 -0.28 11.17 -2.43
N GLY A 44 -0.88 11.08 -1.26
CA GLY A 44 -0.42 11.87 -0.12
C GLY A 44 -1.56 12.45 0.69
N GLU A 45 -1.40 13.69 1.13
CA GLU A 45 -2.42 14.35 1.93
C GLU A 45 -3.44 15.06 1.04
N LYS A 46 -2.97 16.07 0.32
CA LYS A 46 -3.84 16.83 -0.58
C LYS A 46 -4.61 15.90 -1.51
N PRO A 47 -5.92 15.74 -1.24
CA PRO A 47 -6.79 14.88 -2.03
C PRO A 47 -7.05 15.45 -3.42
N PHE A 48 -7.00 16.77 -3.54
CA PHE A 48 -7.23 17.44 -4.81
C PHE A 48 -5.97 17.44 -5.66
N SER A 49 -5.03 16.56 -5.32
CA SER A 49 -3.77 16.47 -6.06
C SER A 49 -4.03 16.17 -7.53
N CYS A 50 -3.45 16.99 -8.40
CA CYS A 50 -3.61 16.82 -9.84
C CYS A 50 -3.28 15.40 -10.26
N SER A 51 -3.91 14.94 -11.34
CA SER A 51 -3.70 13.59 -11.84
C SER A 51 -2.98 13.63 -13.18
N TRP A 52 -2.36 14.76 -13.49
CA TRP A 52 -1.64 14.93 -14.75
C TRP A 52 -0.21 14.41 -14.62
N LYS A 53 0.49 14.33 -15.75
CA LYS A 53 1.86 13.85 -15.76
C LYS A 53 2.85 15.02 -15.79
N GLY A 54 2.89 15.73 -16.91
CA GLY A 54 3.78 16.86 -17.04
C GLY A 54 3.63 17.85 -15.90
N CYS A 55 2.39 18.27 -15.64
CA CYS A 55 2.12 19.22 -14.57
C CYS A 55 2.67 18.72 -13.24
N GLU A 56 2.08 17.64 -12.73
CA GLU A 56 2.53 17.06 -11.47
C GLU A 56 2.42 18.08 -10.33
N ARG A 57 1.30 18.78 -10.28
CA ARG A 57 1.07 19.79 -9.26
C ARG A 57 -0.13 19.42 -8.37
N ARG A 58 0.15 19.08 -7.12
CA ARG A 58 -0.90 18.70 -6.18
C ARG A 58 -1.37 19.91 -5.37
N PHE A 59 -2.55 19.79 -4.78
CA PHE A 59 -3.11 20.87 -3.98
C PHE A 59 -4.05 20.32 -2.91
N ALA A 60 -3.82 20.73 -1.66
CA ALA A 60 -4.64 20.28 -0.55
C ALA A 60 -6.01 20.96 -0.57
N ARG A 61 -6.05 22.17 -1.12
CA ARG A 61 -7.31 22.93 -1.21
C ARG A 61 -8.13 22.48 -2.41
N SER A 62 -9.43 22.77 -2.36
CA SER A 62 -10.33 22.40 -3.45
C SER A 62 -10.28 23.42 -4.58
N ASP A 63 -10.72 24.64 -4.29
CA ASP A 63 -10.72 25.71 -5.27
C ASP A 63 -9.46 25.66 -6.13
N GLU A 64 -8.31 25.54 -5.48
CA GLU A 64 -7.04 25.49 -6.18
C GLU A 64 -7.12 24.57 -7.40
N LEU A 65 -7.54 23.33 -7.17
CA LEU A 65 -7.68 22.35 -8.25
C LEU A 65 -8.70 22.82 -9.28
N SER A 66 -9.86 23.26 -8.81
CA SER A 66 -10.92 23.73 -9.69
C SER A 66 -10.38 24.75 -10.69
N ARG A 67 -9.72 25.78 -10.17
CA ARG A 67 -9.16 26.82 -11.02
C ARG A 67 -7.88 26.34 -11.72
N HIS A 68 -7.19 25.40 -11.07
CA HIS A 68 -5.97 24.85 -11.62
C HIS A 68 -6.27 23.86 -12.74
N ARG A 69 -7.49 23.35 -12.77
CA ARG A 69 -7.90 22.39 -13.78
C ARG A 69 -8.44 23.11 -15.01
N ARG A 70 -9.42 23.99 -14.80
CA ARG A 70 -10.03 24.74 -15.90
C ARG A 70 -8.95 25.35 -16.79
N THR A 71 -7.74 25.49 -16.25
CA THR A 71 -6.64 26.07 -17.00
C THR A 71 -5.99 25.03 -17.90
N HIS A 72 -5.91 23.79 -17.41
CA HIS A 72 -5.31 22.71 -18.18
C HIS A 72 -5.96 22.58 -19.55
N GLY A 1 -10.63 -46.13 -18.71
CA GLY A 1 -10.51 -45.15 -17.65
C GLY A 1 -11.80 -44.40 -17.40
N SER A 2 -12.86 -45.14 -17.08
CA SER A 2 -14.16 -44.54 -16.82
C SER A 2 -14.28 -44.10 -15.36
N SER A 3 -13.13 -43.98 -14.69
CA SER A 3 -13.10 -43.57 -13.29
C SER A 3 -13.21 -42.05 -13.18
N GLY A 4 -13.27 -41.56 -11.94
CA GLY A 4 -13.38 -40.14 -11.71
C GLY A 4 -12.35 -39.63 -10.71
N SER A 5 -12.03 -38.35 -10.79
CA SER A 5 -11.05 -37.75 -9.89
C SER A 5 -11.68 -36.58 -9.13
N SER A 6 -11.49 -36.59 -7.81
CA SER A 6 -12.03 -35.54 -6.96
C SER A 6 -11.00 -34.43 -6.74
N GLY A 7 -11.46 -33.31 -6.16
CA GLY A 7 -10.56 -32.19 -5.91
C GLY A 7 -11.04 -31.32 -4.77
N PRO A 8 -10.64 -30.04 -4.81
CA PRO A 8 -11.03 -29.07 -3.78
C PRO A 8 -12.51 -28.72 -3.82
N GLN A 9 -13.22 -28.98 -2.73
CA GLN A 9 -14.65 -28.70 -2.65
C GLN A 9 -14.91 -27.22 -2.85
N ILE A 10 -14.09 -26.38 -2.24
CA ILE A 10 -14.23 -24.93 -2.35
C ILE A 10 -12.88 -24.25 -2.51
N ASP A 11 -12.88 -23.09 -3.16
CA ASP A 11 -11.65 -22.33 -3.38
C ASP A 11 -11.35 -21.44 -2.17
N SER A 12 -10.14 -20.90 -2.15
CA SER A 12 -9.71 -20.03 -1.06
C SER A 12 -8.91 -18.84 -1.58
N SER A 13 -9.34 -17.64 -1.24
CA SER A 13 -8.67 -16.43 -1.68
C SER A 13 -9.18 -15.21 -0.92
N ARG A 14 -8.41 -14.12 -0.95
CA ARG A 14 -8.79 -12.89 -0.26
C ARG A 14 -9.90 -12.16 -1.02
N ILE A 15 -10.14 -12.59 -2.26
CA ILE A 15 -11.17 -11.98 -3.09
C ILE A 15 -10.87 -10.50 -3.33
N ARG A 16 -9.64 -10.21 -3.71
CA ARG A 16 -9.22 -8.84 -3.97
C ARG A 16 -9.79 -8.34 -5.30
N SER A 17 -10.76 -7.44 -5.22
CA SER A 17 -11.40 -6.90 -6.42
C SER A 17 -10.79 -5.54 -6.78
N HIS A 18 -10.98 -4.56 -5.91
CA HIS A 18 -10.45 -3.22 -6.14
C HIS A 18 -8.95 -3.27 -6.43
N ILE A 19 -8.60 -3.11 -7.70
CA ILE A 19 -7.20 -3.14 -8.12
C ILE A 19 -6.56 -1.76 -8.00
N CYS A 20 -5.36 -1.72 -7.44
CA CYS A 20 -4.64 -0.47 -7.26
C CYS A 20 -4.44 0.25 -8.60
N SER A 21 -4.68 1.55 -8.62
CA SER A 21 -4.54 2.34 -9.83
C SER A 21 -3.07 2.58 -10.16
N HIS A 22 -2.29 2.93 -9.15
CA HIS A 22 -0.86 3.17 -9.31
C HIS A 22 -0.18 1.98 -9.97
N PRO A 23 0.55 2.24 -11.06
CA PRO A 23 1.28 1.20 -11.80
C PRO A 23 2.46 0.65 -11.01
N GLY A 24 2.87 -0.57 -11.35
CA GLY A 24 3.99 -1.18 -10.67
C GLY A 24 3.61 -1.74 -9.30
N CYS A 25 2.83 -0.97 -8.55
CA CYS A 25 2.39 -1.40 -7.23
C CYS A 25 1.78 -2.79 -7.27
N GLY A 26 0.94 -3.03 -8.28
CA GLY A 26 0.30 -4.31 -8.42
C GLY A 26 -0.30 -4.81 -7.12
N LYS A 27 -1.17 -4.01 -6.53
CA LYS A 27 -1.82 -4.37 -5.28
C LYS A 27 -3.34 -4.38 -5.42
N THR A 28 -4.01 -5.10 -4.53
CA THR A 28 -5.46 -5.19 -4.56
C THR A 28 -6.03 -5.49 -3.18
N TYR A 29 -7.25 -5.05 -2.93
CA TYR A 29 -7.90 -5.25 -1.65
C TYR A 29 -9.39 -5.55 -1.83
N PHE A 30 -9.82 -6.71 -1.37
CA PHE A 30 -11.22 -7.12 -1.48
C PHE A 30 -12.14 -5.97 -1.10
N LYS A 31 -11.89 -5.37 0.05
CA LYS A 31 -12.70 -4.26 0.54
C LYS A 31 -12.71 -3.12 -0.47
N SER A 32 -13.90 -2.70 -0.88
CA SER A 32 -14.05 -1.62 -1.85
C SER A 32 -13.45 -0.32 -1.30
N SER A 33 -13.68 -0.06 -0.02
CA SER A 33 -13.16 1.14 0.62
C SER A 33 -11.65 1.07 0.77
N HIS A 34 -11.16 -0.07 1.24
CA HIS A 34 -9.73 -0.27 1.44
C HIS A 34 -8.92 0.50 0.39
N LEU A 35 -9.13 0.16 -0.88
CA LEU A 35 -8.43 0.83 -1.97
C LEU A 35 -8.30 2.33 -1.71
N LYS A 36 -9.43 2.99 -1.58
CA LYS A 36 -9.45 4.43 -1.32
C LYS A 36 -8.45 4.80 -0.24
N ALA A 37 -8.38 3.99 0.81
CA ALA A 37 -7.46 4.23 1.91
C ALA A 37 -6.01 3.97 1.48
N HIS A 38 -5.81 2.92 0.70
CA HIS A 38 -4.49 2.56 0.22
C HIS A 38 -3.95 3.63 -0.73
N THR A 39 -4.68 3.87 -1.82
CA THR A 39 -4.27 4.88 -2.80
C THR A 39 -3.72 6.12 -2.12
N ARG A 40 -4.29 6.46 -0.97
CA ARG A 40 -3.86 7.64 -0.23
C ARG A 40 -2.41 7.50 0.22
N THR A 41 -2.05 6.30 0.65
CA THR A 41 -0.68 6.03 1.11
C THR A 41 0.34 6.44 0.05
N HIS A 42 0.03 6.14 -1.21
CA HIS A 42 0.91 6.47 -2.32
C HIS A 42 1.40 7.92 -2.21
N THR A 43 0.46 8.83 -1.97
CA THR A 43 0.79 10.25 -1.86
C THR A 43 1.54 10.74 -3.08
N GLY A 44 1.15 10.26 -4.25
CA GLY A 44 1.79 10.66 -5.49
C GLY A 44 1.38 12.05 -5.93
N GLU A 45 0.50 12.12 -6.92
CA GLU A 45 0.02 13.40 -7.44
C GLU A 45 -1.48 13.54 -7.24
N LYS A 46 -1.98 14.76 -7.42
CA LYS A 46 -3.40 15.03 -7.25
C LYS A 46 -3.86 14.73 -5.83
N PRO A 47 -3.09 15.21 -4.85
CA PRO A 47 -3.40 15.01 -3.43
C PRO A 47 -4.62 15.79 -2.98
N PHE A 48 -5.26 16.48 -3.93
CA PHE A 48 -6.45 17.27 -3.63
C PHE A 48 -7.57 16.94 -4.60
N SER A 49 -8.81 17.12 -4.14
CA SER A 49 -9.98 16.84 -4.97
C SER A 49 -11.21 17.59 -4.45
N CYS A 50 -12.19 17.78 -5.33
CA CYS A 50 -13.41 18.49 -4.97
C CYS A 50 -14.60 17.52 -4.89
N SER A 51 -15.14 17.36 -3.70
CA SER A 51 -16.28 16.46 -3.49
C SER A 51 -17.59 17.17 -3.80
N TRP A 52 -18.24 16.75 -4.88
CA TRP A 52 -19.51 17.35 -5.28
C TRP A 52 -20.17 16.53 -6.37
N LYS A 53 -21.37 16.95 -6.78
CA LYS A 53 -22.11 16.25 -7.82
C LYS A 53 -21.93 16.94 -9.18
N GLY A 54 -21.30 16.22 -10.11
CA GLY A 54 -21.07 16.78 -11.43
C GLY A 54 -19.69 17.38 -11.58
N CYS A 55 -19.24 18.09 -10.56
CA CYS A 55 -17.92 18.72 -10.59
C CYS A 55 -16.83 17.68 -10.77
N GLU A 56 -16.72 16.75 -9.82
CA GLU A 56 -15.72 15.70 -9.87
C GLU A 56 -14.42 16.22 -10.46
N ARG A 57 -14.04 17.43 -10.08
CA ARG A 57 -12.82 18.05 -10.57
C ARG A 57 -11.74 18.05 -9.50
N ARG A 58 -10.61 17.41 -9.80
CA ARG A 58 -9.49 17.33 -8.87
C ARG A 58 -8.34 18.25 -9.29
N PHE A 59 -7.38 18.43 -8.41
CA PHE A 59 -6.23 19.29 -8.70
C PHE A 59 -4.99 18.81 -7.94
N ALA A 60 -3.83 19.30 -8.36
CA ALA A 60 -2.58 18.92 -7.72
C ALA A 60 -2.21 19.89 -6.59
N ARG A 61 -2.30 21.19 -6.88
CA ARG A 61 -1.98 22.20 -5.89
C ARG A 61 -3.25 22.70 -5.21
N SER A 62 -3.17 22.87 -3.89
CA SER A 62 -4.31 23.33 -3.11
C SER A 62 -4.81 24.67 -3.63
N ASP A 63 -3.89 25.62 -3.80
CA ASP A 63 -4.24 26.95 -4.30
C ASP A 63 -5.32 26.86 -5.38
N GLU A 64 -5.06 26.04 -6.39
CA GLU A 64 -6.01 25.87 -7.49
C GLU A 64 -7.39 25.50 -6.97
N LEU A 65 -7.45 24.43 -6.17
CA LEU A 65 -8.71 23.98 -5.60
C LEU A 65 -9.39 25.09 -4.80
N SER A 66 -8.66 25.61 -3.81
CA SER A 66 -9.18 26.68 -2.96
C SER A 66 -9.98 27.68 -3.79
N ARG A 67 -9.37 28.19 -4.86
CA ARG A 67 -10.03 29.16 -5.72
C ARG A 67 -11.23 28.53 -6.43
N HIS A 68 -10.98 27.48 -7.20
CA HIS A 68 -12.03 26.80 -7.93
C HIS A 68 -13.28 26.64 -7.06
N ARG A 69 -13.09 26.14 -5.85
CA ARG A 69 -14.21 25.95 -4.92
C ARG A 69 -15.23 27.08 -5.06
N ARG A 70 -14.74 28.31 -5.16
CA ARG A 70 -15.61 29.46 -5.29
C ARG A 70 -16.84 29.13 -6.12
N THR A 71 -16.63 28.47 -7.26
CA THR A 71 -17.72 28.10 -8.14
C THR A 71 -18.93 27.61 -7.34
N HIS A 72 -18.67 26.73 -6.38
CA HIS A 72 -19.75 26.20 -5.54
C HIS A 72 -20.06 27.14 -4.38
N GLY A 1 -21.42 6.84 26.08
CA GLY A 1 -20.30 5.96 26.35
C GLY A 1 -19.43 5.73 25.12
N SER A 2 -18.18 5.32 25.35
CA SER A 2 -17.26 5.07 24.26
C SER A 2 -16.17 4.10 24.69
N SER A 3 -15.92 3.10 23.86
CA SER A 3 -14.90 2.09 24.15
C SER A 3 -14.62 1.23 22.92
N GLY A 4 -13.42 0.67 22.87
CA GLY A 4 -13.03 -0.16 21.75
C GLY A 4 -11.55 -0.47 21.73
N SER A 5 -11.14 -1.35 20.82
CA SER A 5 -9.74 -1.74 20.71
C SER A 5 -9.47 -2.41 19.36
N SER A 6 -8.20 -2.39 18.94
CA SER A 6 -7.81 -2.99 17.68
C SER A 6 -6.99 -4.25 17.91
N GLY A 7 -6.61 -4.91 16.81
CA GLY A 7 -5.82 -6.13 16.92
C GLY A 7 -4.76 -6.22 15.84
N PRO A 8 -4.24 -7.44 15.63
CA PRO A 8 -3.20 -7.69 14.62
C PRO A 8 -3.73 -7.56 13.19
N GLN A 9 -2.87 -7.82 12.22
CA GLN A 9 -3.25 -7.73 10.81
C GLN A 9 -2.95 -9.03 10.08
N ILE A 10 -3.77 -9.36 9.10
CA ILE A 10 -3.59 -10.58 8.32
C ILE A 10 -3.37 -10.26 6.85
N ASP A 11 -3.13 -11.31 6.05
CA ASP A 11 -2.91 -11.14 4.62
C ASP A 11 -4.24 -11.08 3.87
N SER A 12 -4.16 -10.88 2.56
CA SER A 12 -5.36 -10.81 1.73
C SER A 12 -5.92 -12.20 1.45
N SER A 13 -6.97 -12.56 2.17
CA SER A 13 -7.60 -13.87 2.00
C SER A 13 -8.81 -13.78 1.07
N ARG A 14 -9.69 -12.83 1.36
CA ARG A 14 -10.89 -12.64 0.56
C ARG A 14 -10.54 -12.33 -0.89
N ILE A 15 -11.56 -12.18 -1.73
CA ILE A 15 -11.36 -11.89 -3.14
C ILE A 15 -11.05 -10.41 -3.35
N ARG A 16 -9.80 -10.10 -3.69
CA ARG A 16 -9.38 -8.73 -3.92
C ARG A 16 -9.94 -8.21 -5.24
N SER A 17 -10.91 -7.31 -5.17
CA SER A 17 -11.53 -6.73 -6.36
C SER A 17 -10.92 -5.38 -6.68
N HIS A 18 -11.18 -4.40 -5.83
CA HIS A 18 -10.66 -3.05 -6.03
C HIS A 18 -9.15 -3.08 -6.25
N ILE A 19 -8.73 -2.85 -7.49
CA ILE A 19 -7.31 -2.86 -7.83
C ILE A 19 -6.69 -1.48 -7.60
N CYS A 20 -5.41 -1.47 -7.24
CA CYS A 20 -4.69 -0.22 -7.00
C CYS A 20 -4.49 0.55 -8.30
N SER A 21 -5.12 1.71 -8.39
CA SER A 21 -5.02 2.55 -9.58
C SER A 21 -3.62 2.48 -10.18
N HIS A 22 -2.62 2.84 -9.37
CA HIS A 22 -1.23 2.80 -9.82
C HIS A 22 -0.83 1.39 -10.24
N PRO A 23 -0.45 1.24 -11.52
CA PRO A 23 -0.04 -0.05 -12.08
C PRO A 23 1.30 -0.52 -11.53
N GLY A 24 2.29 0.38 -11.55
CA GLY A 24 3.61 0.04 -11.06
C GLY A 24 3.56 -0.66 -9.71
N CYS A 25 2.64 -0.22 -8.85
CA CYS A 25 2.50 -0.80 -7.53
C CYS A 25 2.05 -2.25 -7.61
N GLY A 26 0.83 -2.46 -8.09
CA GLY A 26 0.29 -3.80 -8.22
C GLY A 26 -0.23 -4.35 -6.91
N LYS A 27 -1.43 -3.92 -6.53
CA LYS A 27 -2.05 -4.36 -5.28
C LYS A 27 -3.57 -4.34 -5.39
N THR A 28 -4.23 -5.12 -4.53
CA THR A 28 -5.68 -5.19 -4.53
C THR A 28 -6.21 -5.61 -3.16
N TYR A 29 -7.43 -5.17 -2.84
CA TYR A 29 -8.04 -5.51 -1.56
C TYR A 29 -9.55 -5.71 -1.72
N PHE A 30 -10.04 -6.86 -1.28
CA PHE A 30 -11.46 -7.18 -1.37
C PHE A 30 -12.31 -5.99 -0.94
N LYS A 31 -11.96 -5.41 0.21
CA LYS A 31 -12.69 -4.27 0.75
C LYS A 31 -12.60 -3.08 -0.21
N SER A 32 -13.75 -2.70 -0.78
CA SER A 32 -13.80 -1.58 -1.71
C SER A 32 -13.11 -0.35 -1.12
N SER A 33 -13.69 0.18 -0.04
CA SER A 33 -13.13 1.36 0.62
C SER A 33 -11.62 1.20 0.83
N HIS A 34 -11.23 0.12 1.48
CA HIS A 34 -9.82 -0.15 1.76
C HIS A 34 -8.94 0.37 0.61
N LEU A 35 -9.07 -0.28 -0.55
CA LEU A 35 -8.28 0.11 -1.72
C LEU A 35 -8.09 1.63 -1.76
N LYS A 36 -9.16 2.35 -1.98
CA LYS A 36 -9.11 3.81 -2.06
C LYS A 36 -8.13 4.36 -1.02
N ALA A 37 -8.13 3.77 0.17
CA ALA A 37 -7.23 4.20 1.23
C ALA A 37 -5.78 3.88 0.89
N HIS A 38 -5.55 2.66 0.42
CA HIS A 38 -4.21 2.22 0.05
C HIS A 38 -3.60 3.14 -1.01
N THR A 39 -4.45 3.95 -1.64
CA THR A 39 -4.00 4.87 -2.67
C THR A 39 -3.58 6.21 -2.07
N ARG A 40 -4.28 6.63 -1.02
CA ARG A 40 -3.98 7.89 -0.36
C ARG A 40 -2.71 7.78 0.47
N THR A 41 -2.25 6.55 0.67
CA THR A 41 -1.04 6.31 1.44
C THR A 41 0.20 6.35 0.56
N HIS A 42 -0.01 6.28 -0.75
CA HIS A 42 1.09 6.32 -1.71
C HIS A 42 1.78 7.68 -1.68
N THR A 43 0.99 8.75 -1.69
CA THR A 43 1.52 10.10 -1.67
C THR A 43 2.52 10.29 -0.55
N GLY A 44 2.19 9.75 0.63
CA GLY A 44 3.07 9.87 1.78
C GLY A 44 4.47 9.38 1.48
N GLU A 45 5.41 9.75 2.34
CA GLU A 45 6.80 9.34 2.16
C GLU A 45 7.21 8.32 3.21
N LYS A 46 8.05 7.37 2.82
CA LYS A 46 8.51 6.33 3.73
C LYS A 46 10.02 6.09 3.56
N PRO A 47 10.81 6.64 4.49
CA PRO A 47 12.27 6.49 4.47
C PRO A 47 12.71 5.06 4.77
N PHE A 48 12.03 4.42 5.71
CA PHE A 48 12.35 3.05 6.09
C PHE A 48 11.64 2.05 5.19
N SER A 49 12.39 1.10 4.64
CA SER A 49 11.83 0.09 3.76
C SER A 49 12.56 -1.24 3.93
N CYS A 50 11.83 -2.25 4.39
CA CYS A 50 12.41 -3.58 4.58
C CYS A 50 13.13 -4.06 3.33
N SER A 51 14.14 -4.89 3.52
CA SER A 51 14.92 -5.43 2.40
C SER A 51 14.83 -6.95 2.36
N TRP A 52 14.10 -7.46 1.37
CA TRP A 52 13.93 -8.90 1.22
C TRP A 52 13.43 -9.24 -0.18
N LYS A 53 13.36 -10.53 -0.49
CA LYS A 53 12.89 -10.99 -1.78
C LYS A 53 11.41 -11.35 -1.74
N GLY A 54 10.58 -10.55 -2.38
CA GLY A 54 9.15 -10.80 -2.40
C GLY A 54 8.39 -9.87 -1.48
N CYS A 55 8.85 -9.74 -0.25
CA CYS A 55 8.21 -8.87 0.74
C CYS A 55 7.97 -7.48 0.16
N GLU A 56 9.05 -6.74 -0.08
CA GLU A 56 8.95 -5.40 -0.63
C GLU A 56 8.02 -4.53 0.21
N ARG A 57 8.19 -4.60 1.53
CA ARG A 57 7.37 -3.82 2.45
C ARG A 57 8.18 -2.70 3.10
N ARG A 58 7.51 -1.61 3.43
CA ARG A 58 8.17 -0.47 4.05
C ARG A 58 7.25 0.21 5.06
N PHE A 59 7.79 1.19 5.77
CA PHE A 59 7.01 1.92 6.77
C PHE A 59 7.54 3.35 6.94
N ALA A 60 6.88 4.11 7.79
CA ALA A 60 7.29 5.50 8.04
C ALA A 60 8.16 5.59 9.29
N ARG A 61 7.81 4.82 10.32
CA ARG A 61 8.56 4.83 11.56
C ARG A 61 9.59 3.71 11.58
N SER A 62 10.73 3.99 12.21
CA SER A 62 11.81 3.01 12.29
C SER A 62 11.44 1.86 13.25
N ASP A 63 10.49 2.13 14.13
CA ASP A 63 10.05 1.12 15.09
C ASP A 63 9.09 0.14 14.44
N GLU A 64 8.14 0.66 13.67
CA GLU A 64 7.15 -0.18 13.00
C GLU A 64 7.82 -1.08 11.96
N LEU A 65 8.81 -0.52 11.26
CA LEU A 65 9.53 -1.27 10.24
C LEU A 65 10.44 -2.31 10.88
N SER A 66 11.41 -1.85 11.65
CA SER A 66 12.35 -2.74 12.32
C SER A 66 11.63 -3.96 12.90
N ARG A 67 10.54 -3.69 13.63
CA ARG A 67 9.76 -4.75 14.24
C ARG A 67 9.30 -5.77 13.21
N HIS A 68 8.97 -5.28 12.02
CA HIS A 68 8.51 -6.14 10.93
C HIS A 68 9.67 -6.93 10.34
N ARG A 69 10.89 -6.46 10.59
CA ARG A 69 12.09 -7.12 10.07
C ARG A 69 12.46 -8.32 10.95
N ARG A 70 12.52 -8.09 12.26
CA ARG A 70 12.87 -9.15 13.20
C ARG A 70 11.89 -10.31 13.10
N THR A 71 10.65 -10.01 12.75
CA THR A 71 9.61 -11.03 12.61
C THR A 71 9.98 -12.03 11.52
N HIS A 72 10.37 -11.51 10.35
CA HIS A 72 10.75 -12.37 9.24
C HIS A 72 11.43 -13.64 9.72
N GLY A 1 -16.30 -44.51 -30.33
CA GLY A 1 -15.74 -43.31 -29.74
C GLY A 1 -16.67 -42.66 -28.75
N SER A 2 -16.11 -41.85 -27.85
CA SER A 2 -16.91 -41.16 -26.84
C SER A 2 -16.15 -39.96 -26.28
N SER A 3 -16.89 -39.03 -25.68
CA SER A 3 -16.28 -37.84 -25.10
C SER A 3 -16.59 -37.74 -23.61
N GLY A 4 -15.95 -36.79 -22.94
CA GLY A 4 -16.16 -36.62 -21.51
C GLY A 4 -16.90 -35.33 -21.19
N SER A 5 -16.67 -34.81 -19.99
CA SER A 5 -17.32 -33.58 -19.55
C SER A 5 -16.47 -32.85 -18.53
N SER A 6 -16.80 -31.57 -18.29
CA SER A 6 -16.06 -30.76 -17.33
C SER A 6 -16.82 -30.66 -16.01
N GLY A 7 -16.19 -30.03 -15.03
CA GLY A 7 -16.82 -29.87 -13.73
C GLY A 7 -16.50 -28.54 -13.08
N PRO A 8 -16.42 -28.53 -11.74
CA PRO A 8 -16.12 -27.32 -10.97
C PRO A 8 -14.68 -26.86 -11.15
N GLN A 9 -14.47 -25.55 -11.11
CA GLN A 9 -13.13 -24.98 -11.27
C GLN A 9 -13.01 -23.67 -10.51
N ILE A 10 -12.12 -23.64 -9.52
CA ILE A 10 -11.91 -22.44 -8.72
C ILE A 10 -10.53 -21.84 -8.98
N ASP A 11 -10.48 -20.52 -9.11
CA ASP A 11 -9.22 -19.84 -9.35
C ASP A 11 -8.18 -20.20 -8.29
N SER A 12 -6.91 -19.96 -8.61
CA SER A 12 -5.83 -20.27 -7.69
C SER A 12 -5.43 -19.03 -6.88
N SER A 13 -5.28 -17.90 -7.57
CA SER A 13 -4.90 -16.65 -6.92
C SER A 13 -6.03 -16.16 -6.02
N ARG A 14 -5.64 -15.62 -4.86
CA ARG A 14 -6.62 -15.10 -3.91
C ARG A 14 -7.58 -14.12 -4.58
N ILE A 15 -8.72 -13.89 -3.95
CA ILE A 15 -9.71 -12.96 -4.49
C ILE A 15 -9.14 -11.56 -4.66
N ARG A 16 -9.47 -10.92 -5.77
CA ARG A 16 -8.98 -9.58 -6.06
C ARG A 16 -10.02 -8.78 -6.83
N SER A 17 -10.70 -7.87 -6.13
CA SER A 17 -11.72 -7.04 -6.76
C SER A 17 -11.15 -5.67 -7.15
N HIS A 18 -10.98 -4.81 -6.15
CA HIS A 18 -10.44 -3.47 -6.38
C HIS A 18 -8.95 -3.53 -6.68
N ILE A 19 -8.59 -3.41 -7.96
CA ILE A 19 -7.20 -3.44 -8.38
C ILE A 19 -6.67 -2.04 -8.62
N CYS A 20 -5.73 -1.61 -7.78
CA CYS A 20 -5.14 -0.29 -7.91
C CYS A 20 -4.82 0.02 -9.37
N SER A 21 -4.43 -1.01 -10.12
CA SER A 21 -4.09 -0.85 -11.52
C SER A 21 -3.01 0.22 -11.71
N HIS A 22 -2.10 0.30 -10.74
CA HIS A 22 -1.01 1.27 -10.78
C HIS A 22 0.32 0.58 -11.07
N PRO A 23 1.16 1.22 -11.90
CA PRO A 23 2.47 0.70 -12.27
C PRO A 23 3.45 0.70 -11.10
N GLY A 24 3.88 -0.49 -10.69
CA GLY A 24 4.82 -0.61 -9.59
C GLY A 24 4.14 -1.07 -8.31
N CYS A 25 3.01 -0.46 -7.99
CA CYS A 25 2.27 -0.80 -6.78
C CYS A 25 1.74 -2.23 -6.86
N GLY A 26 0.91 -2.49 -7.86
CA GLY A 26 0.34 -3.82 -8.02
C GLY A 26 -0.27 -4.36 -6.74
N LYS A 27 -1.27 -3.65 -6.23
CA LYS A 27 -1.94 -4.05 -5.00
C LYS A 27 -3.45 -4.18 -5.22
N THR A 28 -4.12 -4.89 -4.32
CA THR A 28 -5.55 -5.10 -4.41
C THR A 28 -6.19 -5.23 -3.03
N TYR A 29 -7.48 -4.99 -2.95
CA TYR A 29 -8.20 -5.08 -1.69
C TYR A 29 -9.67 -5.45 -1.92
N PHE A 30 -9.99 -6.71 -1.62
CA PHE A 30 -11.36 -7.20 -1.79
C PHE A 30 -12.37 -6.09 -1.56
N LYS A 31 -12.31 -5.47 -0.39
CA LYS A 31 -13.22 -4.39 -0.04
C LYS A 31 -13.08 -3.23 -1.01
N SER A 32 -14.16 -2.47 -1.20
CA SER A 32 -14.16 -1.33 -2.11
C SER A 32 -13.52 -0.12 -1.44
N SER A 33 -13.87 0.11 -0.18
CA SER A 33 -13.33 1.25 0.57
C SER A 33 -11.84 1.09 0.78
N HIS A 34 -11.40 -0.13 1.08
CA HIS A 34 -10.00 -0.41 1.32
C HIS A 34 -9.12 0.36 0.33
N LEU A 35 -9.19 -0.03 -0.94
CA LEU A 35 -8.40 0.63 -1.98
C LEU A 35 -8.34 2.14 -1.76
N LYS A 36 -9.51 2.73 -1.50
CA LYS A 36 -9.60 4.17 -1.27
C LYS A 36 -8.65 4.60 -0.15
N ALA A 37 -8.57 3.78 0.88
CA ALA A 37 -7.69 4.08 2.02
C ALA A 37 -6.22 3.92 1.64
N HIS A 38 -5.93 2.90 0.84
CA HIS A 38 -4.56 2.64 0.40
C HIS A 38 -4.07 3.75 -0.53
N THR A 39 -4.91 4.14 -1.48
CA THR A 39 -4.56 5.19 -2.43
C THR A 39 -3.70 6.26 -1.76
N ARG A 40 -3.95 6.49 -0.48
CA ARG A 40 -3.20 7.50 0.27
C ARG A 40 -1.70 7.36 0.03
N THR A 41 -1.19 6.14 0.22
CA THR A 41 0.23 5.88 0.01
C THR A 41 0.74 6.54 -1.27
N HIS A 42 -0.18 6.78 -2.21
CA HIS A 42 0.18 7.41 -3.47
C HIS A 42 -0.02 8.92 -3.41
N THR A 43 -1.16 9.33 -2.85
CA THR A 43 -1.48 10.75 -2.74
C THR A 43 -0.56 11.44 -1.75
N GLY A 44 0.05 12.53 -2.18
CA GLY A 44 0.94 13.27 -1.31
C GLY A 44 0.58 14.74 -1.21
N GLU A 45 0.28 15.36 -2.34
CA GLU A 45 -0.09 16.77 -2.38
C GLU A 45 -1.45 16.99 -1.72
N LYS A 46 -1.62 18.15 -1.10
CA LYS A 46 -2.86 18.49 -0.43
C LYS A 46 -3.19 17.49 0.68
N PRO A 47 -2.16 17.16 1.48
CA PRO A 47 -2.31 16.21 2.59
C PRO A 47 -3.16 16.77 3.73
N PHE A 48 -3.21 18.10 3.83
CA PHE A 48 -3.99 18.75 4.86
C PHE A 48 -5.38 19.13 4.35
N SER A 49 -6.33 19.18 5.27
CA SER A 49 -7.72 19.53 4.91
C SER A 49 -8.47 20.05 6.12
N CYS A 50 -9.21 21.14 5.92
CA CYS A 50 -9.98 21.75 7.00
C CYS A 50 -11.33 21.06 7.16
N SER A 51 -11.93 21.20 8.32
CA SER A 51 -13.23 20.58 8.61
C SER A 51 -14.12 21.52 9.41
N TRP A 52 -15.14 22.06 8.76
CA TRP A 52 -16.06 22.97 9.43
C TRP A 52 -17.48 22.80 8.89
N LYS A 53 -18.44 23.47 9.52
CA LYS A 53 -19.84 23.39 9.10
C LYS A 53 -19.95 23.45 7.58
N GLY A 54 -19.54 24.58 7.01
CA GLY A 54 -19.60 24.74 5.57
C GLY A 54 -18.34 25.34 4.99
N CYS A 55 -17.20 24.93 5.53
CA CYS A 55 -15.90 25.44 5.07
C CYS A 55 -15.53 24.84 3.72
N GLU A 56 -15.26 23.54 3.70
CA GLU A 56 -14.89 22.85 2.48
C GLU A 56 -13.67 23.50 1.83
N ARG A 57 -12.67 23.79 2.64
CA ARG A 57 -11.45 24.42 2.16
C ARG A 57 -10.22 23.71 2.72
N ARG A 58 -9.50 23.00 1.85
CA ARG A 58 -8.29 22.28 2.26
C ARG A 58 -7.04 23.02 1.82
N PHE A 59 -5.88 22.56 2.30
CA PHE A 59 -4.62 23.18 1.95
C PHE A 59 -3.49 22.14 1.94
N ALA A 60 -2.38 22.50 1.30
CA ALA A 60 -1.23 21.60 1.21
C ALA A 60 -0.29 21.79 2.40
N ARG A 61 -0.01 23.04 2.73
CA ARG A 61 0.87 23.36 3.84
C ARG A 61 0.12 23.34 5.16
N SER A 62 0.84 23.11 6.25
CA SER A 62 0.23 23.05 7.58
C SER A 62 0.01 24.47 8.13
N ASP A 63 1.00 25.33 7.93
CA ASP A 63 0.92 26.71 8.41
C ASP A 63 -0.36 27.37 7.91
N GLU A 64 -0.53 27.41 6.59
CA GLU A 64 -1.71 28.02 5.99
C GLU A 64 -2.98 27.61 6.73
N LEU A 65 -3.13 26.32 6.97
CA LEU A 65 -4.29 25.79 7.67
C LEU A 65 -4.30 26.25 9.13
N SER A 66 -3.15 26.16 9.78
CA SER A 66 -3.02 26.58 11.17
C SER A 66 -3.60 27.96 11.38
N ARG A 67 -3.43 28.83 10.39
CA ARG A 67 -3.93 30.20 10.46
C ARG A 67 -5.36 30.28 9.92
N HIS A 68 -5.63 29.52 8.86
CA HIS A 68 -6.96 29.50 8.26
C HIS A 68 -7.96 28.78 9.15
N ARG A 69 -7.46 28.03 10.11
CA ARG A 69 -8.30 27.28 11.03
C ARG A 69 -8.59 28.10 12.29
N ARG A 70 -7.53 28.68 12.86
CA ARG A 70 -7.67 29.49 14.07
C ARG A 70 -8.62 30.66 13.84
N THR A 71 -8.78 31.05 12.58
CA THR A 71 -9.66 32.16 12.23
C THR A 71 -11.12 31.74 12.31
N HIS A 72 -11.40 30.49 11.95
CA HIS A 72 -12.76 29.96 11.98
C HIS A 72 -13.44 30.29 13.31
N GLY A 1 -26.44 -47.58 22.86
CA GLY A 1 -26.13 -46.17 23.00
C GLY A 1 -25.10 -45.70 21.99
N SER A 2 -23.88 -45.47 22.45
CA SER A 2 -22.81 -45.01 21.59
C SER A 2 -23.18 -43.69 20.92
N SER A 3 -23.79 -42.79 21.69
CA SER A 3 -24.20 -41.50 21.16
C SER A 3 -23.10 -40.46 21.33
N GLY A 4 -22.96 -39.58 20.35
CA GLY A 4 -21.94 -38.56 20.41
C GLY A 4 -22.19 -37.41 19.44
N SER A 5 -21.36 -36.39 19.51
CA SER A 5 -21.51 -35.23 18.63
C SER A 5 -20.21 -34.42 18.58
N SER A 6 -20.12 -33.53 17.60
CA SER A 6 -18.94 -32.69 17.43
C SER A 6 -19.23 -31.50 16.53
N GLY A 7 -18.32 -30.53 16.52
CA GLY A 7 -18.50 -29.35 15.69
C GLY A 7 -17.20 -28.83 15.13
N PRO A 8 -16.96 -29.12 13.83
CA PRO A 8 -15.74 -28.68 13.15
C PRO A 8 -15.70 -27.17 12.93
N GLN A 9 -14.60 -26.69 12.35
CA GLN A 9 -14.44 -25.27 12.09
C GLN A 9 -14.46 -24.98 10.59
N ILE A 10 -14.69 -23.72 10.24
CA ILE A 10 -14.74 -23.31 8.84
C ILE A 10 -13.93 -22.04 8.61
N ASP A 11 -13.67 -21.74 7.34
CA ASP A 11 -12.90 -20.54 6.99
C ASP A 11 -13.69 -19.67 6.03
N SER A 12 -13.24 -18.43 5.86
CA SER A 12 -13.91 -17.47 4.97
C SER A 12 -13.05 -17.20 3.73
N SER A 13 -13.65 -16.56 2.74
CA SER A 13 -12.96 -16.23 1.50
C SER A 13 -12.96 -14.72 1.26
N ARG A 14 -11.92 -14.25 0.57
CA ARG A 14 -11.81 -12.83 0.27
C ARG A 14 -11.29 -12.61 -1.15
N ILE A 15 -12.10 -11.99 -1.99
CA ILE A 15 -11.73 -11.72 -3.36
C ILE A 15 -11.34 -10.26 -3.56
N ARG A 16 -10.07 -10.01 -3.83
CA ARG A 16 -9.58 -8.66 -4.03
C ARG A 16 -10.06 -8.10 -5.37
N SER A 17 -11.03 -7.19 -5.32
CA SER A 17 -11.59 -6.58 -6.51
C SER A 17 -10.94 -5.23 -6.80
N HIS A 18 -11.25 -4.25 -5.94
CA HIS A 18 -10.71 -2.91 -6.09
C HIS A 18 -9.19 -2.95 -6.20
N ILE A 19 -8.69 -2.72 -7.40
CA ILE A 19 -7.24 -2.73 -7.64
C ILE A 19 -6.64 -1.35 -7.41
N CYS A 20 -5.35 -1.33 -7.08
CA CYS A 20 -4.65 -0.07 -6.82
C CYS A 20 -4.46 0.71 -8.11
N SER A 21 -4.81 1.99 -8.08
CA SER A 21 -4.68 2.86 -9.25
C SER A 21 -3.21 3.06 -9.61
N HIS A 22 -2.38 3.25 -8.59
CA HIS A 22 -0.95 3.45 -8.80
C HIS A 22 -0.35 2.31 -9.62
N PRO A 23 0.20 2.66 -10.79
CA PRO A 23 0.83 1.67 -11.69
C PRO A 23 2.12 1.11 -11.12
N GLY A 24 2.50 -0.08 -11.59
CA GLY A 24 3.73 -0.70 -11.12
C GLY A 24 3.55 -1.36 -9.76
N CYS A 25 2.88 -0.67 -8.86
CA CYS A 25 2.66 -1.18 -7.51
C CYS A 25 2.08 -2.60 -7.56
N GLY A 26 0.85 -2.71 -8.07
CA GLY A 26 0.21 -4.01 -8.16
C GLY A 26 -0.37 -4.46 -6.84
N LYS A 27 -1.48 -3.84 -6.43
CA LYS A 27 -2.14 -4.19 -5.19
C LYS A 27 -3.65 -4.26 -5.37
N THR A 28 -4.32 -4.98 -4.46
CA THR A 28 -5.76 -5.12 -4.52
C THR A 28 -6.33 -5.54 -3.17
N TYR A 29 -7.58 -5.17 -2.91
CA TYR A 29 -8.24 -5.52 -1.65
C TYR A 29 -9.75 -5.66 -1.85
N PHE A 30 -10.29 -6.78 -1.41
CA PHE A 30 -11.73 -7.05 -1.53
C PHE A 30 -12.54 -5.87 -1.01
N LYS A 31 -12.01 -5.21 0.02
CA LYS A 31 -12.69 -4.06 0.62
C LYS A 31 -12.69 -2.87 -0.33
N SER A 32 -13.83 -2.64 -0.98
CA SER A 32 -13.97 -1.54 -1.92
C SER A 32 -13.35 -0.27 -1.35
N SER A 33 -13.65 0.02 -0.09
CA SER A 33 -13.13 1.22 0.57
C SER A 33 -11.62 1.11 0.76
N HIS A 34 -11.19 0.03 1.40
CA HIS A 34 -9.76 -0.20 1.66
C HIS A 34 -8.92 0.32 0.51
N LEU A 35 -9.07 -0.30 -0.66
CA LEU A 35 -8.32 0.11 -1.85
C LEU A 35 -8.07 1.61 -1.84
N LYS A 36 -9.12 2.40 -2.01
CA LYS A 36 -9.01 3.85 -2.02
C LYS A 36 -7.96 4.32 -1.03
N ALA A 37 -8.01 3.77 0.18
CA ALA A 37 -7.05 4.14 1.23
C ALA A 37 -5.63 3.79 0.81
N HIS A 38 -5.41 2.52 0.50
CA HIS A 38 -4.08 2.05 0.10
C HIS A 38 -3.46 3.01 -0.91
N THR A 39 -4.30 3.80 -1.57
CA THR A 39 -3.83 4.77 -2.56
C THR A 39 -3.55 6.12 -1.92
N ARG A 40 -4.43 6.54 -1.02
CA ARG A 40 -4.28 7.81 -0.35
C ARG A 40 -2.98 7.85 0.45
N THR A 41 -2.33 6.70 0.56
CA THR A 41 -1.07 6.61 1.30
C THR A 41 0.13 6.72 0.36
N HIS A 42 -0.08 6.35 -0.90
CA HIS A 42 0.99 6.41 -1.90
C HIS A 42 1.51 7.83 -2.03
N THR A 43 0.62 8.81 -1.93
CA THR A 43 0.99 10.21 -2.04
C THR A 43 2.35 10.47 -1.40
N GLY A 44 2.59 9.85 -0.24
CA GLY A 44 3.84 10.02 0.45
C GLY A 44 4.50 8.71 0.80
N GLU A 45 5.68 8.47 0.23
CA GLU A 45 6.41 7.22 0.48
C GLU A 45 7.29 7.36 1.72
N LYS A 46 7.82 6.23 2.18
CA LYS A 46 8.68 6.22 3.36
C LYS A 46 10.15 6.11 2.96
N PRO A 47 10.88 7.24 3.08
CA PRO A 47 12.31 7.28 2.74
C PRO A 47 13.17 6.50 3.72
N PHE A 48 12.96 6.72 5.01
CA PHE A 48 13.71 6.03 6.04
C PHE A 48 13.41 4.53 6.03
N SER A 49 14.46 3.72 6.07
CA SER A 49 14.31 2.27 6.06
C SER A 49 15.22 1.62 7.09
N CYS A 50 14.85 0.42 7.54
CA CYS A 50 15.64 -0.31 8.52
C CYS A 50 16.91 -0.88 7.89
N SER A 51 17.90 -1.17 8.73
CA SER A 51 19.17 -1.72 8.25
C SER A 51 19.06 -3.22 8.02
N TRP A 52 18.35 -3.91 8.91
CA TRP A 52 18.18 -5.35 8.81
C TRP A 52 17.66 -5.73 7.42
N LYS A 53 18.25 -6.75 6.83
CA LYS A 53 17.84 -7.22 5.51
C LYS A 53 16.46 -7.85 5.56
N GLY A 54 16.36 -8.97 6.27
CA GLY A 54 15.08 -9.66 6.39
C GLY A 54 13.96 -8.73 6.81
N CYS A 55 14.20 -7.95 7.85
CA CYS A 55 13.20 -7.02 8.36
C CYS A 55 12.37 -6.43 7.22
N GLU A 56 13.01 -5.63 6.38
CA GLU A 56 12.33 -5.01 5.25
C GLU A 56 11.15 -4.17 5.72
N ARG A 57 11.38 -3.39 6.77
CA ARG A 57 10.34 -2.53 7.33
C ARG A 57 10.79 -1.08 7.36
N ARG A 58 10.18 -0.24 6.52
CA ARG A 58 10.52 1.17 6.46
C ARG A 58 9.54 2.00 7.26
N PHE A 59 9.79 3.31 7.32
CA PHE A 59 8.92 4.22 8.06
C PHE A 59 9.04 5.64 7.52
N ALA A 60 7.92 6.35 7.48
CA ALA A 60 7.89 7.73 6.99
C ALA A 60 8.63 8.66 7.94
N ARG A 61 8.40 8.48 9.24
CA ARG A 61 9.04 9.32 10.25
C ARG A 61 10.39 8.73 10.66
N SER A 62 11.29 9.59 11.12
CA SER A 62 12.62 9.16 11.54
C SER A 62 12.56 8.54 12.93
N ASP A 63 11.76 9.14 13.81
CA ASP A 63 11.63 8.64 15.18
C ASP A 63 11.04 7.23 15.19
N GLU A 64 9.95 7.06 14.44
CA GLU A 64 9.29 5.76 14.37
C GLU A 64 10.30 4.64 14.11
N LEU A 65 11.17 4.86 13.13
CA LEU A 65 12.18 3.87 12.78
C LEU A 65 13.04 3.52 13.99
N SER A 66 13.74 4.52 14.52
CA SER A 66 14.61 4.31 15.67
C SER A 66 13.91 3.45 16.72
N ARG A 67 12.69 3.83 17.06
CA ARG A 67 11.92 3.09 18.06
C ARG A 67 11.67 1.65 17.61
N HIS A 68 11.44 1.48 16.31
CA HIS A 68 11.19 0.17 15.75
C HIS A 68 12.44 -0.70 15.81
N ARG A 69 13.52 -0.22 15.21
CA ARG A 69 14.79 -0.94 15.21
C ARG A 69 15.06 -1.57 16.57
N ARG A 70 14.84 -0.80 17.62
CA ARG A 70 15.08 -1.27 18.97
C ARG A 70 14.74 -2.76 19.09
N THR A 71 13.72 -3.19 18.37
CA THR A 71 13.30 -4.59 18.40
C THR A 71 14.44 -5.51 18.00
N HIS A 72 15.07 -5.22 16.87
CA HIS A 72 16.19 -6.03 16.38
C HIS A 72 17.34 -5.14 15.91
N GLY A 1 32.18 -6.44 7.85
CA GLY A 1 30.75 -6.31 8.09
C GLY A 1 29.93 -7.27 7.26
N SER A 2 28.62 -7.26 7.46
CA SER A 2 27.72 -8.15 6.72
C SER A 2 26.27 -7.73 6.92
N SER A 3 25.37 -8.36 6.16
CA SER A 3 23.95 -8.05 6.24
C SER A 3 23.11 -9.15 5.58
N GLY A 4 21.80 -9.02 5.70
CA GLY A 4 20.91 -10.01 5.11
C GLY A 4 19.53 -9.46 4.83
N SER A 5 18.63 -10.32 4.36
CA SER A 5 17.26 -9.90 4.06
C SER A 5 16.30 -11.09 4.16
N SER A 6 15.01 -10.79 4.08
CA SER A 6 13.98 -11.83 4.17
C SER A 6 12.72 -11.42 3.41
N GLY A 7 11.77 -12.34 3.33
CA GLY A 7 10.53 -12.05 2.63
C GLY A 7 9.31 -12.60 3.36
N PRO A 8 8.31 -11.74 3.58
CA PRO A 8 7.08 -12.12 4.27
C PRO A 8 6.22 -13.05 3.44
N GLN A 9 5.39 -13.85 4.11
CA GLN A 9 4.51 -14.79 3.42
C GLN A 9 3.14 -14.17 3.17
N ILE A 10 2.39 -14.75 2.24
CA ILE A 10 1.07 -14.25 1.89
C ILE A 10 0.02 -15.35 2.02
N ASP A 11 -1.23 -14.95 2.22
CA ASP A 11 -2.33 -15.91 2.36
C ASP A 11 -2.36 -16.86 1.17
N SER A 12 -2.66 -18.12 1.44
CA SER A 12 -2.72 -19.13 0.39
C SER A 12 -3.88 -18.85 -0.57
N SER A 13 -5.05 -18.58 -0.01
CA SER A 13 -6.24 -18.30 -0.82
C SER A 13 -6.94 -17.05 -0.32
N ARG A 14 -6.86 -15.97 -1.09
CA ARG A 14 -7.49 -14.71 -0.72
C ARG A 14 -8.28 -14.13 -1.89
N ILE A 15 -9.04 -13.08 -1.62
CA ILE A 15 -9.84 -12.43 -2.65
C ILE A 15 -9.61 -10.93 -2.67
N ARG A 16 -9.42 -10.38 -3.87
CA ARG A 16 -9.18 -8.95 -4.02
C ARG A 16 -9.74 -8.45 -5.35
N SER A 17 -10.71 -7.54 -5.28
CA SER A 17 -11.33 -6.98 -6.48
C SER A 17 -10.71 -5.63 -6.83
N HIS A 18 -10.98 -4.63 -6.00
CA HIS A 18 -10.45 -3.29 -6.23
C HIS A 18 -8.94 -3.33 -6.43
N ILE A 19 -8.49 -3.07 -7.65
CA ILE A 19 -7.08 -3.07 -7.97
C ILE A 19 -6.47 -1.68 -7.84
N CYS A 20 -5.22 -1.61 -7.38
CA CYS A 20 -4.54 -0.33 -7.21
C CYS A 20 -4.38 0.38 -8.55
N SER A 21 -4.69 1.67 -8.58
CA SER A 21 -4.58 2.46 -9.79
C SER A 21 -3.12 2.74 -10.14
N HIS A 22 -2.33 3.09 -9.12
CA HIS A 22 -0.92 3.38 -9.31
C HIS A 22 -0.21 2.19 -9.95
N PRO A 23 0.51 2.45 -11.06
CA PRO A 23 1.25 1.41 -11.78
C PRO A 23 2.46 0.91 -11.01
N GLY A 24 2.85 -0.33 -11.26
CA GLY A 24 4.00 -0.90 -10.58
C GLY A 24 3.67 -1.38 -9.18
N CYS A 25 2.85 -0.60 -8.47
CA CYS A 25 2.45 -0.94 -7.11
C CYS A 25 1.96 -2.39 -7.03
N GLY A 26 0.92 -2.69 -7.82
CA GLY A 26 0.37 -4.04 -7.83
C GLY A 26 -0.27 -4.41 -6.51
N LYS A 27 -1.20 -3.58 -6.05
CA LYS A 27 -1.89 -3.82 -4.79
C LYS A 27 -3.40 -3.80 -4.99
N THR A 28 -4.06 -4.89 -4.59
CA THR A 28 -5.50 -5.01 -4.74
C THR A 28 -6.16 -5.39 -3.41
N TYR A 29 -7.34 -4.84 -3.16
CA TYR A 29 -8.07 -5.12 -1.93
C TYR A 29 -9.51 -5.53 -2.23
N PHE A 30 -10.06 -6.38 -1.37
CA PHE A 30 -11.43 -6.85 -1.54
C PHE A 30 -12.44 -5.77 -1.18
N LYS A 31 -12.26 -5.18 0.01
CA LYS A 31 -13.15 -4.13 0.48
C LYS A 31 -13.09 -2.92 -0.45
N SER A 32 -14.11 -2.78 -1.29
CA SER A 32 -14.17 -1.66 -2.23
C SER A 32 -13.64 -0.38 -1.59
N SER A 33 -13.83 -0.26 -0.28
CA SER A 33 -13.38 0.92 0.45
C SER A 33 -11.87 0.90 0.62
N HIS A 34 -11.34 -0.23 1.10
CA HIS A 34 -9.91 -0.38 1.31
C HIS A 34 -9.12 0.43 0.28
N LEU A 35 -9.36 0.14 -1.00
CA LEU A 35 -8.67 0.84 -2.08
C LEU A 35 -8.55 2.33 -1.77
N LYS A 36 -9.66 2.93 -1.34
CA LYS A 36 -9.68 4.35 -1.02
C LYS A 36 -8.59 4.69 0.00
N ALA A 37 -8.42 3.81 0.99
CA ALA A 37 -7.41 4.02 2.02
C ALA A 37 -6.00 3.74 1.49
N HIS A 38 -5.91 2.75 0.60
CA HIS A 38 -4.62 2.38 0.02
C HIS A 38 -4.08 3.49 -0.87
N THR A 39 -4.95 4.03 -1.73
CA THR A 39 -4.57 5.10 -2.64
C THR A 39 -3.73 6.15 -1.92
N ARG A 40 -4.03 6.37 -0.64
CA ARG A 40 -3.30 7.36 0.15
C ARG A 40 -1.79 7.21 -0.05
N THR A 41 -1.30 5.99 0.09
CA THR A 41 0.12 5.72 -0.08
C THR A 41 0.70 6.51 -1.24
N HIS A 42 -0.14 6.79 -2.23
CA HIS A 42 0.29 7.55 -3.40
C HIS A 42 -0.28 8.97 -3.38
N THR A 43 0.60 9.96 -3.38
CA THR A 43 0.19 11.36 -3.35
C THR A 43 -0.82 11.61 -2.25
N GLY A 44 -0.70 10.86 -1.15
CA GLY A 44 -1.62 11.02 -0.03
C GLY A 44 -0.90 11.08 1.30
N GLU A 45 0.14 10.27 1.44
CA GLU A 45 0.92 10.24 2.69
C GLU A 45 2.29 10.89 2.49
N LYS A 46 2.98 11.13 3.60
CA LYS A 46 4.30 11.74 3.55
C LYS A 46 5.37 10.78 4.07
N PRO A 47 6.30 10.40 3.19
CA PRO A 47 7.39 9.49 3.54
C PRO A 47 8.40 10.12 4.49
N PHE A 48 8.88 11.31 4.13
CA PHE A 48 9.85 12.02 4.95
C PHE A 48 9.18 12.66 6.16
N SER A 49 9.92 12.75 7.27
CA SER A 49 9.39 13.33 8.49
C SER A 49 10.52 13.92 9.34
N CYS A 50 10.21 14.98 10.06
CA CYS A 50 11.19 15.64 10.92
C CYS A 50 10.83 15.50 12.39
N SER A 51 11.59 14.66 13.09
CA SER A 51 11.35 14.42 14.51
C SER A 51 12.27 15.28 15.38
N TRP A 52 11.73 16.36 15.92
CA TRP A 52 12.51 17.26 16.77
C TRP A 52 11.93 17.31 18.17
N LYS A 53 11.11 16.32 18.52
CA LYS A 53 10.50 16.25 19.83
C LYS A 53 9.54 17.42 20.05
N GLY A 54 8.80 17.78 19.01
CA GLY A 54 7.86 18.87 19.10
C GLY A 54 7.45 19.40 17.75
N CYS A 55 8.37 19.38 16.79
CA CYS A 55 8.10 19.87 15.44
C CYS A 55 7.08 18.97 14.75
N GLU A 56 7.49 17.76 14.42
CA GLU A 56 6.61 16.80 13.75
C GLU A 56 6.17 17.34 12.39
N ARG A 57 7.12 17.92 11.66
CA ARG A 57 6.81 18.48 10.35
C ARG A 57 7.35 17.58 9.24
N ARG A 58 6.44 16.91 8.54
CA ARG A 58 6.82 16.01 7.45
C ARG A 58 6.56 16.66 6.10
N PHE A 59 7.27 16.18 5.08
CA PHE A 59 7.12 16.72 3.74
C PHE A 59 7.24 15.61 2.69
N ALA A 60 6.54 15.77 1.57
CA ALA A 60 6.56 14.79 0.50
C ALA A 60 7.95 14.68 -0.12
N ARG A 61 8.47 15.82 -0.57
CA ARG A 61 9.79 15.87 -1.19
C ARG A 61 10.89 15.64 -0.14
N SER A 62 12.08 15.30 -0.62
CA SER A 62 13.21 15.05 0.27
C SER A 62 13.96 16.34 0.57
N ASP A 63 14.08 17.21 -0.44
CA ASP A 63 14.77 18.48 -0.29
C ASP A 63 14.07 19.35 0.76
N GLU A 64 12.77 19.51 0.62
CA GLU A 64 11.99 20.32 1.55
C GLU A 64 12.40 20.05 2.99
N LEU A 65 12.56 18.77 3.32
CA LEU A 65 12.95 18.37 4.67
C LEU A 65 14.35 18.88 4.99
N SER A 66 15.29 18.62 4.09
CA SER A 66 16.67 19.05 4.28
C SER A 66 16.75 20.56 4.49
N ARG A 67 15.97 21.30 3.71
CA ARG A 67 15.95 22.76 3.80
C ARG A 67 15.18 23.21 5.04
N HIS A 68 14.27 22.37 5.50
CA HIS A 68 13.47 22.68 6.69
C HIS A 68 14.19 22.26 7.96
N ARG A 69 15.15 21.34 7.82
CA ARG A 69 15.90 20.86 8.96
C ARG A 69 17.19 21.67 9.15
N ARG A 70 17.87 21.93 8.03
CA ARG A 70 19.11 22.69 8.07
C ARG A 70 18.98 23.92 8.98
N THR A 71 17.76 24.44 9.08
CA THR A 71 17.50 25.61 9.91
C THR A 71 17.43 25.22 11.38
N HIS A 72 16.77 24.10 11.67
CA HIS A 72 16.63 23.62 13.04
C HIS A 72 17.95 23.75 13.80
#